data_2EQU
#
_entry.id   2EQU
#
_entity_poly.entity_id   1
_entity_poly.type   'polypeptide(L)'
_entity_poly.pdbx_seq_one_letter_code
;GSSGSSGFDFKAGEEVLARWTDCRYYPAKIEAINKEGTFTVQFYDGVIRCLKRMHIKAMPEDAKGQDWIALVKA
;
_entity_poly.pdbx_strand_id   A
#
# COMPACT_ATOMS: atom_id res chain seq x y z
N GLY A 1 -0.01 -13.52 16.87
CA GLY A 1 -0.26 -14.48 15.77
C GLY A 1 -1.71 -14.44 15.32
N SER A 2 -2.31 -15.61 15.08
CA SER A 2 -3.73 -15.82 14.68
C SER A 2 -4.26 -14.94 13.54
N SER A 3 -3.38 -14.49 12.64
CA SER A 3 -3.69 -13.49 11.59
C SER A 3 -2.88 -13.66 10.29
N GLY A 4 -2.15 -14.77 10.12
CA GLY A 4 -1.37 -15.10 8.93
C GLY A 4 -0.01 -14.38 8.84
N SER A 5 0.72 -14.62 7.75
CA SER A 5 2.04 -14.03 7.44
C SER A 5 2.33 -14.03 5.93
N SER A 6 1.29 -13.91 5.10
CA SER A 6 1.37 -13.99 3.62
C SER A 6 2.22 -12.90 2.96
N GLY A 7 2.41 -11.75 3.61
CA GLY A 7 3.32 -10.69 3.19
C GLY A 7 3.18 -9.40 4.00
N PHE A 8 4.23 -8.57 3.99
CA PHE A 8 4.32 -7.28 4.70
C PHE A 8 5.28 -6.27 4.03
N ASP A 9 5.77 -6.57 2.82
CA ASP A 9 6.73 -5.75 2.08
C ASP A 9 6.10 -4.44 1.59
N PHE A 10 6.64 -3.33 2.08
CA PHE A 10 6.26 -1.94 1.77
C PHE A 10 7.52 -1.14 1.41
N LYS A 11 7.44 -0.36 0.32
CA LYS A 11 8.52 0.50 -0.20
C LYS A 11 7.96 1.67 -1.03
N ALA A 12 8.73 2.74 -1.19
CA ALA A 12 8.35 3.85 -2.08
C ALA A 12 8.16 3.35 -3.53
N GLY A 13 7.01 3.66 -4.13
CA GLY A 13 6.60 3.20 -5.46
C GLY A 13 5.66 1.99 -5.46
N GLU A 14 5.49 1.29 -4.32
CA GLU A 14 4.57 0.14 -4.21
C GLU A 14 3.11 0.57 -4.32
N GLU A 15 2.31 -0.17 -5.11
CA GLU A 15 0.86 0.03 -5.20
C GLU A 15 0.12 -0.60 -4.00
N VAL A 16 -0.86 0.10 -3.47
CA VAL A 16 -1.58 -0.21 -2.22
C VAL A 16 -3.06 0.21 -2.30
N LEU A 17 -3.82 -0.08 -1.25
CA LEU A 17 -5.16 0.45 -1.02
C LEU A 17 -5.12 1.38 0.20
N ALA A 18 -5.91 2.44 0.19
CA ALA A 18 -6.02 3.36 1.34
C ALA A 18 -7.44 3.92 1.49
N ARG A 19 -7.83 4.15 2.74
CA ARG A 19 -9.06 4.86 3.11
C ARG A 19 -8.88 6.37 2.86
N TRP A 20 -9.91 7.03 2.34
CA TRP A 20 -9.88 8.45 1.97
C TRP A 20 -10.95 9.26 2.74
N THR A 21 -11.29 10.47 2.27
CA THR A 21 -12.46 11.23 2.76
C THR A 21 -13.76 10.42 2.65
N ASP A 22 -13.86 9.60 1.60
CA ASP A 22 -14.87 8.56 1.42
C ASP A 22 -14.38 7.25 2.09
N CYS A 23 -15.25 6.58 2.85
CA CYS A 23 -14.92 5.39 3.65
C CYS A 23 -14.49 4.16 2.84
N ARG A 24 -14.85 4.08 1.54
CA ARG A 24 -14.38 3.04 0.61
C ARG A 24 -12.86 3.11 0.40
N TYR A 25 -12.23 1.95 0.22
CA TYR A 25 -10.82 1.86 -0.21
C TYR A 25 -10.70 2.07 -1.72
N TYR A 26 -9.55 2.58 -2.17
CA TYR A 26 -9.27 2.91 -3.57
C TYR A 26 -7.81 2.56 -3.94
N PRO A 27 -7.51 2.30 -5.24
CA PRO A 27 -6.16 2.05 -5.71
C PRO A 27 -5.28 3.30 -5.59
N ALA A 28 -4.10 3.12 -4.99
CA ALA A 28 -3.12 4.15 -4.71
C ALA A 28 -1.69 3.59 -4.81
N LYS A 29 -0.68 4.43 -4.56
CA LYS A 29 0.72 4.02 -4.42
C LYS A 29 1.44 4.86 -3.36
N ILE A 30 2.47 4.27 -2.74
CA ILE A 30 3.32 4.93 -1.75
C ILE A 30 4.28 5.90 -2.47
N GLU A 31 4.34 7.15 -2.01
CA GLU A 31 5.30 8.16 -2.47
C GLU A 31 6.50 8.30 -1.52
N ALA A 32 6.30 8.11 -0.21
CA ALA A 32 7.36 8.14 0.81
C ALA A 32 6.93 7.39 2.09
N ILE A 33 7.93 6.98 2.90
CA ILE A 33 7.76 6.18 4.14
C ILE A 33 8.56 6.84 5.26
N ASN A 34 7.91 7.09 6.40
CA ASN A 34 8.43 7.78 7.60
C ASN A 34 9.06 9.19 7.37
N LYS A 35 9.00 9.73 6.15
CA LYS A 35 9.60 11.03 5.74
C LYS A 35 9.07 12.23 6.54
N GLU A 36 7.84 12.13 7.04
CA GLU A 36 7.18 13.11 7.91
C GLU A 36 6.38 12.39 9.03
N GLY A 37 6.98 11.35 9.63
CA GLY A 37 6.37 10.48 10.65
C GLY A 37 5.11 9.72 10.18
N THR A 38 4.93 9.64 8.87
CA THR A 38 3.71 9.18 8.17
C THR A 38 4.07 8.53 6.82
N PHE A 39 3.08 7.91 6.18
CA PHE A 39 3.16 7.31 4.86
C PHE A 39 2.49 8.25 3.84
N THR A 40 3.29 8.90 3.01
CA THR A 40 2.78 9.73 1.89
C THR A 40 2.32 8.81 0.77
N VAL A 41 1.14 9.08 0.20
CA VAL A 41 0.50 8.27 -0.85
C VAL A 41 -0.11 9.15 -1.94
N GLN A 42 -0.19 8.61 -3.16
CA GLN A 42 -0.81 9.25 -4.33
C GLN A 42 -1.92 8.35 -4.89
N PHE A 43 -3.07 8.95 -5.20
CA PHE A 43 -4.24 8.29 -5.79
C PHE A 43 -4.22 8.38 -7.33
N TYR A 44 -5.03 7.56 -8.00
CA TYR A 44 -5.23 7.54 -9.45
C TYR A 44 -5.64 8.91 -10.06
N ASP A 45 -6.32 9.75 -9.28
CA ASP A 45 -6.70 11.12 -9.65
C ASP A 45 -5.50 12.10 -9.76
N GLY A 46 -4.39 11.78 -9.09
CA GLY A 46 -3.15 12.57 -9.05
C GLY A 46 -2.88 13.25 -7.70
N VAL A 47 -3.91 13.43 -6.87
CA VAL A 47 -3.83 14.00 -5.51
C VAL A 47 -2.86 13.22 -4.59
N ILE A 48 -2.18 13.94 -3.69
CA ILE A 48 -1.18 13.41 -2.76
C ILE A 48 -1.52 13.87 -1.33
N ARG A 49 -1.54 12.94 -0.38
CA ARG A 49 -1.75 13.16 1.07
C ARG A 49 -0.87 12.24 1.91
N CYS A 50 -0.87 12.43 3.23
CA CYS A 50 -0.12 11.62 4.20
C CYS A 50 -1.07 10.97 5.21
N LEU A 51 -0.81 9.70 5.55
CA LEU A 51 -1.65 8.86 6.41
C LEU A 51 -0.82 7.98 7.36
N LYS A 52 -1.47 7.37 8.34
CA LYS A 52 -0.90 6.33 9.20
C LYS A 52 -1.10 4.95 8.55
N ARG A 53 -0.24 3.99 8.93
CA ARG A 53 -0.39 2.56 8.55
C ARG A 53 -1.77 1.96 8.85
N MET A 54 -2.47 2.48 9.87
CA MET A 54 -3.82 2.07 10.27
C MET A 54 -4.91 2.41 9.24
N HIS A 55 -4.58 3.20 8.21
CA HIS A 55 -5.50 3.63 7.13
C HIS A 55 -5.06 3.14 5.73
N ILE A 56 -4.05 2.26 5.66
CA ILE A 56 -3.46 1.73 4.42
C ILE A 56 -3.42 0.19 4.51
N LYS A 57 -3.62 -0.50 3.37
CA LYS A 57 -3.62 -1.96 3.24
C LYS A 57 -2.90 -2.40 1.96
N ALA A 58 -2.30 -3.59 1.99
CA ALA A 58 -1.77 -4.24 0.78
C ALA A 58 -2.95 -4.70 -0.11
N MET A 59 -2.91 -4.40 -1.41
CA MET A 59 -3.93 -4.87 -2.35
C MET A 59 -3.85 -6.41 -2.57
N PRO A 60 -4.95 -7.08 -2.92
CA PRO A 60 -4.97 -8.52 -3.19
C PRO A 60 -4.30 -8.86 -4.53
N GLU A 61 -3.97 -10.14 -4.73
CA GLU A 61 -3.45 -10.64 -6.02
C GLU A 61 -4.43 -10.38 -7.18
N ASP A 62 -5.74 -10.41 -6.92
CA ASP A 62 -6.81 -10.10 -7.88
C ASP A 62 -6.76 -8.65 -8.43
N ALA A 63 -6.13 -7.71 -7.70
CA ALA A 63 -5.95 -6.33 -8.13
C ALA A 63 -4.70 -6.10 -9.02
N LYS A 64 -3.91 -7.15 -9.28
CA LYS A 64 -2.62 -7.09 -10.00
C LYS A 64 -2.52 -8.15 -11.11
N GLY A 65 -2.99 -9.37 -10.87
CA GLY A 65 -3.04 -10.47 -11.84
C GLY A 65 -1.70 -11.21 -12.04
N GLN A 66 -1.72 -12.23 -12.90
CA GLN A 66 -0.57 -13.08 -13.27
C GLN A 66 0.21 -13.67 -12.06
N ASP A 67 -0.48 -13.91 -10.94
CA ASP A 67 0.05 -14.55 -9.74
C ASP A 67 0.30 -16.07 -9.89
N TRP A 68 0.91 -16.67 -8.87
CA TRP A 68 1.33 -18.09 -8.83
C TRP A 68 0.87 -18.82 -7.54
N ILE A 69 -0.12 -18.28 -6.83
CA ILE A 69 -0.74 -18.90 -5.67
C ILE A 69 -1.36 -20.25 -6.06
N ALA A 70 -0.97 -21.30 -5.35
CA ALA A 70 -1.36 -22.71 -5.58
C ALA A 70 -1.06 -23.24 -7.00
N LEU A 71 0.01 -22.74 -7.65
CA LEU A 71 0.48 -23.13 -8.99
C LEU A 71 1.94 -23.62 -8.97
N VAL A 72 2.33 -24.30 -7.88
CA VAL A 72 3.65 -24.95 -7.69
C VAL A 72 3.98 -25.98 -8.79
N LYS A 73 5.28 -26.18 -9.05
CA LYS A 73 5.80 -27.19 -9.99
C LYS A 73 5.59 -28.64 -9.52
N ALA A 74 5.78 -29.60 -10.42
CA ALA A 74 5.71 -31.05 -10.19
C ALA A 74 6.73 -31.83 -11.07
N GLY A 1 -5.48 -20.13 1.80
CA GLY A 1 -4.29 -20.46 2.60
C GLY A 1 -3.19 -19.40 2.43
N SER A 2 -2.52 -19.04 3.52
CA SER A 2 -1.43 -18.04 3.54
C SER A 2 -0.23 -18.44 2.66
N SER A 3 0.50 -17.44 2.15
CA SER A 3 1.64 -17.60 1.23
C SER A 3 2.90 -18.22 1.86
N GLY A 4 3.01 -18.24 3.20
CA GLY A 4 4.19 -18.72 3.93
C GLY A 4 5.42 -17.79 3.84
N SER A 5 5.24 -16.56 3.37
CA SER A 5 6.27 -15.53 3.18
C SER A 5 6.81 -14.94 4.49
N SER A 6 7.92 -14.20 4.39
CA SER A 6 8.56 -13.45 5.48
C SER A 6 9.23 -12.18 4.95
N GLY A 7 9.62 -11.26 5.86
CA GLY A 7 10.25 -9.97 5.50
C GLY A 7 9.27 -8.95 4.89
N PHE A 8 7.99 -8.98 5.32
CA PHE A 8 6.93 -8.09 4.82
C PHE A 8 7.00 -6.67 5.43
N ASP A 9 7.22 -5.66 4.58
CA ASP A 9 7.12 -4.23 4.92
C ASP A 9 6.88 -3.36 3.66
N PHE A 10 6.32 -2.16 3.84
CA PHE A 10 5.98 -1.23 2.75
C PHE A 10 7.21 -0.57 2.11
N LYS A 11 7.10 -0.16 0.82
CA LYS A 11 8.23 0.27 -0.01
C LYS A 11 7.92 1.50 -0.87
N ALA A 12 8.92 2.34 -1.12
CA ALA A 12 8.79 3.50 -2.01
C ALA A 12 8.36 3.11 -3.44
N GLY A 13 7.37 3.80 -3.99
CA GLY A 13 6.80 3.52 -5.32
C GLY A 13 5.93 2.26 -5.43
N GLU A 14 5.64 1.57 -4.32
CA GLU A 14 4.80 0.36 -4.30
C GLU A 14 3.31 0.70 -4.52
N GLU A 15 2.59 -0.14 -5.26
CA GLU A 15 1.13 -0.06 -5.42
C GLU A 15 0.39 -0.61 -4.18
N VAL A 16 -0.59 0.15 -3.69
CA VAL A 16 -1.27 -0.06 -2.39
C VAL A 16 -2.75 0.38 -2.44
N LEU A 17 -3.49 0.16 -1.35
CA LEU A 17 -4.83 0.68 -1.11
C LEU A 17 -4.79 1.62 0.11
N ALA A 18 -5.67 2.61 0.17
CA ALA A 18 -5.88 3.42 1.37
C ALA A 18 -7.30 3.99 1.45
N ARG A 19 -7.75 4.29 2.68
CA ARG A 19 -9.02 4.97 2.98
C ARG A 19 -8.91 6.45 2.60
N TRP A 20 -10.06 7.11 2.35
CA TRP A 20 -10.10 8.53 1.97
C TRP A 20 -11.22 9.30 2.70
N THR A 21 -11.79 10.34 2.08
CA THR A 21 -12.98 11.08 2.55
C THR A 21 -14.27 10.24 2.63
N ASP A 22 -14.23 8.97 2.23
CA ASP A 22 -15.27 7.95 2.41
C ASP A 22 -14.67 6.67 3.03
N CYS A 23 -15.52 5.80 3.60
CA CYS A 23 -15.12 4.56 4.27
C CYS A 23 -14.47 3.51 3.35
N ARG A 24 -14.71 3.59 2.03
CA ARG A 24 -14.11 2.72 1.00
C ARG A 24 -12.59 2.93 0.88
N TYR A 25 -11.88 1.85 0.56
CA TYR A 25 -10.47 1.92 0.14
C TYR A 25 -10.39 2.17 -1.38
N TYR A 26 -9.31 2.81 -1.84
CA TYR A 26 -9.08 3.14 -3.25
C TYR A 26 -7.62 2.91 -3.67
N PRO A 27 -7.35 2.60 -4.96
CA PRO A 27 -6.00 2.31 -5.45
C PRO A 27 -5.09 3.54 -5.42
N ALA A 28 -3.85 3.33 -4.98
CA ALA A 28 -2.84 4.36 -4.79
C ALA A 28 -1.41 3.79 -4.98
N LYS A 29 -0.42 4.68 -4.88
CA LYS A 29 1.02 4.36 -4.92
C LYS A 29 1.74 5.14 -3.81
N ILE A 30 2.70 4.51 -3.14
CA ILE A 30 3.57 5.17 -2.16
C ILE A 30 4.38 6.30 -2.82
N GLU A 31 4.43 7.46 -2.16
CA GLU A 31 5.28 8.61 -2.50
C GLU A 31 6.45 8.77 -1.52
N ALA A 32 6.27 8.36 -0.25
CA ALA A 32 7.33 8.38 0.77
C ALA A 32 7.13 7.31 1.86
N ILE A 33 8.26 6.83 2.38
CA ILE A 33 8.40 5.85 3.48
C ILE A 33 9.19 6.51 4.61
N ASN A 34 8.91 6.14 5.86
CA ASN A 34 9.50 6.73 7.07
C ASN A 34 9.44 8.27 7.11
N LYS A 35 8.29 8.84 6.68
CA LYS A 35 7.94 10.26 6.86
C LYS A 35 7.88 10.60 8.36
N GLU A 36 7.85 11.88 8.72
CA GLU A 36 7.98 12.41 10.10
C GLU A 36 7.16 11.67 11.20
N GLY A 37 5.99 11.11 10.84
CA GLY A 37 5.21 10.19 11.69
C GLY A 37 4.09 9.50 10.92
N THR A 38 4.31 9.18 9.64
CA THR A 38 3.28 8.74 8.67
C THR A 38 3.87 8.05 7.43
N PHE A 39 3.02 7.83 6.43
CA PHE A 39 3.33 7.38 5.06
C PHE A 39 2.61 8.33 4.08
N THR A 40 3.25 8.64 2.94
CA THR A 40 2.67 9.55 1.92
C THR A 40 2.32 8.76 0.67
N VAL A 41 1.18 9.07 0.04
CA VAL A 41 0.62 8.31 -1.10
C VAL A 41 0.02 9.24 -2.17
N GLN A 42 0.02 8.78 -3.42
CA GLN A 42 -0.68 9.38 -4.56
C GLN A 42 -1.81 8.45 -5.00
N PHE A 43 -3.04 8.95 -5.04
CA PHE A 43 -4.20 8.20 -5.55
C PHE A 43 -4.21 8.11 -7.09
N TYR A 44 -5.02 7.19 -7.62
CA TYR A 44 -5.28 7.05 -9.06
C TYR A 44 -5.77 8.34 -9.74
N ASP A 45 -6.47 9.20 -9.00
CA ASP A 45 -6.95 10.52 -9.45
C ASP A 45 -5.83 11.57 -9.64
N GLY A 46 -4.66 11.36 -8.99
CA GLY A 46 -3.48 12.23 -9.05
C GLY A 46 -3.22 13.04 -7.77
N VAL A 47 -4.21 13.17 -6.89
CA VAL A 47 -4.10 13.84 -5.58
C VAL A 47 -3.10 13.12 -4.65
N ILE A 48 -2.45 13.89 -3.77
CA ILE A 48 -1.41 13.42 -2.84
C ILE A 48 -1.75 13.90 -1.42
N ARG A 49 -1.74 12.95 -0.46
CA ARG A 49 -1.89 13.16 0.99
C ARG A 49 -1.04 12.15 1.77
N CYS A 50 -1.03 12.25 3.10
CA CYS A 50 -0.37 11.29 4.00
C CYS A 50 -1.34 10.74 5.04
N LEU A 51 -1.12 9.48 5.45
CA LEU A 51 -2.03 8.68 6.28
C LEU A 51 -1.25 7.71 7.19
N LYS A 52 -1.77 7.50 8.40
CA LYS A 52 -1.28 6.46 9.33
C LYS A 52 -1.55 5.05 8.78
N ARG A 53 -0.70 4.08 9.15
CA ARG A 53 -0.83 2.65 8.82
C ARG A 53 -2.21 2.04 9.11
N MET A 54 -2.91 2.55 10.13
CA MET A 54 -4.26 2.15 10.54
C MET A 54 -5.35 2.49 9.49
N HIS A 55 -5.03 3.31 8.49
CA HIS A 55 -5.95 3.77 7.42
C HIS A 55 -5.49 3.31 6.02
N ILE A 56 -4.57 2.34 5.97
CA ILE A 56 -3.84 1.87 4.78
C ILE A 56 -3.97 0.34 4.67
N LYS A 57 -3.92 -0.19 3.43
CA LYS A 57 -4.09 -1.60 3.07
C LYS A 57 -3.11 -2.02 1.97
N ALA A 58 -2.81 -3.32 1.92
CA ALA A 58 -1.97 -3.92 0.88
C ALA A 58 -2.78 -4.26 -0.39
N MET A 59 -2.12 -4.28 -1.55
CA MET A 59 -2.71 -4.74 -2.82
C MET A 59 -2.98 -6.26 -2.76
N PRO A 60 -4.24 -6.73 -2.93
CA PRO A 60 -4.58 -8.15 -2.82
C PRO A 60 -4.08 -8.98 -4.02
N GLU A 61 -4.03 -10.30 -3.83
CA GLU A 61 -3.67 -11.31 -4.81
C GLU A 61 -4.58 -11.25 -6.06
N ASP A 62 -3.94 -10.89 -7.18
CA ASP A 62 -4.55 -10.73 -8.51
C ASP A 62 -5.80 -9.81 -8.50
N ALA A 63 -5.66 -8.62 -7.91
CA ALA A 63 -6.72 -7.64 -7.67
C ALA A 63 -7.66 -7.41 -8.87
N LYS A 64 -8.96 -7.64 -8.67
CA LYS A 64 -10.02 -7.47 -9.69
C LYS A 64 -10.25 -6.03 -10.18
N GLY A 65 -9.64 -5.04 -9.52
CA GLY A 65 -9.63 -3.63 -9.91
C GLY A 65 -8.76 -3.31 -11.14
N GLN A 66 -8.89 -4.10 -12.21
CA GLN A 66 -8.15 -3.98 -13.48
C GLN A 66 -6.62 -3.94 -13.32
N ASP A 67 -6.04 -4.75 -12.41
CA ASP A 67 -4.59 -4.91 -12.30
C ASP A 67 -3.97 -5.64 -13.51
N TRP A 68 -3.02 -4.97 -14.16
CA TRP A 68 -2.13 -5.52 -15.20
C TRP A 68 -0.66 -5.14 -14.96
N ILE A 69 -0.35 -4.51 -13.82
CA ILE A 69 0.95 -3.87 -13.53
C ILE A 69 2.03 -4.91 -13.20
N ALA A 70 1.66 -5.99 -12.52
CA ALA A 70 2.57 -7.04 -12.03
C ALA A 70 2.71 -8.25 -12.97
N LEU A 71 1.95 -8.29 -14.08
CA LEU A 71 1.92 -9.41 -15.02
C LEU A 71 3.05 -9.33 -16.06
N VAL A 72 3.62 -10.48 -16.42
CA VAL A 72 4.75 -10.63 -17.38
C VAL A 72 4.78 -12.06 -17.95
N LYS A 73 5.44 -12.24 -19.11
CA LYS A 73 5.72 -13.56 -19.72
C LYS A 73 6.48 -14.50 -18.77
N ALA A 74 6.05 -15.76 -18.70
CA ALA A 74 6.65 -16.83 -17.88
C ALA A 74 8.13 -17.10 -18.22
N GLY A 1 9.31 -8.28 21.31
CA GLY A 1 9.22 -9.73 21.57
C GLY A 1 9.23 -10.53 20.26
N SER A 2 9.89 -11.69 20.28
CA SER A 2 10.06 -12.59 19.11
C SER A 2 8.82 -13.43 18.73
N SER A 3 7.66 -13.18 19.37
CA SER A 3 6.38 -13.87 19.10
C SER A 3 5.84 -13.73 17.66
N GLY A 4 6.34 -12.73 16.91
CA GLY A 4 6.04 -12.51 15.49
C GLY A 4 7.21 -11.84 14.75
N SER A 5 7.05 -11.62 13.44
CA SER A 5 8.12 -11.10 12.56
C SER A 5 8.61 -9.69 12.96
N SER A 6 7.74 -8.87 13.55
CA SER A 6 8.04 -7.57 14.18
C SER A 6 8.90 -6.60 13.33
N GLY A 7 8.76 -6.64 12.00
CA GLY A 7 9.64 -5.92 11.06
C GLY A 7 9.09 -5.79 9.63
N PHE A 8 7.77 -5.76 9.47
CA PHE A 8 7.10 -5.52 8.18
C PHE A 8 7.34 -4.09 7.68
N ASP A 9 7.53 -3.92 6.36
CA ASP A 9 7.71 -2.62 5.70
C ASP A 9 7.20 -2.66 4.24
N PHE A 10 6.59 -1.55 3.80
CA PHE A 10 6.23 -1.32 2.39
C PHE A 10 7.46 -0.91 1.56
N LYS A 11 7.37 -1.10 0.23
CA LYS A 11 8.33 -0.58 -0.76
C LYS A 11 8.03 0.88 -1.12
N ALA A 12 9.03 1.61 -1.59
CA ALA A 12 8.83 2.93 -2.21
C ALA A 12 8.25 2.73 -3.63
N GLY A 13 7.24 3.52 -4.00
CA GLY A 13 6.51 3.40 -5.26
C GLY A 13 5.51 2.23 -5.33
N GLU A 14 5.30 1.49 -4.23
CA GLU A 14 4.40 0.33 -4.19
C GLU A 14 2.94 0.74 -4.41
N GLU A 15 2.22 0.04 -5.30
CA GLU A 15 0.77 0.19 -5.43
C GLU A 15 0.05 -0.55 -4.27
N VAL A 16 -0.87 0.14 -3.62
CA VAL A 16 -1.53 -0.26 -2.36
C VAL A 16 -3.00 0.19 -2.33
N LEU A 17 -3.72 -0.17 -1.27
CA LEU A 17 -5.11 0.25 -1.00
C LEU A 17 -5.14 1.13 0.26
N ALA A 18 -5.84 2.26 0.20
CA ALA A 18 -5.94 3.20 1.32
C ALA A 18 -7.29 3.93 1.38
N ARG A 19 -7.67 4.39 2.57
CA ARG A 19 -8.93 5.12 2.84
C ARG A 19 -8.85 6.57 2.33
N TRP A 20 -9.99 7.13 1.91
CA TRP A 20 -10.10 8.55 1.52
C TRP A 20 -11.44 9.22 1.87
N THR A 21 -12.58 8.50 1.77
CA THR A 21 -13.92 9.06 2.00
C THR A 21 -14.89 8.15 2.79
N ASP A 22 -14.71 6.83 2.70
CA ASP A 22 -15.64 5.80 3.19
C ASP A 22 -14.89 4.54 3.63
N CYS A 23 -15.61 3.52 4.13
CA CYS A 23 -15.05 2.21 4.45
C CYS A 23 -14.46 1.47 3.22
N ARG A 24 -14.82 1.88 2.00
CA ARG A 24 -14.20 1.42 0.74
C ARG A 24 -12.81 2.03 0.58
N TYR A 25 -11.77 1.19 0.61
CA TYR A 25 -10.41 1.57 0.23
C TYR A 25 -10.30 1.76 -1.29
N TYR A 26 -9.39 2.61 -1.75
CA TYR A 26 -9.16 2.91 -3.16
C TYR A 26 -7.66 2.78 -3.53
N PRO A 27 -7.30 2.54 -4.81
CA PRO A 27 -5.91 2.33 -5.21
C PRO A 27 -5.07 3.62 -5.15
N ALA A 28 -3.84 3.47 -4.68
CA ALA A 28 -2.84 4.53 -4.55
C ALA A 28 -1.41 3.97 -4.71
N LYS A 29 -0.41 4.86 -4.78
CA LYS A 29 1.03 4.54 -4.73
C LYS A 29 1.69 5.23 -3.54
N ILE A 30 2.63 4.56 -2.87
CA ILE A 30 3.42 5.14 -1.77
C ILE A 30 4.56 6.00 -2.34
N GLU A 31 4.47 7.31 -2.18
CA GLU A 31 5.47 8.28 -2.63
C GLU A 31 6.64 8.44 -1.65
N ALA A 32 6.40 8.28 -0.34
CA ALA A 32 7.43 8.33 0.72
C ALA A 32 6.97 7.60 2.00
N ILE A 33 7.92 7.30 2.89
CA ILE A 33 7.73 6.46 4.09
C ILE A 33 8.39 7.14 5.30
N ASN A 34 7.79 7.01 6.49
CA ASN A 34 8.26 7.60 7.76
C ASN A 34 8.17 6.57 8.91
N LYS A 35 9.25 6.50 9.70
CA LYS A 35 9.60 5.54 10.78
C LYS A 35 8.40 4.92 11.52
N GLU A 36 7.90 3.79 11.00
CA GLU A 36 6.71 3.05 11.44
C GLU A 36 5.51 3.92 11.88
N GLY A 37 5.22 5.03 11.19
CA GLY A 37 4.21 6.01 11.62
C GLY A 37 3.43 6.73 10.53
N THR A 38 4.00 6.98 9.34
CA THR A 38 3.35 7.76 8.27
C THR A 38 3.82 7.36 6.87
N PHE A 39 2.99 7.62 5.87
CA PHE A 39 3.24 7.34 4.46
C PHE A 39 2.65 8.47 3.61
N THR A 40 3.45 9.06 2.72
CA THR A 40 2.93 9.97 1.69
C THR A 40 2.42 9.13 0.52
N VAL A 41 1.25 9.45 -0.01
CA VAL A 41 0.52 8.61 -0.97
C VAL A 41 -0.13 9.43 -2.08
N GLN A 42 -0.15 8.87 -3.29
CA GLN A 42 -0.75 9.44 -4.49
C GLN A 42 -1.85 8.50 -5.00
N PHE A 43 -3.10 8.93 -4.88
CA PHE A 43 -4.27 8.18 -5.35
C PHE A 43 -4.43 8.25 -6.87
N TYR A 44 -5.25 7.36 -7.44
CA TYR A 44 -5.50 7.24 -8.88
C TYR A 44 -5.96 8.55 -9.58
N ASP A 45 -6.60 9.46 -8.84
CA ASP A 45 -7.02 10.79 -9.31
C ASP A 45 -5.83 11.75 -9.60
N GLY A 46 -4.66 11.51 -9.00
CA GLY A 46 -3.44 12.31 -9.13
C GLY A 46 -3.12 13.17 -7.89
N VAL A 47 -4.09 13.35 -7.00
CA VAL A 47 -3.95 14.05 -5.70
C VAL A 47 -2.91 13.37 -4.79
N ILE A 48 -2.22 14.16 -3.96
CA ILE A 48 -1.17 13.70 -3.02
C ILE A 48 -1.45 14.25 -1.62
N ARG A 49 -1.48 13.36 -0.62
CA ARG A 49 -1.58 13.63 0.83
C ARG A 49 -0.72 12.62 1.60
N CYS A 50 -0.82 12.58 2.93
CA CYS A 50 -0.20 11.55 3.77
C CYS A 50 -1.20 10.94 4.76
N LEU A 51 -0.96 9.67 5.11
CA LEU A 51 -1.83 8.84 5.94
C LEU A 51 -0.99 7.95 6.89
N LYS A 52 -1.63 7.45 7.96
CA LYS A 52 -1.06 6.47 8.89
C LYS A 52 -1.31 5.04 8.41
N ARG A 53 -0.53 4.09 8.94
CA ARG A 53 -0.76 2.62 8.79
C ARG A 53 -2.15 2.14 9.23
N MET A 54 -2.85 2.92 10.07
CA MET A 54 -4.26 2.70 10.42
C MET A 54 -5.24 2.85 9.23
N HIS A 55 -4.78 3.41 8.11
CA HIS A 55 -5.60 3.79 6.94
C HIS A 55 -5.07 3.22 5.62
N ILE A 56 -4.10 2.31 5.65
CA ILE A 56 -3.41 1.74 4.48
C ILE A 56 -3.24 0.22 4.64
N LYS A 57 -3.42 -0.53 3.55
CA LYS A 57 -3.20 -1.99 3.44
C LYS A 57 -2.57 -2.34 2.08
N ALA A 58 -1.82 -3.43 2.02
CA ALA A 58 -1.36 -4.01 0.76
C ALA A 58 -2.57 -4.54 -0.04
N MET A 59 -2.57 -4.35 -1.37
CA MET A 59 -3.63 -4.90 -2.23
C MET A 59 -3.56 -6.44 -2.29
N PRO A 60 -4.69 -7.13 -2.56
CA PRO A 60 -4.74 -8.60 -2.55
C PRO A 60 -3.97 -9.24 -3.71
N GLU A 61 -3.73 -10.56 -3.59
CA GLU A 61 -3.11 -11.42 -4.60
C GLU A 61 -3.87 -11.35 -5.93
N ASP A 62 -3.22 -10.74 -6.92
CA ASP A 62 -3.75 -10.44 -8.26
C ASP A 62 -5.08 -9.67 -8.22
N ALA A 63 -5.08 -8.51 -7.54
CA ALA A 63 -6.20 -7.58 -7.42
C ALA A 63 -6.88 -7.21 -8.76
N LYS A 64 -8.16 -6.83 -8.71
CA LYS A 64 -9.00 -6.52 -9.89
C LYS A 64 -8.50 -5.33 -10.72
N GLY A 65 -7.93 -4.31 -10.07
CA GLY A 65 -7.38 -3.11 -10.73
C GLY A 65 -6.13 -3.39 -11.58
N GLN A 66 -5.84 -2.50 -12.53
CA GLN A 66 -4.65 -2.58 -13.40
C GLN A 66 -3.34 -2.49 -12.59
N ASP A 67 -2.34 -3.28 -12.96
CA ASP A 67 -1.10 -3.51 -12.19
C ASP A 67 0.15 -3.78 -13.05
N TRP A 68 0.25 -3.09 -14.20
CA TRP A 68 1.30 -3.24 -15.24
C TRP A 68 2.71 -2.75 -14.83
N ILE A 69 3.18 -3.13 -13.64
CA ILE A 69 4.52 -2.84 -13.08
C ILE A 69 5.21 -4.13 -12.63
N ALA A 70 6.54 -4.10 -12.59
CA ALA A 70 7.43 -5.23 -12.26
C ALA A 70 7.15 -6.56 -13.04
N LEU A 71 6.53 -6.48 -14.22
CA LEU A 71 6.19 -7.64 -15.09
C LEU A 71 7.38 -8.16 -15.93
N VAL A 72 8.61 -8.06 -15.40
CA VAL A 72 9.87 -8.45 -16.06
C VAL A 72 10.76 -9.21 -15.07
N LYS A 73 11.38 -10.30 -15.53
CA LYS A 73 12.27 -11.18 -14.74
C LYS A 73 13.46 -10.39 -14.14
N ALA A 74 13.77 -10.66 -12.87
CA ALA A 74 14.81 -9.98 -12.07
C ALA A 74 16.24 -10.12 -12.63
N GLY A 1 1.31 -10.46 20.53
CA GLY A 1 0.58 -11.24 19.52
C GLY A 1 0.96 -12.72 19.59
N SER A 2 -0.01 -13.61 19.43
CA SER A 2 0.19 -15.08 19.44
C SER A 2 0.86 -15.63 18.17
N SER A 3 0.70 -14.96 17.03
CA SER A 3 1.39 -15.29 15.76
C SER A 3 2.89 -14.96 15.83
N GLY A 4 3.70 -15.66 15.03
CA GLY A 4 5.16 -15.46 14.98
C GLY A 4 5.58 -14.11 14.37
N SER A 5 6.66 -13.52 14.89
CA SER A 5 7.26 -12.28 14.38
C SER A 5 7.67 -12.42 12.91
N SER A 6 7.25 -11.46 12.07
CA SER A 6 7.36 -11.53 10.60
C SER A 6 7.93 -10.27 9.94
N GLY A 7 8.07 -9.16 10.68
CA GLY A 7 8.79 -7.95 10.26
C GLY A 7 8.32 -7.29 8.95
N PHE A 8 7.01 -7.35 8.65
CA PHE A 8 6.43 -6.79 7.42
C PHE A 8 6.72 -5.28 7.23
N ASP A 9 6.90 -4.85 5.99
CA ASP A 9 7.24 -3.47 5.62
C ASP A 9 6.72 -3.10 4.22
N PHE A 10 6.19 -1.88 4.07
CA PHE A 10 5.86 -1.28 2.77
C PHE A 10 7.12 -0.79 2.03
N LYS A 11 7.02 -0.62 0.70
CA LYS A 11 8.11 -0.20 -0.19
C LYS A 11 7.82 1.14 -0.86
N ALA A 12 8.86 1.83 -1.29
CA ALA A 12 8.75 3.07 -2.07
C ALA A 12 8.24 2.78 -3.50
N GLY A 13 7.27 3.56 -3.96
CA GLY A 13 6.60 3.38 -5.25
C GLY A 13 5.63 2.18 -5.32
N GLU A 14 5.42 1.46 -4.20
CA GLU A 14 4.54 0.29 -4.12
C GLU A 14 3.07 0.69 -4.32
N GLU A 15 2.36 0.02 -5.20
CA GLU A 15 0.89 0.17 -5.34
C GLU A 15 0.17 -0.55 -4.17
N VAL A 16 -0.81 0.13 -3.59
CA VAL A 16 -1.51 -0.23 -2.34
C VAL A 16 -2.99 0.19 -2.38
N LEU A 17 -3.73 -0.10 -1.31
CA LEU A 17 -5.09 0.37 -1.08
C LEU A 17 -5.12 1.25 0.18
N ALA A 18 -5.97 2.27 0.23
CA ALA A 18 -6.04 3.16 1.40
C ALA A 18 -7.41 3.86 1.55
N ARG A 19 -7.78 4.14 2.81
CA ARG A 19 -9.03 4.82 3.18
C ARG A 19 -8.88 6.33 3.00
N TRP A 20 -9.58 6.88 2.01
CA TRP A 20 -9.61 8.33 1.73
C TRP A 20 -10.66 9.07 2.57
N THR A 21 -11.08 10.27 2.14
CA THR A 21 -12.20 11.03 2.72
C THR A 21 -13.52 10.23 2.72
N ASP A 22 -13.75 9.41 1.69
CA ASP A 22 -14.84 8.44 1.62
C ASP A 22 -14.47 7.10 2.29
N CYS A 23 -15.48 6.36 2.78
CA CYS A 23 -15.34 5.05 3.43
C CYS A 23 -15.12 3.90 2.41
N ARG A 24 -14.16 4.09 1.50
CA ARG A 24 -13.78 3.19 0.39
C ARG A 24 -12.26 3.02 0.32
N TYR A 25 -11.82 1.99 -0.40
CA TYR A 25 -10.41 1.57 -0.51
C TYR A 25 -9.95 1.59 -1.97
N TYR A 26 -9.81 2.80 -2.51
CA TYR A 26 -9.37 3.04 -3.89
C TYR A 26 -7.90 2.65 -4.11
N PRO A 27 -7.48 2.38 -5.36
CA PRO A 27 -6.07 2.15 -5.70
C PRO A 27 -5.23 3.43 -5.53
N ALA A 28 -4.04 3.26 -4.97
CA ALA A 28 -3.05 4.31 -4.72
C ALA A 28 -1.62 3.73 -4.81
N LYS A 29 -0.59 4.57 -4.60
CA LYS A 29 0.81 4.16 -4.44
C LYS A 29 1.54 5.01 -3.39
N ILE A 30 2.56 4.45 -2.75
CA ILE A 30 3.36 5.12 -1.71
C ILE A 30 4.44 5.98 -2.36
N GLU A 31 4.33 7.31 -2.20
CA GLU A 31 5.29 8.29 -2.69
C GLU A 31 6.52 8.44 -1.78
N ALA A 32 6.34 8.30 -0.46
CA ALA A 32 7.42 8.37 0.54
C ALA A 32 7.06 7.65 1.84
N ILE A 33 8.09 7.32 2.63
CA ILE A 33 8.02 6.54 3.87
C ILE A 33 8.72 7.31 5.00
N ASN A 34 8.13 7.32 6.19
CA ASN A 34 8.67 7.97 7.39
C ASN A 34 8.69 6.98 8.58
N LYS A 35 9.87 6.82 9.19
CA LYS A 35 10.12 5.93 10.34
C LYS A 35 9.32 6.32 11.60
N GLU A 36 8.78 7.53 11.67
CA GLU A 36 7.82 7.97 12.70
C GLU A 36 6.46 7.22 12.63
N GLY A 37 6.12 6.62 11.48
CA GLY A 37 4.93 5.77 11.28
C GLY A 37 3.99 6.21 10.15
N THR A 38 4.18 7.42 9.62
CA THR A 38 3.37 8.01 8.54
C THR A 38 3.88 7.59 7.15
N PHE A 39 3.00 7.66 6.15
CA PHE A 39 3.28 7.33 4.74
C PHE A 39 2.64 8.36 3.82
N THR A 40 3.39 8.91 2.87
CA THR A 40 2.88 9.80 1.82
C THR A 40 2.39 8.95 0.64
N VAL A 41 1.23 9.27 0.08
CA VAL A 41 0.53 8.45 -0.91
C VAL A 41 -0.08 9.31 -2.02
N GLN A 42 -0.14 8.74 -3.24
CA GLN A 42 -0.81 9.32 -4.40
C GLN A 42 -1.91 8.38 -4.88
N PHE A 43 -3.14 8.89 -4.96
CA PHE A 43 -4.31 8.16 -5.45
C PHE A 43 -4.45 8.26 -6.97
N TYR A 44 -5.28 7.39 -7.56
CA TYR A 44 -5.56 7.33 -9.01
C TYR A 44 -6.01 8.67 -9.64
N ASP A 45 -6.65 9.55 -8.86
CA ASP A 45 -7.06 10.90 -9.26
C ASP A 45 -5.87 11.86 -9.51
N GLY A 46 -4.70 11.58 -8.93
CA GLY A 46 -3.46 12.36 -9.03
C GLY A 46 -3.10 13.13 -7.75
N VAL A 47 -4.07 13.36 -6.87
CA VAL A 47 -3.92 14.01 -5.56
C VAL A 47 -2.89 13.30 -4.65
N ILE A 48 -2.16 14.08 -3.85
CA ILE A 48 -1.11 13.59 -2.93
C ILE A 48 -1.34 14.16 -1.52
N ARG A 49 -1.43 13.27 -0.53
CA ARG A 49 -1.49 13.55 0.93
C ARG A 49 -0.69 12.48 1.70
N CYS A 50 -0.75 12.48 3.03
CA CYS A 50 -0.17 11.44 3.87
C CYS A 50 -1.16 10.90 4.91
N LEU A 51 -0.93 9.66 5.33
CA LEU A 51 -1.82 8.87 6.20
C LEU A 51 -1.01 8.01 7.17
N LYS A 52 -1.65 7.62 8.28
CA LYS A 52 -1.13 6.61 9.23
C LYS A 52 -1.23 5.21 8.62
N ARG A 53 -0.40 4.27 9.09
CA ARG A 53 -0.51 2.82 8.77
C ARG A 53 -1.89 2.20 9.06
N MET A 54 -2.64 2.80 10.00
CA MET A 54 -4.03 2.46 10.34
C MET A 54 -5.02 2.63 9.17
N HIS A 55 -4.67 3.40 8.15
CA HIS A 55 -5.54 3.78 7.02
C HIS A 55 -5.01 3.34 5.65
N ILE A 56 -3.99 2.46 5.63
CA ILE A 56 -3.36 1.89 4.42
C ILE A 56 -3.32 0.36 4.56
N LYS A 57 -3.53 -0.35 3.45
CA LYS A 57 -3.60 -1.81 3.36
C LYS A 57 -2.81 -2.30 2.14
N ALA A 58 -2.18 -3.46 2.27
CA ALA A 58 -1.56 -4.15 1.16
C ALA A 58 -2.64 -4.61 0.15
N MET A 59 -2.36 -4.46 -1.15
CA MET A 59 -3.25 -4.97 -2.21
C MET A 59 -3.35 -6.51 -2.14
N PRO A 60 -4.55 -7.10 -2.05
CA PRO A 60 -4.73 -8.52 -1.74
C PRO A 60 -4.36 -9.44 -2.92
N GLU A 61 -4.10 -10.71 -2.62
CA GLU A 61 -3.72 -11.75 -3.59
C GLU A 61 -4.83 -12.11 -4.62
N ASP A 62 -6.06 -11.62 -4.41
CA ASP A 62 -7.23 -11.90 -5.25
C ASP A 62 -7.65 -10.69 -6.13
N ALA A 63 -7.09 -9.50 -5.91
CA ALA A 63 -7.28 -8.33 -6.77
C ALA A 63 -6.53 -8.47 -8.10
N LYS A 64 -7.14 -8.03 -9.21
CA LYS A 64 -6.52 -7.98 -10.55
C LYS A 64 -5.55 -6.79 -10.68
N GLY A 65 -4.56 -6.93 -11.57
CA GLY A 65 -3.56 -5.90 -11.90
C GLY A 65 -2.18 -6.47 -12.24
N GLN A 66 -1.86 -7.67 -11.74
CA GLN A 66 -0.61 -8.40 -11.94
C GLN A 66 -0.89 -9.92 -11.92
N ASP A 67 0.03 -10.73 -12.45
CA ASP A 67 -0.04 -12.20 -12.51
C ASP A 67 1.26 -12.89 -12.05
N TRP A 68 1.19 -14.21 -11.86
CA TRP A 68 2.22 -15.03 -11.21
C TRP A 68 2.42 -16.42 -11.85
N ILE A 69 1.89 -16.64 -13.06
CA ILE A 69 2.04 -17.89 -13.82
C ILE A 69 3.49 -18.39 -13.91
N ALA A 70 3.72 -19.61 -13.41
CA ALA A 70 5.03 -20.27 -13.32
C ALA A 70 6.18 -19.38 -12.76
N LEU A 71 5.89 -18.62 -11.69
CA LEU A 71 6.83 -17.71 -11.00
C LEU A 71 8.21 -18.32 -10.71
N VAL A 72 9.25 -17.49 -10.81
CA VAL A 72 10.66 -17.85 -10.53
C VAL A 72 10.91 -18.03 -9.02
N LYS A 73 11.78 -18.98 -8.65
CA LYS A 73 12.20 -19.29 -7.27
C LYS A 73 13.62 -19.88 -7.23
N ALA A 74 14.19 -19.96 -6.03
CA ALA A 74 15.54 -20.50 -5.74
C ALA A 74 15.61 -21.17 -4.35
N GLY A 1 -5.96 -25.57 7.73
CA GLY A 1 -6.18 -24.23 7.15
C GLY A 1 -5.43 -23.15 7.92
N SER A 2 -4.92 -22.15 7.21
CA SER A 2 -4.13 -21.03 7.76
C SER A 2 -4.22 -19.77 6.89
N SER A 3 -3.68 -18.64 7.37
CA SER A 3 -3.52 -17.37 6.63
C SER A 3 -2.36 -16.54 7.20
N GLY A 4 -1.74 -15.69 6.37
CA GLY A 4 -0.52 -14.95 6.71
C GLY A 4 0.12 -14.28 5.49
N SER A 5 -0.63 -13.38 4.82
CA SER A 5 -0.24 -12.73 3.55
C SER A 5 1.16 -12.12 3.55
N SER A 6 1.91 -12.34 2.46
CA SER A 6 3.27 -11.79 2.26
C SER A 6 3.27 -10.25 2.20
N GLY A 7 4.34 -9.62 2.70
CA GLY A 7 4.46 -8.17 2.80
C GLY A 7 5.57 -7.72 3.76
N PHE A 8 6.80 -8.22 3.55
CA PHE A 8 7.95 -8.05 4.47
C PHE A 8 8.23 -6.59 4.87
N ASP A 9 8.21 -5.67 3.90
CA ASP A 9 8.36 -4.22 4.08
C ASP A 9 7.67 -3.44 2.94
N PHE A 10 7.17 -2.23 3.23
CA PHE A 10 6.71 -1.28 2.23
C PHE A 10 7.90 -0.51 1.62
N LYS A 11 7.74 0.01 0.40
CA LYS A 11 8.73 0.81 -0.34
C LYS A 11 8.06 1.82 -1.28
N ALA A 12 8.74 2.94 -1.54
CA ALA A 12 8.27 3.93 -2.51
C ALA A 12 8.15 3.33 -3.93
N GLY A 13 7.11 3.73 -4.66
CA GLY A 13 6.76 3.19 -5.99
C GLY A 13 5.86 1.95 -5.96
N GLU A 14 5.63 1.34 -4.79
CA GLU A 14 4.72 0.18 -4.62
C GLU A 14 3.25 0.62 -4.53
N GLU A 15 2.35 -0.19 -5.08
CA GLU A 15 0.91 0.06 -5.09
C GLU A 15 0.19 -0.60 -3.90
N VAL A 16 -0.82 0.07 -3.37
CA VAL A 16 -1.53 -0.23 -2.12
C VAL A 16 -3.01 0.16 -2.21
N LEU A 17 -3.80 -0.25 -1.22
CA LEU A 17 -5.18 0.21 -1.02
C LEU A 17 -5.24 1.10 0.22
N ALA A 18 -5.89 2.26 0.15
CA ALA A 18 -5.92 3.23 1.25
C ALA A 18 -7.24 4.03 1.31
N ARG A 19 -7.60 4.49 2.51
CA ARG A 19 -8.81 5.28 2.78
C ARG A 19 -8.66 6.73 2.28
N TRP A 20 -9.77 7.37 1.90
CA TRP A 20 -9.78 8.80 1.54
C TRP A 20 -11.01 9.59 2.03
N THR A 21 -12.22 9.05 1.90
CA THR A 21 -13.48 9.78 2.17
C THR A 21 -14.55 8.96 2.90
N ASP A 22 -14.48 7.63 2.84
CA ASP A 22 -15.51 6.69 3.33
C ASP A 22 -14.85 5.44 3.95
N CYS A 23 -15.64 4.47 4.42
CA CYS A 23 -15.15 3.16 4.84
C CYS A 23 -14.55 2.31 3.69
N ARG A 24 -14.78 2.70 2.43
CA ARG A 24 -14.19 2.09 1.23
C ARG A 24 -12.72 2.50 1.09
N TYR A 25 -11.85 1.53 0.83
CA TYR A 25 -10.46 1.77 0.43
C TYR A 25 -10.39 1.90 -1.11
N TYR A 26 -9.40 2.65 -1.62
CA TYR A 26 -9.22 2.95 -3.05
C TYR A 26 -7.74 2.78 -3.45
N PRO A 27 -7.44 2.51 -4.74
CA PRO A 27 -6.06 2.27 -5.18
C PRO A 27 -5.18 3.52 -5.11
N ALA A 28 -3.95 3.33 -4.63
CA ALA A 28 -2.94 4.36 -4.45
C ALA A 28 -1.52 3.79 -4.61
N LYS A 29 -0.50 4.66 -4.57
CA LYS A 29 0.93 4.34 -4.70
C LYS A 29 1.73 5.12 -3.65
N ILE A 30 2.70 4.48 -3.00
CA ILE A 30 3.56 5.12 -1.99
C ILE A 30 4.58 6.03 -2.67
N GLU A 31 4.70 7.27 -2.20
CA GLU A 31 5.63 8.29 -2.72
C GLU A 31 6.80 8.56 -1.78
N ALA A 32 6.60 8.43 -0.47
CA ALA A 32 7.60 8.52 0.60
C ALA A 32 7.11 7.82 1.87
N ILE A 33 8.03 7.56 2.82
CA ILE A 33 7.80 6.72 4.00
C ILE A 33 8.38 7.40 5.26
N ASN A 34 7.75 7.17 6.43
CA ASN A 34 8.23 7.59 7.74
C ASN A 34 8.26 6.40 8.72
N LYS A 35 9.27 6.38 9.60
CA LYS A 35 9.59 5.24 10.47
C LYS A 35 8.56 4.93 11.57
N GLU A 36 7.80 5.92 12.04
CA GLU A 36 6.97 5.80 13.27
C GLU A 36 5.61 6.52 13.21
N GLY A 37 4.92 6.56 12.05
CA GLY A 37 3.52 7.03 12.04
C GLY A 37 2.77 7.02 10.70
N THR A 38 3.39 7.47 9.62
CA THR A 38 2.69 7.76 8.34
C THR A 38 3.43 7.29 7.08
N PHE A 39 2.69 7.29 5.96
CA PHE A 39 3.20 7.09 4.60
C PHE A 39 2.61 8.16 3.69
N THR A 40 3.44 8.77 2.84
CA THR A 40 3.00 9.70 1.79
C THR A 40 2.53 8.89 0.59
N VAL A 41 1.35 9.20 0.06
CA VAL A 41 0.66 8.39 -0.96
C VAL A 41 -0.05 9.26 -2.00
N GLN A 42 -0.02 8.80 -3.25
CA GLN A 42 -0.71 9.39 -4.39
C GLN A 42 -1.85 8.46 -4.84
N PHE A 43 -3.05 9.01 -5.00
CA PHE A 43 -4.24 8.26 -5.40
C PHE A 43 -4.46 8.32 -6.92
N TYR A 44 -5.37 7.47 -7.43
CA TYR A 44 -5.73 7.36 -8.85
C TYR A 44 -6.14 8.68 -9.52
N ASP A 45 -6.68 9.64 -8.75
CA ASP A 45 -7.03 11.00 -9.21
C ASP A 45 -5.81 11.89 -9.52
N GLY A 46 -4.64 11.57 -8.97
CA GLY A 46 -3.36 12.28 -9.15
C GLY A 46 -2.92 13.10 -7.92
N VAL A 47 -3.84 13.40 -7.00
CA VAL A 47 -3.59 14.09 -5.72
C VAL A 47 -2.66 13.29 -4.79
N ILE A 48 -1.84 14.00 -4.00
CA ILE A 48 -0.86 13.45 -3.05
C ILE A 48 -1.10 14.05 -1.66
N ARG A 49 -1.19 13.18 -0.63
CA ARG A 49 -1.28 13.50 0.81
C ARG A 49 -0.49 12.45 1.61
N CYS A 50 -0.66 12.40 2.93
CA CYS A 50 -0.16 11.31 3.77
C CYS A 50 -1.24 10.78 4.72
N LEU A 51 -1.09 9.52 5.14
CA LEU A 51 -2.04 8.77 5.96
C LEU A 51 -1.33 7.93 7.02
N LYS A 52 -2.02 7.66 8.13
CA LYS A 52 -1.57 6.72 9.18
C LYS A 52 -1.55 5.28 8.65
N ARG A 53 -0.70 4.45 9.24
CA ARG A 53 -0.68 2.99 9.02
C ARG A 53 -2.03 2.28 9.22
N MET A 54 -2.90 2.85 10.08
CA MET A 54 -4.27 2.39 10.35
C MET A 54 -5.22 2.52 9.14
N HIS A 55 -4.82 3.26 8.10
CA HIS A 55 -5.66 3.67 6.96
C HIS A 55 -5.11 3.18 5.60
N ILE A 56 -4.15 2.25 5.61
CA ILE A 56 -3.49 1.68 4.42
C ILE A 56 -3.40 0.16 4.57
N LYS A 57 -3.54 -0.55 3.45
CA LYS A 57 -3.50 -2.02 3.32
C LYS A 57 -2.66 -2.42 2.09
N ALA A 58 -2.01 -3.58 2.18
CA ALA A 58 -1.30 -4.19 1.05
C ALA A 58 -2.27 -4.60 -0.07
N MET A 59 -1.77 -4.72 -1.30
CA MET A 59 -2.57 -5.15 -2.46
C MET A 59 -3.07 -6.60 -2.25
N PRO A 60 -4.40 -6.85 -2.24
CA PRO A 60 -4.97 -8.13 -1.80
C PRO A 60 -4.79 -9.27 -2.81
N GLU A 61 -5.00 -10.51 -2.33
CA GLU A 61 -5.02 -11.73 -3.16
C GLU A 61 -6.14 -11.70 -4.23
N ASP A 62 -7.18 -10.88 -4.04
CA ASP A 62 -8.27 -10.64 -4.99
C ASP A 62 -7.84 -9.84 -6.25
N ALA A 63 -6.75 -9.09 -6.18
CA ALA A 63 -6.20 -8.35 -7.32
C ALA A 63 -5.60 -9.28 -8.41
N LYS A 64 -5.48 -8.78 -9.64
CA LYS A 64 -4.81 -9.47 -10.76
C LYS A 64 -3.32 -9.75 -10.47
N GLY A 65 -2.74 -10.74 -11.16
CA GLY A 65 -1.37 -11.19 -10.92
C GLY A 65 -1.19 -11.90 -9.58
N GLN A 66 -0.01 -11.78 -8.97
CA GLN A 66 0.39 -12.39 -7.69
C GLN A 66 0.43 -13.94 -7.71
N ASP A 67 0.44 -14.55 -8.91
CA ASP A 67 0.50 -16.00 -9.16
C ASP A 67 1.93 -16.55 -9.04
N TRP A 68 2.54 -16.46 -7.85
CA TRP A 68 3.88 -16.99 -7.53
C TRP A 68 3.97 -18.54 -7.47
N ILE A 69 3.18 -19.26 -8.28
CA ILE A 69 3.26 -20.71 -8.46
C ILE A 69 4.60 -21.13 -9.07
N ALA A 70 4.96 -22.40 -8.85
CA ALA A 70 6.19 -23.06 -9.31
C ALA A 70 7.50 -22.25 -9.05
N LEU A 71 7.56 -21.52 -7.93
CA LEU A 71 8.69 -20.66 -7.52
C LEU A 71 10.00 -21.41 -7.15
N VAL A 72 10.02 -22.75 -7.23
CA VAL A 72 11.17 -23.61 -6.95
C VAL A 72 11.19 -24.83 -7.89
N LYS A 73 12.38 -25.39 -8.14
CA LYS A 73 12.60 -26.57 -9.02
C LYS A 73 11.72 -27.77 -8.62
N ALA A 74 10.95 -28.29 -9.57
CA ALA A 74 10.12 -29.50 -9.44
C ALA A 74 10.95 -30.77 -9.18
N GLY A 1 10.04 -10.72 20.91
CA GLY A 1 9.55 -9.66 20.00
C GLY A 1 8.62 -10.22 18.95
N SER A 2 7.39 -9.69 18.87
CA SER A 2 6.36 -10.12 17.90
C SER A 2 6.74 -9.87 16.44
N SER A 3 6.11 -10.62 15.53
CA SER A 3 6.25 -10.49 14.06
C SER A 3 5.01 -9.83 13.43
N GLY A 4 5.13 -9.36 12.19
CA GLY A 4 4.01 -8.78 11.43
C GLY A 4 4.45 -8.19 10.08
N SER A 5 5.43 -7.28 10.12
CA SER A 5 6.15 -6.77 8.92
C SER A 5 7.26 -7.77 8.54
N SER A 6 6.85 -9.00 8.23
CA SER A 6 7.72 -10.17 8.08
C SER A 6 7.33 -10.99 6.85
N GLY A 7 8.33 -11.33 6.01
CA GLY A 7 8.13 -11.97 4.70
C GLY A 7 7.82 -11.00 3.55
N PHE A 8 7.59 -9.72 3.86
CA PHE A 8 7.34 -8.63 2.91
C PHE A 8 7.74 -7.27 3.50
N ASP A 9 7.93 -6.27 2.63
CA ASP A 9 8.18 -4.86 2.98
C ASP A 9 7.61 -3.92 1.90
N PHE A 10 7.07 -2.76 2.30
CA PHE A 10 6.69 -1.68 1.39
C PHE A 10 7.94 -0.92 0.88
N LYS A 11 7.81 -0.27 -0.28
CA LYS A 11 8.83 0.57 -0.93
C LYS A 11 8.23 1.79 -1.62
N ALA A 12 9.05 2.78 -1.96
CA ALA A 12 8.64 3.89 -2.81
C ALA A 12 8.20 3.37 -4.20
N GLY A 13 7.05 3.84 -4.68
CA GLY A 13 6.42 3.41 -5.93
C GLY A 13 5.53 2.16 -5.81
N GLU A 14 5.45 1.51 -4.65
CA GLU A 14 4.58 0.35 -4.42
C GLU A 14 3.10 0.73 -4.50
N GLU A 15 2.29 -0.06 -5.24
CA GLU A 15 0.84 0.07 -5.26
C GLU A 15 0.21 -0.56 -4.01
N VAL A 16 -0.73 0.15 -3.38
CA VAL A 16 -1.42 -0.24 -2.14
C VAL A 16 -2.89 0.19 -2.17
N LEU A 17 -3.69 -0.33 -1.23
CA LEU A 17 -5.05 0.14 -0.98
C LEU A 17 -5.00 1.15 0.17
N ALA A 18 -5.78 2.21 0.09
CA ALA A 18 -5.87 3.22 1.15
C ALA A 18 -7.24 3.91 1.20
N ARG A 19 -7.57 4.52 2.34
CA ARG A 19 -8.88 5.15 2.62
C ARG A 19 -8.83 6.66 2.37
N TRP A 20 -9.94 7.23 1.89
CA TRP A 20 -10.02 8.67 1.57
C TRP A 20 -11.34 9.35 1.98
N THR A 21 -12.50 8.75 1.66
CA THR A 21 -13.83 9.39 1.81
C THR A 21 -14.92 8.45 2.33
N ASP A 22 -14.69 7.13 2.32
CA ASP A 22 -15.71 6.08 2.58
C ASP A 22 -15.14 4.93 3.42
N CYS A 23 -15.97 3.93 3.74
CA CYS A 23 -15.50 2.65 4.29
C CYS A 23 -14.80 1.79 3.23
N ARG A 24 -15.06 2.06 1.93
CA ARG A 24 -14.36 1.48 0.78
C ARG A 24 -12.95 2.06 0.67
N TYR A 25 -11.95 1.18 0.50
CA TYR A 25 -10.60 1.58 0.13
C TYR A 25 -10.51 1.82 -1.39
N TYR A 26 -9.48 2.53 -1.82
CA TYR A 26 -9.20 2.86 -3.23
C TYR A 26 -7.70 2.67 -3.55
N PRO A 27 -7.32 2.41 -4.81
CA PRO A 27 -5.93 2.20 -5.18
C PRO A 27 -5.11 3.50 -5.10
N ALA A 28 -3.88 3.37 -4.60
CA ALA A 28 -2.89 4.43 -4.47
C ALA A 28 -1.47 3.87 -4.66
N LYS A 29 -0.47 4.75 -4.71
CA LYS A 29 0.96 4.42 -4.74
C LYS A 29 1.69 5.13 -3.59
N ILE A 30 2.63 4.46 -2.94
CA ILE A 30 3.45 5.06 -1.88
C ILE A 30 4.48 6.02 -2.50
N GLU A 31 4.44 7.29 -2.10
CA GLU A 31 5.39 8.32 -2.51
C GLU A 31 6.61 8.42 -1.58
N ALA A 32 6.42 8.17 -0.27
CA ALA A 32 7.50 8.15 0.73
C ALA A 32 7.11 7.35 2.00
N ILE A 33 8.12 6.94 2.75
CA ILE A 33 8.05 6.03 3.91
C ILE A 33 8.85 6.64 5.08
N ASN A 34 8.52 6.26 6.32
CA ASN A 34 9.20 6.67 7.56
C ASN A 34 9.22 8.21 7.76
N LYS A 35 8.07 8.86 7.49
CA LYS A 35 7.81 10.27 7.84
C LYS A 35 7.73 10.46 9.37
N GLU A 36 7.42 11.67 9.82
CA GLU A 36 7.28 12.02 11.25
C GLU A 36 6.27 11.11 12.01
N GLY A 37 5.26 10.58 11.32
CA GLY A 37 4.33 9.57 11.85
C GLY A 37 3.34 8.98 10.84
N THR A 38 3.69 9.00 9.54
CA THR A 38 2.79 8.70 8.41
C THR A 38 3.53 8.08 7.21
N PHE A 39 2.78 7.77 6.14
CA PHE A 39 3.26 7.38 4.81
C PHE A 39 2.67 8.37 3.80
N THR A 40 3.50 8.99 2.97
CA THR A 40 3.05 9.86 1.86
C THR A 40 2.55 8.99 0.71
N VAL A 41 1.41 9.34 0.11
CA VAL A 41 0.72 8.51 -0.89
C VAL A 41 0.07 9.37 -2.00
N GLN A 42 -0.06 8.78 -3.19
CA GLN A 42 -0.70 9.36 -4.36
C GLN A 42 -1.83 8.44 -4.83
N PHE A 43 -3.08 8.90 -4.72
CA PHE A 43 -4.26 8.17 -5.18
C PHE A 43 -4.41 8.24 -6.72
N TYR A 44 -5.24 7.36 -7.29
CA TYR A 44 -5.45 7.26 -8.74
C TYR A 44 -5.95 8.55 -9.43
N ASP A 45 -6.55 9.47 -8.68
CA ASP A 45 -6.93 10.83 -9.15
C ASP A 45 -5.74 11.77 -9.41
N GLY A 46 -4.55 11.43 -8.89
CA GLY A 46 -3.31 12.23 -9.01
C GLY A 46 -3.01 13.12 -7.79
N VAL A 47 -3.97 13.27 -6.86
CA VAL A 47 -3.81 13.99 -5.59
C VAL A 47 -2.78 13.32 -4.66
N ILE A 48 -2.08 14.11 -3.84
CA ILE A 48 -1.03 13.65 -2.92
C ILE A 48 -1.27 14.23 -1.52
N ARG A 49 -1.32 13.33 -0.51
CA ARG A 49 -1.37 13.62 0.93
C ARG A 49 -0.56 12.54 1.69
N CYS A 50 -0.69 12.47 3.01
CA CYS A 50 -0.14 11.39 3.83
C CYS A 50 -1.17 10.81 4.80
N LEU A 51 -0.98 9.54 5.18
CA LEU A 51 -1.92 8.75 5.99
C LEU A 51 -1.18 7.90 7.05
N LYS A 52 -1.91 7.53 8.10
CA LYS A 52 -1.47 6.56 9.12
C LYS A 52 -1.63 5.12 8.60
N ARG A 53 -0.90 4.16 9.18
CA ARG A 53 -1.00 2.73 8.82
C ARG A 53 -2.42 2.14 8.99
N MET A 54 -3.23 2.71 9.89
CA MET A 54 -4.65 2.35 10.10
C MET A 54 -5.56 2.69 8.91
N HIS A 55 -5.09 3.47 7.94
CA HIS A 55 -5.82 3.89 6.74
C HIS A 55 -5.22 3.34 5.44
N ILE A 56 -4.33 2.33 5.53
CA ILE A 56 -3.59 1.70 4.43
C ILE A 56 -3.65 0.16 4.57
N LYS A 57 -3.70 -0.56 3.45
CA LYS A 57 -3.68 -2.03 3.35
C LYS A 57 -2.79 -2.48 2.19
N ALA A 58 -2.20 -3.66 2.37
CA ALA A 58 -1.41 -4.35 1.35
C ALA A 58 -2.32 -4.91 0.23
N MET A 59 -1.83 -4.90 -1.01
CA MET A 59 -2.52 -5.46 -2.17
C MET A 59 -2.71 -6.99 -2.02
N PRO A 60 -3.94 -7.53 -2.12
CA PRO A 60 -4.21 -8.95 -1.90
C PRO A 60 -3.70 -9.84 -3.04
N GLU A 61 -3.51 -11.13 -2.77
CA GLU A 61 -3.08 -12.15 -3.74
C GLU A 61 -4.08 -12.35 -4.89
N ASP A 62 -5.35 -11.99 -4.69
CA ASP A 62 -6.42 -12.02 -5.71
C ASP A 62 -6.24 -10.97 -6.83
N ALA A 63 -5.55 -9.86 -6.55
CA ALA A 63 -5.33 -8.77 -7.51
C ALA A 63 -4.29 -9.13 -8.59
N LYS A 64 -4.57 -8.76 -9.85
CA LYS A 64 -3.62 -8.84 -10.97
C LYS A 64 -2.49 -7.80 -10.87
N GLY A 65 -1.40 -8.02 -11.61
CA GLY A 65 -0.26 -7.09 -11.69
C GLY A 65 0.95 -7.67 -12.44
N GLN A 66 2.01 -6.86 -12.54
CA GLN A 66 3.34 -7.26 -13.06
C GLN A 66 3.99 -8.34 -12.17
N ASP A 67 4.94 -9.10 -12.74
CA ASP A 67 5.77 -10.09 -12.05
C ASP A 67 7.26 -9.90 -12.38
N TRP A 68 8.13 -10.18 -11.42
CA TRP A 68 9.58 -9.87 -11.42
C TRP A 68 10.45 -10.83 -12.27
N ILE A 69 9.92 -11.30 -13.40
CA ILE A 69 10.59 -12.24 -14.34
C ILE A 69 11.96 -11.72 -14.81
N ALA A 70 12.11 -10.39 -14.94
CA ALA A 70 13.35 -9.71 -15.33
C ALA A 70 14.46 -9.72 -14.26
N LEU A 71 14.16 -10.09 -13.00
CA LEU A 71 15.09 -10.00 -11.85
C LEU A 71 15.64 -11.40 -11.50
N VAL A 72 16.79 -11.74 -12.10
CA VAL A 72 17.47 -13.04 -11.98
C VAL A 72 18.98 -12.84 -11.79
N LYS A 73 19.61 -13.70 -10.98
CA LYS A 73 21.06 -13.68 -10.68
C LYS A 73 21.93 -13.85 -11.93
N ALA A 74 23.13 -13.27 -11.91
CA ALA A 74 24.19 -13.50 -12.91
C ALA A 74 24.57 -15.00 -13.03
N GLY A 1 -11.28 -14.58 13.69
CA GLY A 1 -11.68 -15.78 12.92
C GLY A 1 -11.41 -15.60 11.43
N SER A 2 -11.02 -16.67 10.75
CA SER A 2 -10.76 -16.74 9.29
C SER A 2 -9.86 -15.61 8.73
N SER A 3 -8.82 -15.24 9.49
CA SER A 3 -7.89 -14.15 9.15
C SER A 3 -6.50 -14.35 9.78
N GLY A 4 -5.48 -13.77 9.14
CA GLY A 4 -4.09 -13.74 9.62
C GLY A 4 -3.12 -13.18 8.57
N SER A 5 -1.98 -12.63 9.03
CA SER A 5 -0.97 -11.96 8.18
C SER A 5 0.44 -12.10 8.77
N SER A 6 1.46 -12.14 7.90
CA SER A 6 2.88 -12.15 8.27
C SER A 6 3.78 -11.73 7.07
N GLY A 7 5.03 -11.35 7.34
CA GLY A 7 6.06 -11.11 6.32
C GLY A 7 5.80 -9.96 5.34
N PHE A 8 5.05 -8.93 5.77
CA PHE A 8 4.75 -7.74 4.96
C PHE A 8 6.00 -6.91 4.61
N ASP A 9 5.92 -6.13 3.53
CA ASP A 9 6.92 -5.13 3.10
C ASP A 9 6.24 -3.97 2.37
N PHE A 10 6.73 -2.75 2.60
CA PHE A 10 6.26 -1.49 1.98
C PHE A 10 7.46 -0.77 1.34
N LYS A 11 7.25 -0.22 0.13
CA LYS A 11 8.31 0.33 -0.75
C LYS A 11 7.82 1.56 -1.51
N ALA A 12 8.70 2.53 -1.74
CA ALA A 12 8.40 3.66 -2.62
C ALA A 12 8.04 3.19 -4.05
N GLY A 13 6.94 3.70 -4.61
CA GLY A 13 6.41 3.34 -5.93
C GLY A 13 5.50 2.09 -5.95
N GLU A 14 5.49 1.27 -4.90
CA GLU A 14 4.57 0.12 -4.78
C GLU A 14 3.11 0.58 -4.55
N GLU A 15 2.17 -0.22 -5.03
CA GLU A 15 0.72 0.03 -4.94
C GLU A 15 0.10 -0.56 -3.67
N VAL A 16 -0.87 0.16 -3.11
CA VAL A 16 -1.56 -0.14 -1.85
C VAL A 16 -3.03 0.28 -1.91
N LEU A 17 -3.84 -0.21 -0.97
CA LEU A 17 -5.26 0.11 -0.80
C LEU A 17 -5.43 0.98 0.45
N ALA A 18 -6.07 2.14 0.32
CA ALA A 18 -6.10 3.15 1.37
C ALA A 18 -7.45 3.91 1.46
N ARG A 19 -7.78 4.40 2.66
CA ARG A 19 -9.08 4.95 3.05
C ARG A 19 -9.16 6.47 2.85
N TRP A 20 -9.22 6.92 1.59
CA TRP A 20 -9.22 8.35 1.25
C TRP A 20 -10.42 9.16 1.79
N THR A 21 -11.62 8.56 1.81
CA THR A 21 -12.87 9.25 2.20
C THR A 21 -13.96 8.29 2.74
N ASP A 22 -13.99 7.03 2.28
CA ASP A 22 -15.04 6.04 2.60
C ASP A 22 -14.43 4.67 2.93
N CYS A 23 -15.22 3.79 3.56
CA CYS A 23 -14.82 2.43 3.94
C CYS A 23 -14.40 1.52 2.76
N ARG A 24 -14.81 1.86 1.52
CA ARG A 24 -14.30 1.25 0.29
C ARG A 24 -12.88 1.78 0.03
N TYR A 25 -11.85 1.03 0.44
CA TYR A 25 -10.45 1.35 0.17
C TYR A 25 -10.18 1.54 -1.33
N TYR A 26 -9.32 2.49 -1.69
CA TYR A 26 -9.02 2.89 -3.06
C TYR A 26 -7.53 2.72 -3.40
N PRO A 27 -7.17 2.46 -4.67
CA PRO A 27 -5.78 2.23 -5.06
C PRO A 27 -4.96 3.54 -5.05
N ALA A 28 -3.73 3.43 -4.54
CA ALA A 28 -2.73 4.48 -4.50
C ALA A 28 -1.31 3.89 -4.63
N LYS A 29 -0.32 4.75 -4.87
CA LYS A 29 1.12 4.41 -4.82
C LYS A 29 1.78 5.16 -3.66
N ILE A 30 2.72 4.51 -2.98
CA ILE A 30 3.52 5.11 -1.90
C ILE A 30 4.54 6.08 -2.50
N GLU A 31 4.47 7.35 -2.10
CA GLU A 31 5.41 8.40 -2.52
C GLU A 31 6.59 8.57 -1.55
N ALA A 32 6.37 8.32 -0.24
CA ALA A 32 7.41 8.35 0.79
C ALA A 32 7.03 7.51 2.03
N ILE A 33 8.05 7.12 2.80
CA ILE A 33 7.97 6.27 4.00
C ILE A 33 8.84 6.92 5.10
N ASN A 34 8.39 6.83 6.36
CA ASN A 34 9.10 7.37 7.53
C ASN A 34 9.13 6.35 8.68
N LYS A 35 10.26 6.28 9.39
CA LYS A 35 10.52 5.29 10.47
C LYS A 35 9.65 5.53 11.71
N GLU A 36 9.28 6.79 11.98
CA GLU A 36 8.60 7.24 13.20
C GLU A 36 7.50 8.30 12.91
N GLY A 37 6.96 8.31 11.68
CA GLY A 37 6.05 9.35 11.18
C GLY A 37 4.83 8.78 10.44
N THR A 38 4.77 9.00 9.12
CA THR A 38 3.60 8.67 8.27
C THR A 38 4.02 8.19 6.88
N PHE A 39 3.02 7.93 6.04
CA PHE A 39 3.14 7.40 4.68
C PHE A 39 2.48 8.36 3.69
N THR A 40 3.29 9.08 2.91
CA THR A 40 2.83 9.91 1.80
C THR A 40 2.39 9.02 0.64
N VAL A 41 1.23 9.32 0.03
CA VAL A 41 0.58 8.48 -0.99
C VAL A 41 -0.10 9.32 -2.07
N GLN A 42 -0.12 8.79 -3.29
CA GLN A 42 -0.73 9.40 -4.47
C GLN A 42 -1.77 8.45 -5.07
N PHE A 43 -3.03 8.88 -5.10
CA PHE A 43 -4.17 8.10 -5.61
C PHE A 43 -4.34 8.26 -7.13
N TYR A 44 -5.25 7.48 -7.73
CA TYR A 44 -5.56 7.52 -9.16
C TYR A 44 -6.05 8.89 -9.68
N ASP A 45 -6.55 9.76 -8.79
CA ASP A 45 -6.89 11.17 -9.09
C ASP A 45 -5.66 12.07 -9.31
N GLY A 46 -4.45 11.63 -8.95
CA GLY A 46 -3.19 12.36 -9.11
C GLY A 46 -2.79 13.24 -7.91
N VAL A 47 -3.73 13.54 -7.01
CA VAL A 47 -3.51 14.26 -5.74
C VAL A 47 -2.60 13.49 -4.77
N ILE A 48 -1.83 14.21 -3.96
CA ILE A 48 -0.87 13.67 -2.98
C ILE A 48 -1.14 14.24 -1.59
N ARG A 49 -1.35 13.35 -0.61
CA ARG A 49 -1.45 13.62 0.85
C ARG A 49 -0.78 12.47 1.62
N CYS A 50 -1.05 12.31 2.91
CA CYS A 50 -0.53 11.20 3.73
C CYS A 50 -1.62 10.59 4.63
N LEU A 51 -1.43 9.32 5.01
CA LEU A 51 -2.35 8.54 5.85
C LEU A 51 -1.56 7.63 6.82
N LYS A 52 -2.17 7.37 8.00
CA LYS A 52 -1.65 6.42 9.01
C LYS A 52 -1.72 4.98 8.51
N ARG A 53 -0.93 4.08 9.11
CA ARG A 53 -1.03 2.62 8.89
C ARG A 53 -2.39 2.01 9.21
N MET A 54 -3.21 2.68 10.02
CA MET A 54 -4.61 2.34 10.29
C MET A 54 -5.54 2.53 9.08
N HIS A 55 -5.07 3.21 8.03
CA HIS A 55 -5.82 3.63 6.84
C HIS A 55 -5.14 3.26 5.53
N ILE A 56 -4.11 2.40 5.56
CA ILE A 56 -3.40 1.85 4.39
C ILE A 56 -3.12 0.35 4.61
N LYS A 57 -3.35 -0.47 3.59
CA LYS A 57 -3.08 -1.92 3.57
C LYS A 57 -2.51 -2.37 2.22
N ALA A 58 -1.82 -3.51 2.20
CA ALA A 58 -1.42 -4.18 0.97
C ALA A 58 -2.66 -4.81 0.25
N MET A 59 -2.46 -5.37 -0.95
CA MET A 59 -3.50 -6.18 -1.61
C MET A 59 -3.94 -7.37 -0.71
N PRO A 60 -5.24 -7.73 -0.69
CA PRO A 60 -5.73 -8.88 0.08
C PRO A 60 -5.18 -10.19 -0.51
N GLU A 61 -4.70 -11.10 0.35
CA GLU A 61 -3.98 -12.32 -0.03
C GLU A 61 -2.87 -12.11 -1.08
N ASP A 62 -2.25 -10.92 -1.10
CA ASP A 62 -1.29 -10.44 -2.10
C ASP A 62 -1.75 -10.65 -3.56
N ALA A 63 -2.99 -10.24 -3.87
CA ALA A 63 -3.66 -10.45 -5.15
C ALA A 63 -2.94 -9.93 -6.42
N LYS A 64 -2.04 -8.92 -6.30
CA LYS A 64 -1.24 -8.41 -7.45
C LYS A 64 -0.20 -9.44 -7.94
N GLY A 65 0.27 -9.27 -9.18
CA GLY A 65 1.21 -10.21 -9.82
C GLY A 65 0.48 -11.34 -10.55
N GLN A 66 -0.42 -11.00 -11.48
CA GLN A 66 -1.31 -11.89 -12.24
C GLN A 66 -0.63 -12.98 -13.11
N ASP A 67 0.70 -13.06 -13.12
CA ASP A 67 1.47 -14.15 -13.73
C ASP A 67 1.18 -15.53 -13.08
N TRP A 68 1.18 -15.59 -11.74
CA TRP A 68 0.95 -16.76 -10.85
C TRP A 68 1.65 -18.10 -11.17
N ILE A 69 2.58 -18.19 -12.14
CA ILE A 69 3.26 -19.45 -12.54
C ILE A 69 4.02 -20.10 -11.37
N ALA A 70 4.55 -19.32 -10.43
CA ALA A 70 5.16 -19.79 -9.19
C ALA A 70 4.88 -18.84 -8.01
N LEU A 71 4.70 -19.41 -6.82
CA LEU A 71 4.48 -18.73 -5.54
C LEU A 71 4.88 -19.62 -4.34
N VAL A 72 4.96 -19.04 -3.14
CA VAL A 72 5.21 -19.78 -1.89
C VAL A 72 3.92 -20.44 -1.37
N LYS A 73 4.00 -21.74 -1.04
CA LYS A 73 2.90 -22.55 -0.48
C LYS A 73 3.44 -23.77 0.29
N ALA A 74 2.71 -24.23 1.30
CA ALA A 74 3.00 -25.44 2.09
C ALA A 74 3.07 -26.73 1.24
N GLY A 1 -4.65 -10.24 26.99
CA GLY A 1 -4.16 -10.40 25.60
C GLY A 1 -2.69 -10.04 25.48
N SER A 2 -2.00 -10.59 24.47
CA SER A 2 -0.60 -10.29 24.12
C SER A 2 -0.27 -10.72 22.68
N SER A 3 0.78 -10.13 22.10
CA SER A 3 1.32 -10.47 20.77
C SER A 3 2.80 -10.07 20.65
N GLY A 4 3.49 -10.54 19.61
CA GLY A 4 4.92 -10.30 19.38
C GLY A 4 5.44 -10.75 18.01
N SER A 5 4.60 -10.74 16.97
CA SER A 5 4.90 -11.27 15.63
C SER A 5 4.36 -10.37 14.52
N SER A 6 5.10 -10.29 13.40
CA SER A 6 4.77 -9.53 12.18
C SER A 6 5.58 -10.03 10.98
N GLY A 7 5.20 -9.63 9.76
CA GLY A 7 5.87 -10.05 8.52
C GLY A 7 5.66 -9.11 7.32
N PHE A 8 5.36 -7.83 7.57
CA PHE A 8 5.14 -6.81 6.55
C PHE A 8 6.45 -6.36 5.88
N ASP A 9 6.38 -5.99 4.59
CA ASP A 9 7.45 -5.33 3.82
C ASP A 9 6.82 -4.36 2.82
N PHE A 10 7.26 -3.10 2.85
CA PHE A 10 6.76 -1.98 2.04
C PHE A 10 7.92 -1.27 1.31
N LYS A 11 7.66 -0.69 0.13
CA LYS A 11 8.63 0.10 -0.66
C LYS A 11 7.99 1.28 -1.39
N ALA A 12 8.70 2.41 -1.47
CA ALA A 12 8.27 3.57 -2.24
C ALA A 12 8.14 3.23 -3.74
N GLY A 13 7.06 3.68 -4.37
CA GLY A 13 6.69 3.35 -5.76
C GLY A 13 5.75 2.15 -5.91
N GLU A 14 5.55 1.34 -4.86
CA GLU A 14 4.56 0.25 -4.87
C GLU A 14 3.12 0.76 -4.88
N GLU A 15 2.17 -0.10 -5.25
CA GLU A 15 0.72 0.16 -5.12
C GLU A 15 0.12 -0.56 -3.89
N VAL A 16 -0.83 0.11 -3.23
CA VAL A 16 -1.48 -0.29 -1.98
C VAL A 16 -2.95 0.15 -1.97
N LEU A 17 -3.76 -0.44 -1.07
CA LEU A 17 -5.10 0.03 -0.78
C LEU A 17 -5.02 1.13 0.30
N ALA A 18 -5.77 2.22 0.15
CA ALA A 18 -5.84 3.27 1.16
C ALA A 18 -7.20 4.00 1.16
N ARG A 19 -7.61 4.53 2.31
CA ARG A 19 -8.90 5.22 2.52
C ARG A 19 -8.83 6.69 2.13
N TRP A 20 -9.94 7.29 1.67
CA TRP A 20 -9.98 8.71 1.27
C TRP A 20 -11.34 9.40 1.43
N THR A 21 -12.46 8.73 1.12
CA THR A 21 -13.81 9.37 1.01
C THR A 21 -14.91 8.61 1.75
N ASP A 22 -14.83 7.28 1.81
CA ASP A 22 -15.79 6.38 2.46
C ASP A 22 -15.06 5.18 3.11
N CYS A 23 -15.79 4.28 3.76
CA CYS A 23 -15.25 3.07 4.40
C CYS A 23 -14.56 2.10 3.40
N ARG A 24 -14.90 2.15 2.11
CA ARG A 24 -14.20 1.44 1.03
C ARG A 24 -12.83 2.07 0.73
N TYR A 25 -11.77 1.25 0.84
CA TYR A 25 -10.42 1.61 0.39
C TYR A 25 -10.35 1.66 -1.15
N TYR A 26 -9.40 2.42 -1.69
CA TYR A 26 -9.15 2.58 -3.13
C TYR A 26 -7.67 2.35 -3.46
N PRO A 27 -7.30 1.99 -4.70
CA PRO A 27 -5.90 1.85 -5.09
C PRO A 27 -5.17 3.20 -5.09
N ALA A 28 -3.96 3.19 -4.52
CA ALA A 28 -3.05 4.32 -4.41
C ALA A 28 -1.59 3.83 -4.55
N LYS A 29 -0.63 4.76 -4.61
CA LYS A 29 0.80 4.50 -4.76
C LYS A 29 1.58 5.21 -3.65
N ILE A 30 2.55 4.53 -3.03
CA ILE A 30 3.41 5.12 -2.00
C ILE A 30 4.41 6.08 -2.66
N GLU A 31 4.41 7.35 -2.24
CA GLU A 31 5.41 8.36 -2.60
C GLU A 31 6.62 8.33 -1.65
N ALA A 32 6.39 8.11 -0.35
CA ALA A 32 7.43 8.00 0.68
C ALA A 32 6.97 7.23 1.92
N ILE A 33 7.94 6.78 2.73
CA ILE A 33 7.74 5.95 3.93
C ILE A 33 8.47 6.59 5.12
N ASN A 34 7.77 6.73 6.25
CA ASN A 34 8.22 7.34 7.51
C ASN A 34 8.81 8.77 7.43
N LYS A 35 8.66 9.47 6.28
CA LYS A 35 9.20 10.83 6.02
C LYS A 35 8.75 11.88 7.04
N GLU A 36 7.53 11.72 7.56
CA GLU A 36 6.96 12.54 8.64
C GLU A 36 6.12 11.65 9.59
N GLY A 37 6.71 10.54 10.04
CA GLY A 37 6.06 9.52 10.90
C GLY A 37 4.82 8.85 10.29
N THR A 38 4.66 8.96 8.97
CA THR A 38 3.48 8.60 8.17
C THR A 38 3.88 8.14 6.77
N PHE A 39 2.93 7.60 6.01
CA PHE A 39 3.11 7.18 4.62
C PHE A 39 2.56 8.27 3.68
N THR A 40 3.44 8.93 2.93
CA THR A 40 3.05 9.85 1.86
C THR A 40 2.55 9.02 0.67
N VAL A 41 1.39 9.37 0.11
CA VAL A 41 0.69 8.57 -0.90
C VAL A 41 0.05 9.44 -1.98
N GLN A 42 -0.05 8.89 -3.19
CA GLN A 42 -0.69 9.49 -4.36
C GLN A 42 -1.82 8.58 -4.85
N PHE A 43 -3.03 9.14 -5.02
CA PHE A 43 -4.20 8.40 -5.50
C PHE A 43 -4.35 8.53 -7.03
N TYR A 44 -5.23 7.71 -7.62
CA TYR A 44 -5.46 7.65 -9.07
C TYR A 44 -5.92 8.97 -9.73
N ASP A 45 -6.47 9.91 -8.94
CA ASP A 45 -6.79 11.28 -9.39
C ASP A 45 -5.55 12.19 -9.57
N GLY A 46 -4.38 11.78 -9.06
CA GLY A 46 -3.12 12.52 -9.11
C GLY A 46 -2.82 13.35 -7.83
N VAL A 47 -3.80 13.51 -6.95
CA VAL A 47 -3.69 14.19 -5.64
C VAL A 47 -2.72 13.45 -4.69
N ILE A 48 -2.05 14.20 -3.80
CA ILE A 48 -1.02 13.70 -2.86
C ILE A 48 -1.30 14.22 -1.44
N ARG A 49 -1.30 13.32 -0.46
CA ARG A 49 -1.41 13.56 0.99
C ARG A 49 -0.58 12.52 1.77
N CYS A 50 -0.71 12.45 3.08
CA CYS A 50 -0.13 11.42 3.93
C CYS A 50 -1.17 10.78 4.86
N LEU A 51 -0.95 9.51 5.23
CA LEU A 51 -1.87 8.69 6.02
C LEU A 51 -1.15 7.82 7.06
N LYS A 52 -1.90 7.39 8.07
CA LYS A 52 -1.47 6.41 9.08
C LYS A 52 -1.65 4.98 8.56
N ARG A 53 -0.87 4.04 9.13
CA ARG A 53 -1.01 2.58 8.90
C ARG A 53 -2.41 2.01 9.16
N MET A 54 -3.20 2.67 10.02
CA MET A 54 -4.60 2.35 10.32
C MET A 54 -5.54 2.46 9.09
N HIS A 55 -5.14 3.21 8.05
CA HIS A 55 -5.98 3.59 6.90
C HIS A 55 -5.40 3.09 5.56
N ILE A 56 -4.48 2.12 5.61
CA ILE A 56 -3.73 1.55 4.49
C ILE A 56 -3.70 0.03 4.63
N LYS A 57 -3.72 -0.71 3.52
CA LYS A 57 -3.51 -2.18 3.46
C LYS A 57 -2.54 -2.54 2.33
N ALA A 58 -1.72 -3.56 2.55
CA ALA A 58 -0.95 -4.19 1.49
C ALA A 58 -1.90 -4.87 0.49
N MET A 59 -1.50 -5.00 -0.78
CA MET A 59 -2.29 -5.71 -1.79
C MET A 59 -2.51 -7.19 -1.44
N PRO A 60 -3.65 -7.79 -1.83
CA PRO A 60 -3.98 -9.20 -1.54
C PRO A 60 -3.13 -10.19 -2.35
N GLU A 61 -3.21 -11.47 -1.98
CA GLU A 61 -2.48 -12.57 -2.64
C GLU A 61 -2.78 -12.73 -4.14
N ASP A 62 -3.95 -12.26 -4.59
CA ASP A 62 -4.38 -12.29 -6.00
C ASP A 62 -3.79 -11.15 -6.86
N ALA A 63 -3.21 -10.11 -6.26
CA ALA A 63 -2.68 -8.94 -6.98
C ALA A 63 -1.37 -9.24 -7.75
N LYS A 64 -1.15 -8.47 -8.83
CA LYS A 64 0.07 -8.48 -9.67
C LYS A 64 0.24 -7.13 -10.39
N GLY A 65 1.48 -6.74 -10.67
CA GLY A 65 1.78 -5.51 -11.42
C GLY A 65 3.27 -5.27 -11.68
N GLN A 66 4.12 -5.44 -10.66
CA GLN A 66 5.58 -5.45 -10.81
C GLN A 66 6.07 -6.77 -11.47
N ASP A 67 7.36 -6.83 -11.82
CA ASP A 67 8.07 -8.03 -12.32
C ASP A 67 9.46 -8.14 -11.64
N TRP A 68 10.22 -9.19 -12.00
CA TRP A 68 11.56 -9.48 -11.48
C TRP A 68 12.55 -10.04 -12.53
N ILE A 69 12.06 -10.45 -13.71
CA ILE A 69 12.90 -10.79 -14.88
C ILE A 69 13.59 -9.53 -15.44
N ALA A 70 13.01 -8.36 -15.15
CA ALA A 70 13.52 -7.03 -15.42
C ALA A 70 13.56 -6.20 -14.10
N LEU A 71 14.02 -4.95 -14.18
CA LEU A 71 14.32 -4.07 -13.03
C LEU A 71 15.35 -4.69 -12.04
N VAL A 72 16.20 -5.62 -12.53
CA VAL A 72 17.16 -6.40 -11.73
C VAL A 72 18.21 -5.48 -11.08
N LYS A 73 18.33 -5.54 -9.75
CA LYS A 73 19.30 -4.78 -8.94
C LYS A 73 20.75 -5.23 -9.14
N ALA A 74 21.71 -4.37 -8.74
CA ALA A 74 23.15 -4.66 -8.71
C ALA A 74 23.52 -5.86 -7.83
N GLY A 1 -5.37 -20.91 17.35
CA GLY A 1 -4.35 -21.12 16.32
C GLY A 1 -4.85 -20.63 14.96
N SER A 2 -4.02 -19.87 14.24
CA SER A 2 -4.35 -19.22 12.95
C SER A 2 -3.14 -19.23 11.99
N SER A 3 -3.39 -18.96 10.71
CA SER A 3 -2.37 -18.81 9.65
C SER A 3 -2.90 -17.99 8.45
N GLY A 4 -2.00 -17.53 7.59
CA GLY A 4 -2.31 -16.72 6.40
C GLY A 4 -1.07 -16.37 5.56
N SER A 5 -1.27 -15.57 4.51
CA SER A 5 -0.18 -15.09 3.63
C SER A 5 0.81 -14.19 4.37
N SER A 6 2.11 -14.37 4.10
CA SER A 6 3.25 -13.70 4.77
C SER A 6 4.44 -13.54 3.82
N GLY A 7 5.46 -12.78 4.23
CA GLY A 7 6.73 -12.65 3.51
C GLY A 7 6.81 -11.45 2.56
N PHE A 8 6.17 -10.33 2.91
CA PHE A 8 6.10 -9.10 2.12
C PHE A 8 6.16 -7.83 2.99
N ASP A 9 6.48 -6.69 2.36
CA ASP A 9 6.63 -5.38 3.00
C ASP A 9 6.50 -4.23 1.97
N PHE A 10 6.10 -3.04 2.44
CA PHE A 10 5.97 -1.82 1.63
C PHE A 10 7.34 -1.19 1.31
N LYS A 11 7.41 -0.52 0.15
CA LYS A 11 8.55 0.27 -0.34
C LYS A 11 8.10 1.52 -1.11
N ALA A 12 9.01 2.45 -1.33
CA ALA A 12 8.78 3.60 -2.22
C ALA A 12 8.43 3.12 -3.64
N GLY A 13 7.34 3.65 -4.20
CA GLY A 13 6.81 3.28 -5.51
C GLY A 13 5.89 2.05 -5.52
N GLU A 14 5.65 1.39 -4.37
CA GLU A 14 4.72 0.26 -4.28
C GLU A 14 3.26 0.69 -4.47
N GLU A 15 2.45 -0.18 -5.08
CA GLU A 15 1.01 0.02 -5.26
C GLU A 15 0.21 -0.69 -4.14
N VAL A 16 -0.74 0.04 -3.54
CA VAL A 16 -1.45 -0.32 -2.31
C VAL A 16 -2.92 0.15 -2.35
N LEU A 17 -3.68 -0.16 -1.30
CA LEU A 17 -5.00 0.40 -1.05
C LEU A 17 -4.90 1.37 0.15
N ALA A 18 -5.60 2.50 0.08
CA ALA A 18 -5.58 3.52 1.13
C ALA A 18 -6.98 4.11 1.37
N ARG A 19 -7.36 4.29 2.65
CA ARG A 19 -8.58 4.97 3.07
C ARG A 19 -8.41 6.49 2.96
N TRP A 20 -9.35 7.16 2.30
CA TRP A 20 -9.33 8.61 2.10
C TRP A 20 -10.11 9.35 3.20
N THR A 21 -10.52 10.61 2.95
CA THR A 21 -11.46 11.33 3.84
C THR A 21 -12.84 10.64 3.92
N ASP A 22 -13.24 9.92 2.85
CA ASP A 22 -14.40 9.02 2.83
C ASP A 22 -14.12 7.69 3.54
N CYS A 23 -15.17 7.02 4.04
CA CYS A 23 -15.12 5.74 4.76
C CYS A 23 -14.84 4.50 3.87
N ARG A 24 -14.01 4.67 2.81
CA ARG A 24 -13.73 3.67 1.77
C ARG A 24 -12.24 3.64 1.40
N TYR A 25 -11.73 2.46 1.07
CA TYR A 25 -10.40 2.25 0.51
C TYR A 25 -10.41 2.42 -1.02
N TYR A 26 -9.28 2.89 -1.57
CA TYR A 26 -9.08 3.18 -3.00
C TYR A 26 -7.65 2.81 -3.43
N PRO A 27 -7.40 2.52 -4.72
CA PRO A 27 -6.06 2.24 -5.24
C PRO A 27 -5.16 3.49 -5.20
N ALA A 28 -3.93 3.29 -4.72
CA ALA A 28 -2.93 4.34 -4.54
C ALA A 28 -1.49 3.80 -4.70
N LYS A 29 -0.50 4.69 -4.71
CA LYS A 29 0.93 4.39 -4.86
C LYS A 29 1.75 5.16 -3.82
N ILE A 30 2.65 4.48 -3.10
CA ILE A 30 3.48 5.08 -2.04
C ILE A 30 4.53 6.02 -2.66
N GLU A 31 4.46 7.30 -2.30
CA GLU A 31 5.41 8.35 -2.69
C GLU A 31 6.56 8.50 -1.68
N ALA A 32 6.30 8.27 -0.38
CA ALA A 32 7.30 8.31 0.69
C ALA A 32 6.87 7.50 1.92
N ILE A 33 7.85 7.15 2.77
CA ILE A 33 7.70 6.33 3.99
C ILE A 33 8.45 7.01 5.14
N ASN A 34 7.81 7.11 6.32
CA ASN A 34 8.34 7.79 7.51
C ASN A 34 8.01 6.99 8.78
N LYS A 35 8.98 6.21 9.27
CA LYS A 35 8.87 5.37 10.48
C LYS A 35 8.37 6.14 11.71
N GLU A 36 7.64 5.43 12.59
CA GLU A 36 6.98 5.98 13.79
C GLU A 36 6.11 7.23 13.52
N GLY A 37 5.46 7.29 12.34
CA GLY A 37 4.66 8.45 11.91
C GLY A 37 3.60 8.13 10.85
N THR A 38 3.94 8.30 9.56
CA THR A 38 3.00 8.27 8.43
C THR A 38 3.63 7.73 7.13
N PHE A 39 2.79 7.59 6.10
CA PHE A 39 3.19 7.24 4.73
C PHE A 39 2.50 8.23 3.77
N THR A 40 3.21 8.67 2.73
CA THR A 40 2.67 9.59 1.71
C THR A 40 2.26 8.77 0.49
N VAL A 41 1.08 9.04 -0.07
CA VAL A 41 0.48 8.27 -1.16
C VAL A 41 -0.14 9.18 -2.23
N GLN A 42 0.02 8.79 -3.50
CA GLN A 42 -0.66 9.39 -4.65
C GLN A 42 -1.85 8.49 -5.05
N PHE A 43 -3.03 9.08 -5.19
CA PHE A 43 -4.25 8.40 -5.61
C PHE A 43 -4.38 8.32 -7.15
N TYR A 44 -5.28 7.46 -7.62
CA TYR A 44 -5.65 7.32 -9.03
C TYR A 44 -6.07 8.63 -9.71
N ASP A 45 -6.64 9.58 -8.96
CA ASP A 45 -7.03 10.92 -9.42
C ASP A 45 -5.83 11.86 -9.67
N GLY A 46 -4.67 11.57 -9.08
CA GLY A 46 -3.42 12.34 -9.18
C GLY A 46 -3.04 13.11 -7.91
N VAL A 47 -4.01 13.38 -7.03
CA VAL A 47 -3.83 14.04 -5.72
C VAL A 47 -2.89 13.25 -4.80
N ILE A 48 -2.17 13.97 -3.92
CA ILE A 48 -1.17 13.41 -2.99
C ILE A 48 -1.40 13.96 -1.58
N ARG A 49 -1.52 13.05 -0.59
CA ARG A 49 -1.62 13.33 0.86
C ARG A 49 -0.86 12.25 1.65
N CYS A 50 -0.81 12.37 2.98
CA CYS A 50 -0.21 11.37 3.87
C CYS A 50 -1.22 10.84 4.91
N LEU A 51 -0.97 9.61 5.38
CA LEU A 51 -1.89 8.81 6.20
C LEU A 51 -1.15 7.99 7.26
N LYS A 52 -1.87 7.62 8.32
CA LYS A 52 -1.44 6.65 9.36
C LYS A 52 -1.43 5.22 8.81
N ARG A 53 -0.66 4.33 9.46
CA ARG A 53 -0.61 2.88 9.17
C ARG A 53 -1.98 2.20 9.16
N MET A 54 -2.85 2.61 10.07
CA MET A 54 -4.23 2.11 10.26
C MET A 54 -5.20 2.51 9.14
N HIS A 55 -4.72 3.20 8.10
CA HIS A 55 -5.49 3.67 6.93
C HIS A 55 -4.94 3.14 5.60
N ILE A 56 -4.03 2.15 5.61
CA ILE A 56 -3.37 1.59 4.42
C ILE A 56 -3.35 0.05 4.51
N LYS A 57 -3.55 -0.61 3.37
CA LYS A 57 -3.59 -2.08 3.20
C LYS A 57 -2.84 -2.49 1.92
N ALA A 58 -2.31 -3.72 1.93
CA ALA A 58 -1.74 -4.33 0.73
C ALA A 58 -2.85 -4.59 -0.32
N MET A 59 -2.59 -4.29 -1.58
CA MET A 59 -3.50 -4.65 -2.69
C MET A 59 -3.50 -6.18 -2.87
N PRO A 60 -4.67 -6.84 -2.94
CA PRO A 60 -4.75 -8.31 -2.93
C PRO A 60 -4.29 -8.95 -4.24
N GLU A 61 -4.02 -10.25 -4.19
CA GLU A 61 -3.59 -11.12 -5.31
C GLU A 61 -4.71 -11.40 -6.35
N ASP A 62 -5.88 -10.76 -6.22
CA ASP A 62 -7.10 -10.98 -7.00
C ASP A 62 -7.74 -9.66 -7.49
N ALA A 63 -6.92 -8.61 -7.66
CA ALA A 63 -7.33 -7.29 -8.16
C ALA A 63 -6.36 -6.74 -9.23
N LYS A 64 -6.83 -5.81 -10.06
CA LYS A 64 -6.06 -5.16 -11.14
C LYS A 64 -4.93 -4.29 -10.57
N GLY A 65 -3.69 -4.79 -10.66
CA GLY A 65 -2.50 -4.17 -10.08
C GLY A 65 -1.28 -5.10 -10.11
N GLN A 66 -0.38 -4.96 -9.14
CA GLN A 66 0.81 -5.82 -8.96
C GLN A 66 0.90 -6.42 -7.55
N ASP A 67 1.66 -7.52 -7.45
CA ASP A 67 2.08 -8.16 -6.19
C ASP A 67 3.42 -8.90 -6.39
N TRP A 68 4.11 -9.18 -5.27
CA TRP A 68 5.48 -9.73 -5.27
C TRP A 68 5.67 -10.84 -4.21
N ILE A 69 4.57 -11.50 -3.82
CA ILE A 69 4.54 -12.58 -2.84
C ILE A 69 5.39 -13.77 -3.32
N ALA A 70 6.09 -14.38 -2.37
CA ALA A 70 6.94 -15.58 -2.55
C ALA A 70 7.98 -15.47 -3.69
N LEU A 71 8.61 -14.29 -3.84
CA LEU A 71 9.67 -13.99 -4.82
C LEU A 71 11.00 -14.76 -4.65
N VAL A 72 11.10 -15.67 -3.67
CA VAL A 72 12.31 -16.45 -3.33
C VAL A 72 11.94 -17.87 -2.87
N LYS A 73 12.91 -18.80 -2.91
CA LYS A 73 12.76 -20.23 -2.60
C LYS A 73 13.95 -20.73 -1.77
N ALA A 74 13.68 -21.62 -0.80
CA ALA A 74 14.66 -22.26 0.09
C ALA A 74 15.75 -23.05 -0.67
N GLY A 1 -8.19 -10.48 12.96
CA GLY A 1 -6.73 -10.70 12.99
C GLY A 1 -6.34 -12.00 12.31
N SER A 2 -5.06 -12.13 11.94
CA SER A 2 -4.48 -13.34 11.32
C SER A 2 -2.98 -13.48 11.64
N SER A 3 -2.50 -14.72 11.73
CA SER A 3 -1.12 -15.10 12.10
C SER A 3 -0.12 -14.99 10.92
N GLY A 4 -0.20 -13.90 10.13
CA GLY A 4 0.66 -13.66 8.97
C GLY A 4 2.17 -13.70 9.30
N SER A 5 2.96 -14.31 8.40
CA SER A 5 4.41 -14.51 8.57
C SER A 5 5.23 -13.23 8.36
N SER A 6 6.42 -13.19 8.99
CA SER A 6 7.42 -12.14 8.79
C SER A 6 8.16 -12.31 7.44
N GLY A 7 8.57 -11.19 6.83
CA GLY A 7 9.38 -11.14 5.60
C GLY A 7 8.90 -10.09 4.59
N PHE A 8 7.61 -9.73 4.63
CA PHE A 8 7.01 -8.71 3.76
C PHE A 8 7.19 -7.29 4.33
N ASP A 9 7.39 -6.31 3.45
CA ASP A 9 7.50 -4.88 3.76
C ASP A 9 7.00 -4.01 2.59
N PHE A 10 6.41 -2.85 2.91
CA PHE A 10 6.09 -1.81 1.91
C PHE A 10 7.37 -1.11 1.41
N LYS A 11 7.30 -0.53 0.20
CA LYS A 11 8.36 0.27 -0.43
C LYS A 11 7.78 1.43 -1.26
N ALA A 12 8.53 2.52 -1.38
CA ALA A 12 8.16 3.62 -2.28
C ALA A 12 8.09 3.15 -3.74
N GLY A 13 7.09 3.63 -4.48
CA GLY A 13 6.78 3.23 -5.85
C GLY A 13 5.76 2.08 -5.97
N GLU A 14 5.54 1.32 -4.90
CA GLU A 14 4.55 0.23 -4.83
C GLU A 14 3.11 0.76 -4.80
N GLU A 15 2.17 0.03 -5.39
CA GLU A 15 0.72 0.31 -5.28
C GLU A 15 0.07 -0.49 -4.13
N VAL A 16 -0.85 0.17 -3.44
CA VAL A 16 -1.55 -0.32 -2.23
C VAL A 16 -3.00 0.19 -2.21
N LEU A 17 -3.82 -0.37 -1.33
CA LEU A 17 -5.16 0.11 -1.05
C LEU A 17 -5.12 1.07 0.15
N ALA A 18 -5.84 2.19 0.09
CA ALA A 18 -5.89 3.15 1.20
C ALA A 18 -7.25 3.87 1.29
N ARG A 19 -7.62 4.31 2.49
CA ARG A 19 -8.89 5.00 2.79
C ARG A 19 -8.78 6.50 2.44
N TRP A 20 -9.90 7.11 2.03
CA TRP A 20 -9.92 8.53 1.60
C TRP A 20 -11.19 9.32 1.99
N THR A 21 -12.39 8.73 1.85
CA THR A 21 -13.68 9.46 1.98
C THR A 21 -14.72 8.73 2.84
N ASP A 22 -14.68 7.40 2.88
CA ASP A 22 -15.70 6.53 3.50
C ASP A 22 -15.07 5.23 4.04
N CYS A 23 -15.86 4.19 4.30
CA CYS A 23 -15.36 2.88 4.76
C CYS A 23 -14.54 2.12 3.69
N ARG A 24 -14.85 2.30 2.39
CA ARG A 24 -14.12 1.67 1.26
C ARG A 24 -12.66 2.14 1.16
N TYR A 25 -11.82 1.29 0.59
CA TYR A 25 -10.46 1.62 0.18
C TYR A 25 -10.40 1.86 -1.34
N TYR A 26 -9.38 2.61 -1.78
CA TYR A 26 -9.14 2.96 -3.18
C TYR A 26 -7.63 2.85 -3.50
N PRO A 27 -7.24 2.60 -4.77
CA PRO A 27 -5.84 2.38 -5.12
C PRO A 27 -5.01 3.66 -5.06
N ALA A 28 -3.79 3.53 -4.52
CA ALA A 28 -2.80 4.60 -4.39
C ALA A 28 -1.37 4.06 -4.52
N LYS A 29 -0.42 4.95 -4.83
CA LYS A 29 1.02 4.69 -4.96
C LYS A 29 1.76 5.32 -3.77
N ILE A 30 2.58 4.54 -3.07
CA ILE A 30 3.43 5.06 -1.98
C ILE A 30 4.55 5.94 -2.56
N GLU A 31 4.80 7.10 -1.94
CA GLU A 31 5.87 8.03 -2.31
C GLU A 31 6.93 8.18 -1.20
N ALA A 32 6.56 7.97 0.05
CA ALA A 32 7.47 7.98 1.21
C ALA A 32 6.92 7.13 2.36
N ILE A 33 7.82 6.61 3.21
CA ILE A 33 7.53 5.67 4.30
C ILE A 33 8.23 6.16 5.57
N ASN A 34 7.42 6.43 6.61
CA ASN A 34 7.85 6.91 7.94
C ASN A 34 8.79 8.14 7.95
N LYS A 35 8.86 8.90 6.84
CA LYS A 35 9.80 10.01 6.61
C LYS A 35 9.72 11.13 7.66
N GLU A 36 8.50 11.40 8.15
CA GLU A 36 8.17 12.40 9.18
C GLU A 36 7.26 11.79 10.27
N GLY A 37 7.26 10.47 10.41
CA GLY A 37 6.34 9.71 11.28
C GLY A 37 5.04 9.27 10.58
N THR A 38 4.97 9.37 9.26
CA THR A 38 3.76 9.19 8.44
C THR A 38 4.12 8.60 7.06
N PHE A 39 3.17 8.00 6.37
CA PHE A 39 3.30 7.51 4.98
C PHE A 39 2.73 8.55 4.03
N THR A 40 3.38 8.80 2.89
CA THR A 40 2.92 9.75 1.85
C THR A 40 2.50 8.97 0.61
N VAL A 41 1.35 9.33 0.02
CA VAL A 41 0.68 8.55 -1.02
C VAL A 41 0.05 9.44 -2.11
N GLN A 42 -0.03 8.90 -3.33
CA GLN A 42 -0.68 9.51 -4.48
C GLN A 42 -1.79 8.58 -4.99
N PHE A 43 -3.05 8.99 -4.84
CA PHE A 43 -4.21 8.22 -5.31
C PHE A 43 -4.35 8.26 -6.84
N TYR A 44 -5.10 7.32 -7.41
CA TYR A 44 -5.29 7.15 -8.87
C TYR A 44 -5.80 8.41 -9.60
N ASP A 45 -6.52 9.30 -8.91
CA ASP A 45 -6.98 10.60 -9.42
C ASP A 45 -5.84 11.62 -9.67
N GLY A 46 -4.69 11.44 -9.03
CA GLY A 46 -3.50 12.30 -9.12
C GLY A 46 -3.23 13.14 -7.87
N VAL A 47 -4.20 13.23 -6.94
CA VAL A 47 -4.10 13.95 -5.65
C VAL A 47 -3.07 13.29 -4.71
N ILE A 48 -2.43 14.11 -3.85
CA ILE A 48 -1.34 13.71 -2.95
C ILE A 48 -1.61 14.24 -1.53
N ARG A 49 -1.62 13.34 -0.54
CA ARG A 49 -1.67 13.61 0.91
C ARG A 49 -0.82 12.56 1.67
N CYS A 50 -0.84 12.60 2.99
CA CYS A 50 -0.21 11.62 3.87
C CYS A 50 -1.20 11.02 4.87
N LEU A 51 -0.95 9.77 5.29
CA LEU A 51 -1.86 8.93 6.09
C LEU A 51 -1.08 8.07 7.10
N LYS A 52 -1.74 7.72 8.21
CA LYS A 52 -1.27 6.71 9.16
C LYS A 52 -1.37 5.32 8.52
N ARG A 53 -0.52 4.37 8.91
CA ARG A 53 -0.55 2.99 8.42
C ARG A 53 -1.89 2.29 8.68
N MET A 54 -2.58 2.68 9.76
CA MET A 54 -3.93 2.25 10.13
C MET A 54 -5.02 2.55 9.07
N HIS A 55 -4.68 3.30 8.01
CA HIS A 55 -5.57 3.69 6.89
C HIS A 55 -5.11 3.09 5.54
N ILE A 56 -4.14 2.16 5.56
CA ILE A 56 -3.50 1.57 4.36
C ILE A 56 -3.48 0.04 4.50
N LYS A 57 -3.66 -0.68 3.38
CA LYS A 57 -3.74 -2.14 3.25
C LYS A 57 -2.98 -2.64 2.03
N ALA A 58 -2.50 -3.87 2.09
CA ALA A 58 -1.93 -4.57 0.94
C ALA A 58 -2.99 -4.85 -0.15
N MET A 59 -2.53 -5.08 -1.38
CA MET A 59 -3.38 -5.56 -2.49
C MET A 59 -3.99 -6.95 -2.20
N PRO A 60 -5.11 -7.33 -2.86
CA PRO A 60 -5.89 -8.53 -2.55
C PRO A 60 -5.28 -9.88 -2.97
N GLU A 61 -4.02 -9.88 -3.41
CA GLU A 61 -3.29 -11.02 -4.00
C GLU A 61 -3.90 -11.48 -5.35
N ASP A 62 -4.54 -10.54 -6.05
CA ASP A 62 -5.19 -10.74 -7.37
C ASP A 62 -4.88 -9.60 -8.36
N ALA A 63 -4.63 -8.37 -7.87
CA ALA A 63 -4.11 -7.26 -8.67
C ALA A 63 -2.68 -7.53 -9.16
N LYS A 64 -2.47 -7.50 -10.49
CA LYS A 64 -1.17 -7.76 -11.16
C LYS A 64 -1.10 -7.03 -12.51
N GLY A 65 0.11 -6.71 -12.97
CA GLY A 65 0.35 -5.97 -14.22
C GLY A 65 1.82 -5.99 -14.66
N GLN A 66 2.27 -4.95 -15.36
CA GLN A 66 3.69 -4.73 -15.64
C GLN A 66 4.40 -4.29 -14.34
N ASP A 67 5.19 -5.20 -13.75
CA ASP A 67 5.80 -5.04 -12.42
C ASP A 67 7.17 -5.76 -12.29
N TRP A 68 7.75 -5.71 -11.10
CA TRP A 68 9.14 -6.13 -10.81
C TRP A 68 9.22 -7.06 -9.57
N ILE A 69 8.24 -7.95 -9.41
CA ILE A 69 8.20 -8.97 -8.34
C ILE A 69 9.42 -9.93 -8.33
N ALA A 70 10.12 -10.04 -9.46
CA ALA A 70 11.42 -10.72 -9.61
C ALA A 70 12.27 -10.00 -10.68
N LEU A 71 13.56 -9.82 -10.39
CA LEU A 71 14.51 -9.04 -11.21
C LEU A 71 15.97 -9.53 -11.07
N VAL A 72 16.17 -10.79 -10.66
CA VAL A 72 17.47 -11.37 -10.27
C VAL A 72 17.65 -12.78 -10.83
N LYS A 73 18.92 -13.21 -10.99
CA LYS A 73 19.32 -14.53 -11.49
C LYS A 73 18.72 -15.70 -10.67
N ALA A 74 18.32 -16.76 -11.36
CA ALA A 74 17.73 -17.99 -10.80
C ALA A 74 18.10 -19.24 -11.64
N GLY A 1 -0.30 -0.93 17.97
CA GLY A 1 -0.37 -2.37 17.63
C GLY A 1 0.42 -2.67 16.38
N SER A 2 1.26 -3.71 16.43
CA SER A 2 2.17 -4.15 15.35
C SER A 2 2.30 -5.68 15.31
N SER A 3 2.81 -6.22 14.20
CA SER A 3 3.07 -7.66 14.00
C SER A 3 4.05 -8.24 15.04
N GLY A 4 3.89 -9.52 15.38
CA GLY A 4 4.75 -10.23 16.34
C GLY A 4 6.11 -10.68 15.78
N SER A 5 6.29 -10.62 14.45
CA SER A 5 7.52 -10.98 13.73
C SER A 5 7.66 -10.19 12.41
N SER A 6 8.87 -10.22 11.82
CA SER A 6 9.18 -9.63 10.51
C SER A 6 8.55 -10.38 9.33
N GLY A 7 8.56 -9.77 8.15
CA GLY A 7 7.93 -10.27 6.91
C GLY A 7 8.17 -9.34 5.72
N PHE A 8 7.15 -9.14 4.89
CA PHE A 8 7.14 -8.11 3.83
C PHE A 8 7.36 -6.69 4.38
N ASP A 9 7.79 -5.77 3.51
CA ASP A 9 7.92 -4.33 3.77
C ASP A 9 7.49 -3.50 2.56
N PHE A 10 6.88 -2.35 2.81
CA PHE A 10 6.58 -1.34 1.78
C PHE A 10 7.84 -0.64 1.26
N LYS A 11 7.74 -0.03 0.07
CA LYS A 11 8.78 0.81 -0.56
C LYS A 11 8.15 1.92 -1.42
N ALA A 12 8.90 2.97 -1.71
CA ALA A 12 8.46 4.06 -2.59
C ALA A 12 8.12 3.52 -3.99
N GLY A 13 6.92 3.85 -4.49
CA GLY A 13 6.37 3.36 -5.75
C GLY A 13 5.48 2.11 -5.62
N GLU A 14 5.45 1.45 -4.45
CA GLU A 14 4.60 0.29 -4.19
C GLU A 14 3.10 0.68 -4.19
N GLU A 15 2.27 -0.09 -4.91
CA GLU A 15 0.82 0.12 -4.99
C GLU A 15 0.11 -0.45 -3.76
N VAL A 16 -0.94 0.24 -3.32
CA VAL A 16 -1.67 -0.03 -2.07
C VAL A 16 -3.15 0.37 -2.19
N LEU A 17 -3.94 -0.03 -1.19
CA LEU A 17 -5.32 0.41 -0.96
C LEU A 17 -5.34 1.25 0.32
N ALA A 18 -6.13 2.32 0.36
CA ALA A 18 -6.17 3.20 1.53
C ALA A 18 -7.52 3.94 1.68
N ARG A 19 -7.88 4.25 2.93
CA ARG A 19 -9.13 4.93 3.29
C ARG A 19 -8.99 6.44 3.09
N TRP A 20 -9.73 6.99 2.14
CA TRP A 20 -9.70 8.41 1.76
C TRP A 20 -10.75 9.24 2.50
N THR A 21 -11.11 10.42 1.98
CA THR A 21 -12.24 11.25 2.46
C THR A 21 -13.62 10.56 2.36
N ASP A 22 -13.68 9.43 1.64
CA ASP A 22 -14.83 8.53 1.48
C ASP A 22 -14.45 7.10 1.93
N CYS A 23 -15.42 6.35 2.44
CA CYS A 23 -15.19 5.06 3.13
C CYS A 23 -14.67 3.89 2.25
N ARG A 24 -14.77 3.98 0.92
CA ARG A 24 -14.22 2.98 -0.01
C ARG A 24 -12.68 2.99 -0.01
N TYR A 25 -12.09 1.87 -0.40
CA TYR A 25 -10.64 1.64 -0.47
C TYR A 25 -10.16 1.75 -1.92
N TYR A 26 -9.97 2.99 -2.37
CA TYR A 26 -9.54 3.32 -3.74
C TYR A 26 -8.06 2.96 -3.99
N PRO A 27 -7.66 2.68 -5.25
CA PRO A 27 -6.28 2.34 -5.59
C PRO A 27 -5.34 3.55 -5.48
N ALA A 28 -4.15 3.32 -4.92
CA ALA A 28 -3.11 4.32 -4.67
C ALA A 28 -1.71 3.70 -4.73
N LYS A 29 -0.68 4.51 -4.47
CA LYS A 29 0.71 4.09 -4.27
C LYS A 29 1.40 4.94 -3.20
N ILE A 30 2.42 4.39 -2.55
CA ILE A 30 3.23 5.09 -1.54
C ILE A 30 4.31 5.92 -2.23
N GLU A 31 4.46 7.17 -1.80
CA GLU A 31 5.43 8.15 -2.34
C GLU A 31 6.64 8.36 -1.41
N ALA A 32 6.46 8.21 -0.10
CA ALA A 32 7.53 8.32 0.91
C ALA A 32 7.20 7.53 2.19
N ILE A 33 8.25 7.13 2.93
CA ILE A 33 8.20 6.24 4.10
C ILE A 33 9.21 6.69 5.15
N ASN A 34 8.85 6.61 6.43
CA ASN A 34 9.77 6.76 7.57
C ASN A 34 9.27 5.97 8.80
N LYS A 35 10.20 5.64 9.72
CA LYS A 35 9.89 5.05 11.04
C LYS A 35 9.14 6.03 11.97
N GLU A 36 9.33 7.33 11.76
CA GLU A 36 8.77 8.44 12.56
C GLU A 36 8.25 9.55 11.62
N GLY A 37 7.22 9.22 10.83
CA GLY A 37 6.68 10.06 9.76
C GLY A 37 5.66 9.29 8.94
N THR A 38 4.44 9.79 8.91
CA THR A 38 3.30 9.30 8.08
C THR A 38 3.69 8.97 6.63
N PHE A 39 3.03 7.96 6.08
CA PHE A 39 3.21 7.51 4.70
C PHE A 39 2.58 8.51 3.73
N THR A 40 3.39 9.23 2.96
CA THR A 40 2.90 10.04 1.84
C THR A 40 2.38 9.09 0.75
N VAL A 41 1.21 9.39 0.17
CA VAL A 41 0.51 8.53 -0.79
C VAL A 41 -0.10 9.33 -1.94
N GLN A 42 -0.20 8.72 -3.11
CA GLN A 42 -0.82 9.28 -4.31
C GLN A 42 -1.88 8.33 -4.86
N PHE A 43 -3.10 8.83 -5.05
CA PHE A 43 -4.23 8.06 -5.59
C PHE A 43 -4.27 8.14 -7.13
N TYR A 44 -5.01 7.21 -7.75
CA TYR A 44 -5.11 7.06 -9.22
C TYR A 44 -5.48 8.34 -9.98
N ASP A 45 -6.24 9.25 -9.35
CA ASP A 45 -6.66 10.53 -9.92
C ASP A 45 -5.55 11.61 -9.97
N GLY A 46 -4.49 11.46 -9.14
CA GLY A 46 -3.31 12.33 -9.11
C GLY A 46 -3.04 13.03 -7.78
N VAL A 47 -4.04 13.22 -6.92
CA VAL A 47 -3.93 13.91 -5.61
C VAL A 47 -2.90 13.25 -4.67
N ILE A 48 -2.24 14.05 -3.83
CA ILE A 48 -1.21 13.62 -2.87
C ILE A 48 -1.52 14.18 -1.47
N ARG A 49 -1.55 13.29 -0.47
CA ARG A 49 -1.66 13.57 0.99
C ARG A 49 -0.80 12.56 1.77
N CYS A 50 -0.94 12.50 3.09
CA CYS A 50 -0.30 11.50 3.95
C CYS A 50 -1.32 10.80 4.88
N LEU A 51 -1.03 9.54 5.23
CA LEU A 51 -1.87 8.68 6.06
C LEU A 51 -1.02 7.82 7.03
N LYS A 52 -1.69 7.28 8.06
CA LYS A 52 -1.12 6.33 9.01
C LYS A 52 -1.30 4.89 8.52
N ARG A 53 -0.44 3.97 8.97
CA ARG A 53 -0.57 2.51 8.75
C ARG A 53 -1.94 1.91 9.11
N MET A 54 -2.65 2.53 10.06
CA MET A 54 -4.01 2.17 10.48
C MET A 54 -5.08 2.36 9.38
N HIS A 55 -4.72 3.05 8.29
CA HIS A 55 -5.62 3.47 7.20
C HIS A 55 -5.10 3.07 5.80
N ILE A 56 -4.10 2.18 5.73
CA ILE A 56 -3.44 1.69 4.50
C ILE A 56 -3.36 0.15 4.57
N LYS A 57 -3.52 -0.52 3.43
CA LYS A 57 -3.46 -1.97 3.23
C LYS A 57 -2.68 -2.31 1.96
N ALA A 58 -2.02 -3.46 1.96
CA ALA A 58 -1.33 -4.00 0.78
C ALA A 58 -2.35 -4.33 -0.34
N MET A 59 -1.91 -4.24 -1.60
CA MET A 59 -2.74 -4.54 -2.77
C MET A 59 -3.15 -6.03 -2.78
N PRO A 60 -4.47 -6.38 -2.74
CA PRO A 60 -4.93 -7.76 -2.59
C PRO A 60 -4.78 -8.59 -3.86
N GLU A 61 -4.97 -9.90 -3.73
CA GLU A 61 -5.00 -10.89 -4.81
C GLU A 61 -6.05 -10.54 -5.86
N ASP A 62 -5.57 -10.32 -7.08
CA ASP A 62 -6.37 -10.04 -8.29
C ASP A 62 -7.29 -8.80 -8.17
N ALA A 63 -6.81 -7.77 -7.46
CA ALA A 63 -7.51 -6.50 -7.13
C ALA A 63 -8.24 -5.83 -8.31
N LYS A 64 -9.52 -6.18 -8.51
CA LYS A 64 -10.40 -5.77 -9.64
C LYS A 64 -9.75 -5.85 -11.03
N GLY A 65 -8.77 -6.74 -11.20
CA GLY A 65 -7.95 -6.88 -12.42
C GLY A 65 -6.65 -7.67 -12.17
N GLN A 66 -5.85 -7.84 -13.24
CA GLN A 66 -4.64 -8.67 -13.24
C GLN A 66 -3.44 -7.91 -13.82
N ASP A 67 -2.29 -7.99 -13.14
CA ASP A 67 -1.01 -7.40 -13.54
C ASP A 67 0.17 -8.28 -13.08
N TRP A 68 1.31 -8.14 -13.75
CA TRP A 68 2.50 -9.03 -13.62
C TRP A 68 3.40 -8.68 -12.40
N ILE A 69 2.79 -8.32 -11.27
CA ILE A 69 3.46 -7.91 -10.03
C ILE A 69 3.81 -9.16 -9.17
N ALA A 70 3.84 -9.06 -7.84
CA ALA A 70 4.18 -10.11 -6.87
C ALA A 70 3.11 -11.23 -6.73
N LEU A 71 2.64 -11.77 -7.85
CA LEU A 71 1.64 -12.84 -7.98
C LEU A 71 2.07 -14.22 -7.41
N VAL A 72 3.33 -14.36 -6.99
CA VAL A 72 3.94 -15.56 -6.38
C VAL A 72 5.03 -15.16 -5.38
N LYS A 73 5.43 -16.08 -4.48
CA LYS A 73 6.43 -15.89 -3.41
C LYS A 73 7.47 -17.01 -3.43
N ALA A 74 8.73 -16.67 -3.12
CA ALA A 74 9.86 -17.59 -2.99
C ALA A 74 9.63 -18.72 -1.95
N GLY A 1 -8.24 -5.88 22.03
CA GLY A 1 -6.86 -6.34 21.82
C GLY A 1 -6.22 -5.69 20.61
N SER A 2 -5.24 -6.37 20.00
CA SER A 2 -4.52 -5.93 18.78
C SER A 2 -4.01 -7.14 17.97
N SER A 3 -3.56 -6.88 16.74
CA SER A 3 -3.14 -7.90 15.76
C SER A 3 -2.04 -7.39 14.81
N GLY A 4 -0.79 -7.40 15.29
CA GLY A 4 0.39 -7.00 14.51
C GLY A 4 1.73 -7.27 15.23
N SER A 5 2.83 -7.15 14.51
CA SER A 5 4.22 -7.28 15.01
C SER A 5 5.23 -6.67 14.02
N SER A 6 6.43 -6.35 14.49
CA SER A 6 7.55 -5.91 13.65
C SER A 6 8.04 -7.04 12.72
N GLY A 7 8.30 -6.71 11.45
CA GLY A 7 8.82 -7.63 10.43
C GLY A 7 8.35 -7.28 9.02
N PHE A 8 7.13 -6.77 8.88
CA PHE A 8 6.60 -6.21 7.63
C PHE A 8 7.08 -4.77 7.42
N ASP A 9 7.33 -4.40 6.16
CA ASP A 9 7.72 -3.05 5.73
C ASP A 9 7.20 -2.74 4.31
N PHE A 10 6.69 -1.52 4.12
CA PHE A 10 6.34 -0.99 2.79
C PHE A 10 7.58 -0.50 2.02
N LYS A 11 7.42 -0.25 0.72
CA LYS A 11 8.47 0.17 -0.22
C LYS A 11 8.08 1.45 -0.98
N ALA A 12 9.08 2.23 -1.40
CA ALA A 12 8.87 3.40 -2.24
C ALA A 12 8.42 3.00 -3.66
N GLY A 13 7.44 3.73 -4.21
CA GLY A 13 6.84 3.45 -5.52
C GLY A 13 5.90 2.24 -5.57
N GLU A 14 5.59 1.63 -4.42
CA GLU A 14 4.77 0.42 -4.32
C GLU A 14 3.26 0.73 -4.26
N GLU A 15 2.45 -0.10 -4.91
CA GLU A 15 0.99 0.06 -4.98
C GLU A 15 0.29 -0.58 -3.76
N VAL A 16 -0.74 0.09 -3.27
CA VAL A 16 -1.46 -0.20 -2.02
C VAL A 16 -2.95 0.14 -2.14
N LEU A 17 -3.75 -0.27 -1.15
CA LEU A 17 -5.15 0.14 -0.99
C LEU A 17 -5.23 1.08 0.22
N ALA A 18 -5.92 2.21 0.11
CA ALA A 18 -5.98 3.19 1.20
C ALA A 18 -7.31 3.98 1.19
N ARG A 19 -7.68 4.58 2.33
CA ARG A 19 -8.97 5.26 2.53
C ARG A 19 -8.85 6.77 2.38
N TRP A 20 -9.83 7.40 1.74
CA TRP A 20 -9.83 8.85 1.45
C TRP A 20 -11.15 9.58 1.71
N THR A 21 -12.31 8.91 1.60
CA THR A 21 -13.63 9.55 1.68
C THR A 21 -14.66 8.68 2.42
N ASP A 22 -14.88 7.45 1.95
CA ASP A 22 -15.88 6.51 2.51
C ASP A 22 -15.21 5.22 3.02
N CYS A 23 -16.00 4.31 3.62
CA CYS A 23 -15.51 3.05 4.20
C CYS A 23 -14.81 2.11 3.21
N ARG A 24 -15.05 2.25 1.90
CA ARG A 24 -14.35 1.53 0.83
C ARG A 24 -12.95 2.12 0.60
N TYR A 25 -11.92 1.28 0.62
CA TYR A 25 -10.57 1.66 0.18
C TYR A 25 -10.53 1.91 -1.34
N TYR A 26 -9.51 2.63 -1.80
CA TYR A 26 -9.26 2.95 -3.21
C TYR A 26 -7.79 2.64 -3.58
N PRO A 27 -7.47 2.41 -4.86
CA PRO A 27 -6.09 2.16 -5.30
C PRO A 27 -5.23 3.42 -5.14
N ALA A 28 -4.02 3.22 -4.60
CA ALA A 28 -3.03 4.26 -4.33
C ALA A 28 -1.59 3.71 -4.51
N LYS A 29 -0.59 4.59 -4.41
CA LYS A 29 0.83 4.26 -4.53
C LYS A 29 1.67 5.12 -3.57
N ILE A 30 2.58 4.50 -2.84
CA ILE A 30 3.48 5.19 -1.89
C ILE A 30 4.51 6.03 -2.65
N GLU A 31 4.48 7.35 -2.44
CA GLU A 31 5.46 8.31 -2.97
C GLU A 31 6.71 8.41 -2.07
N ALA A 32 6.53 8.33 -0.75
CA ALA A 32 7.59 8.43 0.25
C ALA A 32 7.20 7.77 1.59
N ILE A 33 8.21 7.45 2.40
CA ILE A 33 8.10 6.73 3.67
C ILE A 33 8.85 7.51 4.77
N ASN A 34 8.30 7.52 6.00
CA ASN A 34 8.86 8.27 7.13
C ASN A 34 8.96 7.42 8.41
N LYS A 35 7.87 6.75 8.80
CA LYS A 35 7.78 5.90 10.01
C LYS A 35 6.59 4.92 9.87
N GLU A 36 6.56 3.87 10.69
CA GLU A 36 5.45 2.91 10.78
C GLU A 36 4.07 3.54 11.07
N GLY A 37 4.02 4.81 11.50
CA GLY A 37 2.79 5.58 11.74
C GLY A 37 2.40 6.56 10.63
N THR A 38 3.27 6.85 9.65
CA THR A 38 3.03 7.85 8.57
C THR A 38 3.72 7.51 7.25
N PHE A 39 2.92 7.51 6.17
CA PHE A 39 3.34 7.23 4.80
C PHE A 39 2.74 8.26 3.83
N THR A 40 3.47 8.66 2.80
CA THR A 40 3.00 9.62 1.77
C THR A 40 2.49 8.84 0.56
N VAL A 41 1.26 9.10 0.12
CA VAL A 41 0.57 8.29 -0.89
C VAL A 41 -0.16 9.15 -1.93
N GLN A 42 0.07 8.83 -3.20
CA GLN A 42 -0.67 9.35 -4.35
C GLN A 42 -1.87 8.44 -4.64
N PHE A 43 -3.01 9.03 -4.99
CA PHE A 43 -4.24 8.31 -5.37
C PHE A 43 -4.52 8.43 -6.88
N TYR A 44 -5.46 7.63 -7.39
CA TYR A 44 -5.80 7.52 -8.81
C TYR A 44 -6.23 8.84 -9.49
N ASP A 45 -6.72 9.83 -8.72
CA ASP A 45 -7.01 11.20 -9.21
C ASP A 45 -5.75 12.06 -9.48
N GLY A 46 -4.58 11.62 -9.00
CA GLY A 46 -3.29 12.34 -9.09
C GLY A 46 -2.93 13.15 -7.83
N VAL A 47 -3.89 13.36 -6.92
CA VAL A 47 -3.71 14.02 -5.61
C VAL A 47 -2.78 13.21 -4.68
N ILE A 48 -2.09 13.89 -3.76
CA ILE A 48 -1.09 13.31 -2.84
C ILE A 48 -1.27 13.89 -1.43
N ARG A 49 -1.34 13.02 -0.41
CA ARG A 49 -1.35 13.37 1.03
C ARG A 49 -0.63 12.30 1.87
N CYS A 50 -0.35 12.62 3.13
CA CYS A 50 0.09 11.64 4.13
C CYS A 50 -1.12 10.90 4.73
N LEU A 51 -0.96 9.62 5.05
CA LEU A 51 -1.93 8.77 5.76
C LEU A 51 -1.25 7.87 6.79
N LYS A 52 -2.02 7.44 7.78
CA LYS A 52 -1.60 6.48 8.82
C LYS A 52 -1.71 5.04 8.32
N ARG A 53 -0.93 4.13 8.91
CA ARG A 53 -1.04 2.68 8.72
C ARG A 53 -2.43 2.12 9.03
N MET A 54 -3.16 2.76 9.95
CA MET A 54 -4.58 2.49 10.27
C MET A 54 -5.53 2.66 9.07
N HIS A 55 -5.08 3.31 7.99
CA HIS A 55 -5.87 3.70 6.80
C HIS A 55 -5.20 3.29 5.48
N ILE A 56 -4.22 2.37 5.54
CA ILE A 56 -3.48 1.78 4.40
C ILE A 56 -3.44 0.25 4.58
N LYS A 57 -3.54 -0.47 3.48
CA LYS A 57 -3.55 -1.94 3.37
C LYS A 57 -2.68 -2.39 2.20
N ALA A 58 -2.08 -3.58 2.34
CA ALA A 58 -1.38 -4.24 1.25
C ALA A 58 -2.37 -4.72 0.16
N MET A 59 -1.88 -4.89 -1.07
CA MET A 59 -2.65 -5.50 -2.16
C MET A 59 -2.98 -6.98 -1.87
N PRO A 60 -4.15 -7.49 -2.30
CA PRO A 60 -4.54 -8.89 -2.12
C PRO A 60 -3.72 -9.87 -3.00
N GLU A 61 -3.87 -11.17 -2.73
CA GLU A 61 -3.14 -12.28 -3.37
C GLU A 61 -3.37 -12.38 -4.91
N ASP A 62 -4.42 -11.74 -5.43
CA ASP A 62 -4.85 -11.80 -6.84
C ASP A 62 -4.74 -10.45 -7.58
N ALA A 63 -4.05 -9.45 -7.00
CA ALA A 63 -3.79 -8.12 -7.57
C ALA A 63 -2.77 -8.09 -8.75
N LYS A 64 -2.80 -9.11 -9.62
CA LYS A 64 -1.86 -9.32 -10.74
C LYS A 64 -1.71 -8.10 -11.67
N GLY A 65 -0.47 -7.83 -12.08
CA GLY A 65 -0.09 -6.78 -13.03
C GLY A 65 1.34 -6.28 -12.78
N GLN A 66 2.07 -5.95 -13.86
CA GLN A 66 3.49 -5.54 -13.89
C GLN A 66 4.41 -6.29 -12.90
N ASP A 67 4.23 -7.61 -12.79
CA ASP A 67 4.88 -8.49 -11.83
C ASP A 67 6.31 -8.91 -12.27
N TRP A 68 7.27 -8.01 -12.13
CA TRP A 68 8.69 -8.19 -12.49
C TRP A 68 9.68 -7.99 -11.32
N ILE A 69 9.16 -7.98 -10.08
CA ILE A 69 9.92 -7.90 -8.82
C ILE A 69 9.87 -9.23 -8.05
N ALA A 70 10.71 -9.35 -7.02
CA ALA A 70 10.85 -10.53 -6.14
C ALA A 70 11.05 -11.88 -6.86
N LEU A 71 11.60 -11.85 -8.08
CA LEU A 71 11.85 -12.97 -9.00
C LEU A 71 13.03 -13.89 -8.61
N VAL A 72 13.32 -14.02 -7.32
CA VAL A 72 14.42 -14.85 -6.76
C VAL A 72 14.25 -16.35 -7.04
N LYS A 73 15.37 -17.09 -7.05
CA LYS A 73 15.45 -18.54 -7.35
C LYS A 73 16.53 -19.29 -6.54
N ALA A 74 17.06 -18.67 -5.48
CA ALA A 74 18.11 -19.18 -4.59
C ALA A 74 17.93 -18.70 -3.13
N GLY A 1 3.44 -15.80 18.86
CA GLY A 1 3.41 -14.53 18.13
C GLY A 1 1.99 -14.03 17.94
N SER A 2 1.78 -12.71 18.01
CA SER A 2 0.49 -12.03 17.78
C SER A 2 0.67 -10.58 17.30
N SER A 3 -0.40 -10.00 16.73
CA SER A 3 -0.44 -8.62 16.17
C SER A 3 0.68 -8.32 15.14
N GLY A 4 1.14 -9.35 14.41
CA GLY A 4 2.25 -9.24 13.45
C GLY A 4 1.88 -8.60 12.10
N SER A 5 2.89 -8.13 11.39
CA SER A 5 2.77 -7.54 10.04
C SER A 5 2.71 -8.61 8.93
N SER A 6 2.20 -8.25 7.75
CA SER A 6 2.25 -9.07 6.53
C SER A 6 3.66 -9.11 5.88
N GLY A 7 4.59 -8.27 6.34
CA GLY A 7 5.99 -8.20 5.89
C GLY A 7 6.82 -7.20 6.70
N PHE A 8 8.15 -7.21 6.52
CA PHE A 8 9.08 -6.39 7.32
C PHE A 8 8.83 -4.87 7.20
N ASP A 9 8.46 -4.40 6.00
CA ASP A 9 8.11 -3.01 5.71
C ASP A 9 7.36 -2.90 4.35
N PHE A 10 6.72 -1.76 4.10
CA PHE A 10 6.17 -1.39 2.79
C PHE A 10 7.29 -1.08 1.76
N LYS A 11 6.91 -0.79 0.51
CA LYS A 11 7.81 -0.59 -0.63
C LYS A 11 7.57 0.80 -1.26
N ALA A 12 8.63 1.59 -1.43
CA ALA A 12 8.55 2.89 -2.10
C ALA A 12 8.16 2.74 -3.59
N GLY A 13 7.24 3.57 -4.06
CA GLY A 13 6.67 3.56 -5.41
C GLY A 13 5.63 2.46 -5.68
N GLU A 14 5.44 1.52 -4.74
CA GLU A 14 4.57 0.34 -4.91
C GLU A 14 3.09 0.67 -4.73
N GLU A 15 2.23 -0.04 -5.48
CA GLU A 15 0.78 0.13 -5.47
C GLU A 15 0.13 -0.60 -4.28
N VAL A 16 -0.86 0.06 -3.65
CA VAL A 16 -1.51 -0.31 -2.39
C VAL A 16 -2.99 0.09 -2.40
N LEU A 17 -3.73 -0.30 -1.35
CA LEU A 17 -5.10 0.13 -1.09
C LEU A 17 -5.08 1.12 0.08
N ALA A 18 -5.82 2.23 0.00
CA ALA A 18 -5.86 3.23 1.05
C ALA A 18 -7.25 3.89 1.18
N ARG A 19 -7.64 4.25 2.41
CA ARG A 19 -8.92 4.92 2.69
C ARG A 19 -8.89 6.38 2.23
N TRP A 20 -9.99 6.89 1.69
CA TRP A 20 -10.04 8.26 1.14
C TRP A 20 -11.38 8.99 1.30
N THR A 21 -12.52 8.33 1.04
CA THR A 21 -13.86 8.97 0.98
C THR A 21 -14.97 8.17 1.70
N ASP A 22 -14.75 6.89 1.99
CA ASP A 22 -15.76 5.93 2.47
C ASP A 22 -15.14 4.89 3.42
N CYS A 23 -15.94 3.91 3.87
CA CYS A 23 -15.41 2.70 4.54
C CYS A 23 -14.62 1.81 3.55
N ARG A 24 -14.91 1.92 2.25
CA ARG A 24 -14.16 1.32 1.13
C ARG A 24 -12.77 1.95 0.97
N TYR A 25 -11.78 1.11 0.64
CA TYR A 25 -10.46 1.55 0.20
C TYR A 25 -10.48 1.92 -1.31
N TYR A 26 -9.46 2.64 -1.76
CA TYR A 26 -9.24 3.06 -3.14
C TYR A 26 -7.77 2.83 -3.56
N PRO A 27 -7.49 2.64 -4.86
CA PRO A 27 -6.13 2.35 -5.34
C PRO A 27 -5.23 3.60 -5.26
N ALA A 28 -4.02 3.39 -4.76
CA ALA A 28 -2.98 4.40 -4.61
C ALA A 28 -1.58 3.77 -4.71
N LYS A 29 -0.52 4.58 -4.64
CA LYS A 29 0.86 4.11 -4.48
C LYS A 29 1.59 4.92 -3.42
N ILE A 30 2.57 4.31 -2.75
CA ILE A 30 3.34 4.96 -1.68
C ILE A 30 4.44 5.84 -2.28
N GLU A 31 4.33 7.15 -2.08
CA GLU A 31 5.33 8.14 -2.52
C GLU A 31 6.52 8.25 -1.55
N ALA A 32 6.30 8.04 -0.25
CA ALA A 32 7.35 8.06 0.77
C ALA A 32 6.99 7.27 2.04
N ILE A 33 8.02 6.85 2.78
CA ILE A 33 7.94 6.02 4.00
C ILE A 33 8.78 6.69 5.10
N ASN A 34 8.22 6.80 6.32
CA ASN A 34 8.79 7.43 7.52
C ASN A 34 9.40 8.85 7.37
N LYS A 35 9.11 9.55 6.26
CA LYS A 35 9.70 10.86 5.91
C LYS A 35 9.41 11.96 6.93
N GLU A 36 8.18 11.98 7.45
CA GLU A 36 7.62 13.04 8.33
C GLU A 36 6.81 12.46 9.51
N GLY A 37 6.99 11.17 9.81
CA GLY A 37 6.27 10.44 10.88
C GLY A 37 5.04 9.66 10.39
N THR A 38 4.73 9.74 9.10
CA THR A 38 3.60 9.07 8.42
C THR A 38 3.98 8.66 6.99
N PHE A 39 3.22 7.73 6.42
CA PHE A 39 3.31 7.39 5.00
C PHE A 39 2.76 8.52 4.13
N THR A 40 3.31 8.69 2.93
CA THR A 40 2.80 9.62 1.91
C THR A 40 2.35 8.80 0.71
N VAL A 41 1.20 9.13 0.12
CA VAL A 41 0.56 8.34 -0.95
C VAL A 41 0.03 9.23 -2.08
N GLN A 42 -0.10 8.65 -3.27
CA GLN A 42 -0.72 9.25 -4.44
C GLN A 42 -1.84 8.35 -4.96
N PHE A 43 -3.07 8.84 -4.94
CA PHE A 43 -4.25 8.14 -5.46
C PHE A 43 -4.35 8.25 -6.99
N TYR A 44 -5.20 7.40 -7.60
CA TYR A 44 -5.51 7.41 -9.03
C TYR A 44 -5.99 8.78 -9.58
N ASP A 45 -6.59 9.62 -8.72
CA ASP A 45 -7.02 10.99 -9.04
C ASP A 45 -5.85 11.97 -9.26
N GLY A 46 -4.66 11.67 -8.74
CA GLY A 46 -3.44 12.48 -8.86
C GLY A 46 -3.08 13.29 -7.59
N VAL A 47 -4.02 13.41 -6.63
CA VAL A 47 -3.80 14.02 -5.31
C VAL A 47 -2.68 13.32 -4.52
N ILE A 48 -1.92 14.09 -3.74
CA ILE A 48 -0.80 13.60 -2.91
C ILE A 48 -0.96 14.15 -1.48
N ARG A 49 -1.29 13.27 -0.53
CA ARG A 49 -1.40 13.54 0.91
C ARG A 49 -0.80 12.40 1.75
N CYS A 50 -0.76 12.58 3.07
CA CYS A 50 -0.25 11.60 4.03
C CYS A 50 -1.39 10.90 4.79
N LEU A 51 -1.12 9.68 5.30
CA LEU A 51 -2.07 8.84 6.02
C LEU A 51 -1.40 8.02 7.14
N LYS A 52 -2.18 7.61 8.13
CA LYS A 52 -1.77 6.66 9.18
C LYS A 52 -1.70 5.23 8.60
N ARG A 53 -0.91 4.36 9.23
CA ARG A 53 -0.90 2.90 8.95
C ARG A 53 -2.26 2.21 9.12
N MET A 54 -3.14 2.80 9.94
CA MET A 54 -4.55 2.39 10.12
C MET A 54 -5.43 2.60 8.88
N HIS A 55 -4.95 3.32 7.87
CA HIS A 55 -5.71 3.73 6.67
C HIS A 55 -5.09 3.22 5.36
N ILE A 56 -4.12 2.28 5.43
CA ILE A 56 -3.42 1.67 4.29
C ILE A 56 -3.38 0.15 4.45
N LYS A 57 -3.51 -0.58 3.33
CA LYS A 57 -3.43 -2.04 3.21
C LYS A 57 -2.55 -2.44 2.02
N ALA A 58 -1.85 -3.56 2.16
CA ALA A 58 -1.05 -4.16 1.11
C ALA A 58 -1.96 -4.80 0.03
N MET A 59 -1.56 -4.69 -1.23
CA MET A 59 -2.26 -5.33 -2.36
C MET A 59 -2.16 -6.87 -2.25
N PRO A 60 -3.28 -7.62 -2.21
CA PRO A 60 -3.24 -9.08 -2.07
C PRO A 60 -2.76 -9.79 -3.35
N GLU A 61 -2.48 -11.09 -3.21
CA GLU A 61 -1.94 -12.00 -4.22
C GLU A 61 -2.74 -11.98 -5.53
N ASP A 62 -2.15 -11.35 -6.54
CA ASP A 62 -2.66 -11.19 -7.91
C ASP A 62 -4.10 -10.60 -7.96
N ALA A 63 -4.35 -9.57 -7.15
CA ALA A 63 -5.65 -8.90 -6.99
C ALA A 63 -6.33 -8.47 -8.30
N LYS A 64 -5.54 -8.05 -9.29
CA LYS A 64 -5.97 -7.65 -10.65
C LYS A 64 -4.82 -7.87 -11.65
N GLY A 65 -5.16 -8.12 -12.92
CA GLY A 65 -4.23 -8.18 -14.05
C GLY A 65 -3.73 -6.79 -14.49
N GLN A 66 -3.30 -6.69 -15.76
CA GLN A 66 -2.81 -5.46 -16.40
C GLN A 66 -1.53 -4.86 -15.76
N ASP A 67 -0.81 -5.64 -14.94
CA ASP A 67 0.41 -5.25 -14.22
C ASP A 67 1.31 -6.47 -13.96
N TRP A 68 2.63 -6.24 -13.84
CA TRP A 68 3.66 -7.28 -13.73
C TRP A 68 4.80 -6.98 -12.74
N ILE A 69 5.06 -5.72 -12.38
CA ILE A 69 6.24 -5.33 -11.58
C ILE A 69 6.23 -5.83 -10.12
N ALA A 70 5.07 -6.29 -9.64
CA ALA A 70 4.92 -6.95 -8.34
C ALA A 70 5.64 -8.32 -8.26
N LEU A 71 5.94 -8.95 -9.40
CA LEU A 71 6.64 -10.23 -9.53
C LEU A 71 8.17 -10.07 -9.37
N VAL A 72 8.61 -9.60 -8.20
CA VAL A 72 10.01 -9.25 -7.89
C VAL A 72 10.46 -9.80 -6.53
N LYS A 73 11.71 -10.26 -6.46
CA LYS A 73 12.35 -10.83 -5.26
C LYS A 73 12.61 -9.77 -4.17
N ALA A 74 12.60 -10.20 -2.91
CA ALA A 74 12.89 -9.38 -1.72
C ALA A 74 13.61 -10.21 -0.63
N GLY A 1 -10.51 -24.82 14.61
CA GLY A 1 -9.83 -23.51 14.68
C GLY A 1 -8.66 -23.43 13.70
N SER A 2 -8.32 -22.22 13.25
CA SER A 2 -7.20 -21.94 12.36
C SER A 2 -6.64 -20.52 12.59
N SER A 3 -5.32 -20.37 12.52
CA SER A 3 -4.57 -19.13 12.80
C SER A 3 -3.30 -19.02 11.95
N GLY A 4 -2.75 -17.81 11.85
CA GLY A 4 -1.48 -17.51 11.17
C GLY A 4 -1.04 -16.05 11.30
N SER A 5 0.20 -15.75 10.89
CA SER A 5 0.78 -14.40 10.91
C SER A 5 1.92 -14.27 9.88
N SER A 6 2.09 -13.06 9.33
CA SER A 6 3.12 -12.70 8.34
C SER A 6 3.56 -11.24 8.52
N GLY A 7 4.79 -10.94 8.08
CA GLY A 7 5.31 -9.56 8.02
C GLY A 7 4.95 -8.84 6.71
N PHE A 8 5.26 -7.54 6.65
CA PHE A 8 5.07 -6.67 5.48
C PHE A 8 6.28 -5.76 5.28
N ASP A 9 6.58 -5.43 4.02
CA ASP A 9 7.82 -4.76 3.59
C ASP A 9 7.54 -3.74 2.48
N PHE A 10 6.61 -2.82 2.77
CA PHE A 10 6.24 -1.68 1.92
C PHE A 10 7.47 -0.90 1.43
N LYS A 11 7.40 -0.39 0.18
CA LYS A 11 8.46 0.39 -0.47
C LYS A 11 7.91 1.51 -1.36
N ALA A 12 8.71 2.56 -1.57
CA ALA A 12 8.33 3.70 -2.41
C ALA A 12 8.13 3.28 -3.88
N GLY A 13 7.00 3.67 -4.47
CA GLY A 13 6.58 3.30 -5.83
C GLY A 13 5.64 2.09 -5.90
N GLU A 14 5.41 1.38 -4.80
CA GLU A 14 4.51 0.23 -4.73
C GLU A 14 3.02 0.63 -4.73
N GLU A 15 2.22 -0.03 -5.58
CA GLU A 15 0.76 0.11 -5.61
C GLU A 15 0.09 -0.70 -4.47
N VAL A 16 -0.88 -0.07 -3.81
CA VAL A 16 -1.55 -0.52 -2.56
C VAL A 16 -3.02 -0.07 -2.53
N LEU A 17 -3.73 -0.35 -1.43
CA LEU A 17 -5.06 0.22 -1.15
C LEU A 17 -4.95 1.19 0.04
N ALA A 18 -5.73 2.26 0.03
CA ALA A 18 -5.75 3.25 1.09
C ALA A 18 -7.14 3.87 1.31
N ARG A 19 -7.42 4.27 2.55
CA ARG A 19 -8.63 4.99 2.97
C ARG A 19 -8.53 6.48 2.65
N TRP A 20 -9.66 7.17 2.47
CA TRP A 20 -9.66 8.61 2.11
C TRP A 20 -10.72 9.47 2.84
N THR A 21 -11.98 9.03 2.89
CA THR A 21 -13.11 9.83 3.43
C THR A 21 -14.15 9.02 4.21
N ASP A 22 -14.33 7.74 3.88
CA ASP A 22 -15.36 6.83 4.43
C ASP A 22 -14.76 5.44 4.70
N CYS A 23 -15.58 4.43 4.99
CA CYS A 23 -15.15 3.03 5.11
C CYS A 23 -14.58 2.43 3.80
N ARG A 24 -14.81 3.07 2.65
CA ARG A 24 -14.27 2.71 1.33
C ARG A 24 -12.73 2.80 1.29
N TYR A 25 -12.12 1.89 0.54
CA TYR A 25 -10.69 1.92 0.19
C TYR A 25 -10.54 2.06 -1.33
N TYR A 26 -9.41 2.62 -1.78
CA TYR A 26 -9.17 3.00 -3.16
C TYR A 26 -7.73 2.64 -3.60
N PRO A 27 -7.48 2.39 -4.90
CA PRO A 27 -6.14 2.13 -5.41
C PRO A 27 -5.26 3.38 -5.29
N ALA A 28 -4.06 3.19 -4.74
CA ALA A 28 -3.09 4.24 -4.46
C ALA A 28 -1.65 3.72 -4.65
N LYS A 29 -0.67 4.60 -4.58
CA LYS A 29 0.77 4.29 -4.67
C LYS A 29 1.52 5.00 -3.55
N ILE A 30 2.39 4.27 -2.84
CA ILE A 30 3.20 4.84 -1.76
C ILE A 30 4.29 5.75 -2.35
N GLU A 31 4.30 7.03 -1.96
CA GLU A 31 5.30 8.02 -2.37
C GLU A 31 6.44 8.15 -1.35
N ALA A 32 6.15 7.97 -0.05
CA ALA A 32 7.13 7.97 1.04
C ALA A 32 6.65 7.19 2.27
N ILE A 33 7.59 6.80 3.14
CA ILE A 33 7.37 5.91 4.29
C ILE A 33 8.07 6.50 5.52
N ASN A 34 7.29 6.84 6.55
CA ASN A 34 7.71 7.47 7.82
C ASN A 34 8.59 8.75 7.69
N LYS A 35 8.65 9.37 6.50
CA LYS A 35 9.54 10.50 6.15
C LYS A 35 9.36 11.72 7.07
N GLU A 36 8.13 11.96 7.52
CA GLU A 36 7.74 13.05 8.43
C GLU A 36 6.90 12.51 9.61
N GLY A 37 7.17 11.25 10.02
CA GLY A 37 6.44 10.53 11.07
C GLY A 37 5.16 9.82 10.59
N THR A 38 4.87 9.87 9.29
CA THR A 38 3.70 9.29 8.61
C THR A 38 4.07 8.77 7.22
N PHE A 39 3.22 7.92 6.63
CA PHE A 39 3.29 7.52 5.23
C PHE A 39 2.76 8.65 4.33
N THR A 40 3.14 8.62 3.05
CA THR A 40 2.62 9.53 2.02
C THR A 40 2.20 8.71 0.80
N VAL A 41 1.02 8.99 0.24
CA VAL A 41 0.42 8.23 -0.86
C VAL A 41 -0.17 9.16 -1.93
N GLN A 42 -0.19 8.66 -3.17
CA GLN A 42 -0.79 9.31 -4.33
C GLN A 42 -1.91 8.43 -4.88
N PHE A 43 -3.06 9.03 -5.19
CA PHE A 43 -4.25 8.35 -5.71
C PHE A 43 -4.30 8.36 -7.24
N TYR A 44 -5.20 7.54 -7.82
CA TYR A 44 -5.48 7.46 -9.25
C TYR A 44 -5.82 8.81 -9.93
N ASP A 45 -6.40 9.75 -9.18
CA ASP A 45 -6.71 11.12 -9.64
C ASP A 45 -5.46 12.03 -9.78
N GLY A 46 -4.35 11.67 -9.14
CA GLY A 46 -3.08 12.41 -9.14
C GLY A 46 -2.79 13.17 -7.84
N VAL A 47 -3.80 13.38 -6.99
CA VAL A 47 -3.68 14.01 -5.66
C VAL A 47 -2.77 13.20 -4.71
N ILE A 48 -2.04 13.91 -3.83
CA ILE A 48 -1.09 13.34 -2.86
C ILE A 48 -1.43 13.84 -1.44
N ARG A 49 -1.49 12.93 -0.46
CA ARG A 49 -1.74 13.21 0.97
C ARG A 49 -0.92 12.28 1.87
N CYS A 50 -0.88 12.59 3.18
CA CYS A 50 -0.22 11.76 4.20
C CYS A 50 -1.24 11.03 5.09
N LEU A 51 -0.86 9.86 5.60
CA LEU A 51 -1.73 8.91 6.32
C LEU A 51 -0.98 8.12 7.40
N LYS A 52 -1.73 7.60 8.37
CA LYS A 52 -1.23 6.60 9.34
C LYS A 52 -1.15 5.23 8.67
N ARG A 53 -0.36 4.30 9.23
CA ARG A 53 -0.33 2.90 8.81
C ARG A 53 -1.71 2.22 8.91
N MET A 54 -2.52 2.61 9.90
CA MET A 54 -3.91 2.15 10.10
C MET A 54 -4.90 2.55 8.99
N HIS A 55 -4.44 3.29 7.96
CA HIS A 55 -5.24 3.77 6.83
C HIS A 55 -4.72 3.26 5.46
N ILE A 56 -3.75 2.34 5.46
CA ILE A 56 -3.12 1.76 4.27
C ILE A 56 -3.11 0.22 4.41
N LYS A 57 -3.38 -0.48 3.31
CA LYS A 57 -3.49 -1.95 3.25
C LYS A 57 -2.77 -2.49 2.01
N ALA A 58 -2.21 -3.67 2.13
CA ALA A 58 -1.69 -4.43 0.99
C ALA A 58 -2.84 -4.81 0.04
N MET A 59 -2.65 -4.63 -1.27
CA MET A 59 -3.62 -5.08 -2.27
C MET A 59 -3.69 -6.62 -2.28
N PRO A 60 -4.88 -7.24 -2.19
CA PRO A 60 -5.03 -8.70 -2.07
C PRO A 60 -4.67 -9.42 -3.37
N GLU A 61 -4.34 -10.71 -3.28
CA GLU A 61 -4.02 -11.57 -4.45
C GLU A 61 -5.20 -11.70 -5.45
N ASP A 62 -6.42 -11.40 -5.01
CA ASP A 62 -7.63 -11.32 -5.84
C ASP A 62 -7.68 -10.06 -6.75
N ALA A 63 -6.77 -9.10 -6.57
CA ALA A 63 -6.73 -7.82 -7.29
C ALA A 63 -5.33 -7.40 -7.78
N LYS A 64 -4.26 -7.73 -7.03
CA LYS A 64 -2.86 -7.57 -7.42
C LYS A 64 -2.56 -8.45 -8.65
N GLY A 65 -2.00 -7.86 -9.72
CA GLY A 65 -1.74 -8.52 -11.00
C GLY A 65 -0.94 -9.84 -10.88
N GLN A 66 -1.31 -10.83 -11.70
CA GLN A 66 -0.73 -12.17 -11.69
C GLN A 66 0.78 -12.15 -12.01
N ASP A 67 1.57 -12.82 -11.18
CA ASP A 67 3.05 -12.90 -11.23
C ASP A 67 3.87 -11.58 -11.26
N TRP A 68 3.24 -10.42 -10.98
CA TRP A 68 3.94 -9.13 -10.77
C TRP A 68 4.91 -9.13 -9.57
N ILE A 69 4.86 -10.18 -8.73
CA ILE A 69 5.81 -10.47 -7.64
C ILE A 69 7.26 -10.60 -8.14
N ALA A 70 7.48 -10.92 -9.43
CA ALA A 70 8.79 -11.03 -10.07
C ALA A 70 8.84 -10.27 -11.41
N LEU A 71 9.95 -9.58 -11.67
CA LEU A 71 10.16 -8.68 -12.80
C LEU A 71 11.66 -8.50 -13.12
N VAL A 72 11.95 -7.81 -14.24
CA VAL A 72 13.31 -7.53 -14.74
C VAL A 72 13.37 -6.16 -15.43
N LYS A 73 14.58 -5.61 -15.58
CA LYS A 73 14.85 -4.29 -16.21
C LYS A 73 16.17 -4.27 -17.00
N ALA A 74 16.34 -3.24 -17.84
CA ALA A 74 17.54 -3.00 -18.67
C ALA A 74 18.84 -2.86 -17.84
N GLY A 1 -9.91 -17.40 8.90
CA GLY A 1 -8.50 -17.03 8.63
C GLY A 1 -8.39 -16.16 7.39
N SER A 2 -7.37 -16.40 6.58
CA SER A 2 -7.04 -15.63 5.35
C SER A 2 -6.52 -16.55 4.23
N SER A 3 -6.49 -16.04 3.00
CA SER A 3 -5.98 -16.76 1.80
C SER A 3 -5.42 -15.80 0.73
N GLY A 4 -4.65 -16.36 -0.21
CA GLY A 4 -3.95 -15.64 -1.27
C GLY A 4 -2.65 -14.96 -0.82
N SER A 5 -1.79 -14.59 -1.78
CA SER A 5 -0.59 -13.77 -1.53
C SER A 5 -0.97 -12.31 -1.25
N SER A 6 -0.10 -11.57 -0.54
CA SER A 6 -0.29 -10.16 -0.17
C SER A 6 1.04 -9.41 -0.04
N GLY A 7 0.98 -8.08 -0.15
CA GLY A 7 2.11 -7.15 0.00
C GLY A 7 2.56 -6.95 1.46
N PHE A 8 3.19 -7.98 2.04
CA PHE A 8 3.77 -7.97 3.40
C PHE A 8 4.83 -6.87 3.63
N ASP A 9 5.43 -6.35 2.56
CA ASP A 9 6.45 -5.30 2.56
C ASP A 9 6.09 -4.15 1.60
N PHE A 10 6.46 -2.93 2.00
CA PHE A 10 6.23 -1.68 1.27
C PHE A 10 7.55 -0.99 0.91
N LYS A 11 7.54 -0.24 -0.20
CA LYS A 11 8.67 0.52 -0.76
C LYS A 11 8.14 1.68 -1.63
N ALA A 12 9.00 2.67 -1.91
CA ALA A 12 8.64 3.80 -2.77
C ALA A 12 8.20 3.32 -4.17
N GLY A 13 7.00 3.70 -4.60
CA GLY A 13 6.38 3.29 -5.86
C GLY A 13 5.48 2.04 -5.77
N GLU A 14 5.44 1.35 -4.61
CA GLU A 14 4.56 0.21 -4.39
C GLU A 14 3.08 0.60 -4.43
N GLU A 15 2.25 -0.19 -5.11
CA GLU A 15 0.80 0.00 -5.17
C GLU A 15 0.08 -0.67 -3.98
N VAL A 16 -0.91 0.03 -3.44
CA VAL A 16 -1.64 -0.31 -2.19
C VAL A 16 -3.07 0.20 -2.23
N LEU A 17 -3.90 -0.26 -1.30
CA LEU A 17 -5.22 0.32 -1.02
C LEU A 17 -5.09 1.33 0.12
N ALA A 18 -5.91 2.38 0.12
CA ALA A 18 -6.01 3.34 1.21
C ALA A 18 -7.43 3.89 1.35
N ARG A 19 -7.86 4.14 2.60
CA ARG A 19 -9.11 4.84 2.92
C ARG A 19 -8.96 6.34 2.62
N TRP A 20 -10.07 7.02 2.31
CA TRP A 20 -10.09 8.45 1.97
C TRP A 20 -11.17 9.22 2.76
N THR A 21 -11.57 10.40 2.28
CA THR A 21 -12.75 11.14 2.79
C THR A 21 -14.02 10.29 2.74
N ASP A 22 -14.15 9.46 1.70
CA ASP A 22 -15.15 8.39 1.60
C ASP A 22 -14.64 7.11 2.33
N CYS A 23 -15.52 6.43 3.06
CA CYS A 23 -15.20 5.25 3.85
C CYS A 23 -14.67 4.02 3.07
N ARG A 24 -14.91 3.90 1.76
CA ARG A 24 -14.32 2.85 0.91
C ARG A 24 -12.80 2.97 0.81
N TYR A 25 -12.15 1.85 0.46
CA TYR A 25 -10.73 1.83 0.08
C TYR A 25 -10.59 2.05 -1.44
N TYR A 26 -9.48 2.67 -1.85
CA TYR A 26 -9.18 3.06 -3.22
C TYR A 26 -7.71 2.79 -3.58
N PRO A 27 -7.37 2.56 -4.87
CA PRO A 27 -6.01 2.29 -5.31
C PRO A 27 -5.12 3.54 -5.25
N ALA A 28 -3.90 3.36 -4.74
CA ALA A 28 -2.90 4.41 -4.57
C ALA A 28 -1.47 3.83 -4.71
N LYS A 29 -0.47 4.71 -4.71
CA LYS A 29 0.96 4.36 -4.63
C LYS A 29 1.65 5.16 -3.52
N ILE A 30 2.56 4.49 -2.81
CA ILE A 30 3.36 5.10 -1.73
C ILE A 30 4.48 5.95 -2.34
N GLU A 31 4.56 7.22 -1.96
CA GLU A 31 5.64 8.13 -2.37
C GLU A 31 6.77 8.22 -1.32
N ALA A 32 6.46 8.05 -0.04
CA ALA A 32 7.45 8.09 1.04
C ALA A 32 7.05 7.26 2.28
N ILE A 33 8.08 6.81 3.00
CA ILE A 33 8.03 5.85 4.13
C ILE A 33 8.97 6.36 5.24
N ASN A 34 8.66 6.05 6.50
CA ASN A 34 9.43 6.45 7.69
C ASN A 34 9.72 7.97 7.76
N LYS A 35 8.68 8.78 7.48
CA LYS A 35 8.62 10.24 7.70
C LYS A 35 8.56 10.55 9.22
N GLU A 36 8.00 11.68 9.61
CA GLU A 36 7.81 12.07 11.03
C GLU A 36 6.95 11.07 11.85
N GLY A 37 6.21 10.18 11.19
CA GLY A 37 5.47 9.05 11.77
C GLY A 37 4.39 8.50 10.82
N THR A 38 3.84 9.40 10.00
CA THR A 38 2.90 9.15 8.89
C THR A 38 3.59 8.54 7.66
N PHE A 39 2.81 8.11 6.65
CA PHE A 39 3.28 7.74 5.30
C PHE A 39 2.72 8.76 4.29
N THR A 40 3.27 8.82 3.08
CA THR A 40 2.84 9.75 2.02
C THR A 40 2.43 8.96 0.77
N VAL A 41 1.28 9.30 0.19
CA VAL A 41 0.64 8.52 -0.90
C VAL A 41 0.05 9.42 -1.99
N GLN A 42 -0.10 8.86 -3.19
CA GLN A 42 -0.77 9.49 -4.33
C GLN A 42 -1.84 8.55 -4.91
N PHE A 43 -3.05 9.06 -5.08
CA PHE A 43 -4.20 8.32 -5.63
C PHE A 43 -4.18 8.29 -7.17
N TYR A 44 -4.95 7.35 -7.74
CA TYR A 44 -5.10 7.13 -9.18
C TYR A 44 -5.48 8.40 -9.99
N ASP A 45 -6.24 9.32 -9.41
CA ASP A 45 -6.66 10.58 -10.04
C ASP A 45 -5.59 11.69 -10.03
N GLY A 46 -4.56 11.57 -9.18
CA GLY A 46 -3.41 12.48 -9.11
C GLY A 46 -3.20 13.17 -7.75
N VAL A 47 -4.24 13.29 -6.91
CA VAL A 47 -4.16 13.95 -5.59
C VAL A 47 -3.15 13.27 -4.64
N ILE A 48 -2.51 14.07 -3.79
CA ILE A 48 -1.45 13.67 -2.85
C ILE A 48 -1.86 14.09 -1.42
N ARG A 49 -1.79 13.14 -0.48
CA ARG A 49 -2.01 13.33 0.97
C ARG A 49 -1.07 12.43 1.79
N CYS A 50 -1.10 12.60 3.11
CA CYS A 50 -0.43 11.71 4.06
C CYS A 50 -1.46 10.96 4.92
N LEU A 51 -1.18 9.69 5.20
CA LEU A 51 -2.02 8.75 5.97
C LEU A 51 -1.14 7.83 6.81
N LYS A 52 -1.61 7.43 8.01
CA LYS A 52 -0.93 6.41 8.82
C LYS A 52 -1.13 5.01 8.23
N ARG A 53 -0.26 4.06 8.62
CA ARG A 53 -0.43 2.61 8.35
C ARG A 53 -1.79 2.05 8.79
N MET A 54 -2.43 2.70 9.77
CA MET A 54 -3.78 2.42 10.27
C MET A 54 -4.90 2.63 9.21
N HIS A 55 -4.57 3.28 8.09
CA HIS A 55 -5.50 3.69 7.02
C HIS A 55 -5.06 3.24 5.62
N ILE A 56 -4.03 2.37 5.55
CA ILE A 56 -3.42 1.82 4.34
C ILE A 56 -3.42 0.29 4.46
N LYS A 57 -3.65 -0.42 3.35
CA LYS A 57 -3.75 -1.89 3.27
C LYS A 57 -2.95 -2.43 2.09
N ALA A 58 -2.42 -3.64 2.25
CA ALA A 58 -1.76 -4.38 1.18
C ALA A 58 -2.72 -4.65 0.01
N MET A 59 -2.19 -4.64 -1.21
CA MET A 59 -2.98 -4.85 -2.43
C MET A 59 -3.64 -6.25 -2.43
N PRO A 60 -4.95 -6.37 -2.72
CA PRO A 60 -5.70 -7.62 -2.56
C PRO A 60 -5.38 -8.68 -3.63
N GLU A 61 -5.91 -9.89 -3.43
CA GLU A 61 -5.74 -11.05 -4.34
C GLU A 61 -6.28 -10.84 -5.78
N ASP A 62 -7.15 -9.86 -6.00
CA ASP A 62 -7.64 -9.41 -7.31
C ASP A 62 -7.95 -7.90 -7.32
N ALA A 63 -7.47 -7.21 -8.36
CA ALA A 63 -7.69 -5.78 -8.63
C ALA A 63 -7.45 -5.42 -10.11
N LYS A 64 -6.42 -6.02 -10.72
CA LYS A 64 -6.04 -5.91 -12.14
C LYS A 64 -5.43 -7.25 -12.60
N GLY A 65 -5.73 -7.67 -13.83
CA GLY A 65 -5.29 -8.95 -14.40
C GLY A 65 -3.77 -9.10 -14.50
N GLN A 66 -3.19 -10.02 -13.73
CA GLN A 66 -1.74 -10.24 -13.60
C GLN A 66 -1.39 -11.68 -13.15
N ASP A 67 -0.10 -12.01 -13.21
CA ASP A 67 0.47 -13.32 -12.82
C ASP A 67 -0.14 -14.56 -13.52
N TRP A 68 -0.59 -14.39 -14.77
CA TRP A 68 -1.08 -15.46 -15.66
C TRP A 68 0.05 -16.36 -16.24
N ILE A 69 1.17 -16.48 -15.53
CA ILE A 69 2.43 -17.12 -15.96
C ILE A 69 2.79 -18.24 -14.98
N ALA A 70 3.13 -19.43 -15.51
CA ALA A 70 3.38 -20.66 -14.75
C ALA A 70 2.29 -20.99 -13.70
N LEU A 71 1.03 -20.64 -13.99
CA LEU A 71 -0.14 -20.82 -13.12
C LEU A 71 -0.46 -22.30 -12.80
N VAL A 72 -1.32 -22.51 -11.80
CA VAL A 72 -1.73 -23.85 -11.31
C VAL A 72 -2.47 -24.64 -12.41
N LYS A 73 -2.04 -25.89 -12.64
CA LYS A 73 -2.61 -26.81 -13.65
C LYS A 73 -4.10 -27.13 -13.44
N ALA A 74 -4.78 -27.53 -14.52
CA ALA A 74 -6.17 -28.00 -14.54
C ALA A 74 -6.40 -29.26 -13.66
N GLY A 1 5.56 -20.03 13.54
CA GLY A 1 4.54 -18.97 13.37
C GLY A 1 3.85 -19.10 12.03
N SER A 2 2.52 -19.26 12.03
CA SER A 2 1.70 -19.57 10.84
C SER A 2 1.69 -18.50 9.73
N SER A 3 1.94 -17.23 10.09
CA SER A 3 1.79 -16.07 9.19
C SER A 3 2.93 -15.03 9.27
N GLY A 4 3.85 -15.17 10.24
CA GLY A 4 4.93 -14.21 10.51
C GLY A 4 4.46 -12.87 11.12
N SER A 5 5.43 -12.04 11.52
CA SER A 5 5.21 -10.70 12.11
C SER A 5 6.46 -9.80 11.98
N SER A 6 7.14 -9.88 10.82
CA SER A 6 8.47 -9.27 10.58
C SER A 6 8.54 -7.74 10.80
N GLY A 7 7.44 -7.02 10.53
CA GLY A 7 7.29 -5.58 10.84
C GLY A 7 6.18 -4.89 10.04
N PHE A 8 5.80 -3.69 10.49
CA PHE A 8 4.91 -2.78 9.76
C PHE A 8 5.72 -1.92 8.76
N ASP A 9 5.91 -2.44 7.55
CA ASP A 9 6.75 -1.84 6.49
C ASP A 9 6.10 -1.99 5.12
N PHE A 10 6.53 -1.13 4.19
CA PHE A 10 6.04 -1.01 2.81
C PHE A 10 7.21 -0.79 1.82
N LYS A 11 6.88 -0.63 0.52
CA LYS A 11 7.82 -0.47 -0.59
C LYS A 11 7.58 0.87 -1.28
N ALA A 12 8.63 1.67 -1.45
CA ALA A 12 8.56 2.96 -2.13
C ALA A 12 8.20 2.79 -3.63
N GLY A 13 7.25 3.58 -4.13
CA GLY A 13 6.74 3.52 -5.50
C GLY A 13 5.76 2.37 -5.78
N GLU A 14 5.41 1.56 -4.77
CA GLU A 14 4.53 0.39 -4.91
C GLU A 14 3.05 0.76 -4.71
N GLU A 15 2.15 -0.03 -5.31
CA GLU A 15 0.70 0.15 -5.23
C GLU A 15 0.07 -0.60 -4.05
N VAL A 16 -0.92 0.02 -3.43
CA VAL A 16 -1.57 -0.37 -2.16
C VAL A 16 -3.07 -0.01 -2.17
N LEU A 17 -3.80 -0.41 -1.13
CA LEU A 17 -5.20 -0.04 -0.90
C LEU A 17 -5.28 0.90 0.30
N ALA A 18 -5.88 2.08 0.12
CA ALA A 18 -5.92 3.12 1.15
C ALA A 18 -7.26 3.89 1.17
N ARG A 19 -7.59 4.46 2.34
CA ARG A 19 -8.87 5.15 2.61
C ARG A 19 -8.80 6.64 2.24
N TRP A 20 -9.92 7.23 1.79
CA TRP A 20 -9.99 8.64 1.39
C TRP A 20 -11.29 9.38 1.72
N THR A 21 -12.45 8.69 1.74
CA THR A 21 -13.79 9.34 1.80
C THR A 21 -14.81 8.66 2.72
N ASP A 22 -14.72 7.34 2.92
CA ASP A 22 -15.72 6.48 3.59
C ASP A 22 -15.01 5.33 4.32
N CYS A 23 -15.75 4.31 4.78
CA CYS A 23 -15.18 3.05 5.30
C CYS A 23 -14.45 2.21 4.22
N ARG A 24 -14.67 2.52 2.93
CA ARG A 24 -14.04 1.88 1.76
C ARG A 24 -12.54 2.17 1.63
N TYR A 25 -11.88 1.40 0.77
CA TYR A 25 -10.48 1.57 0.37
C TYR A 25 -10.37 1.56 -1.17
N TYR A 26 -9.35 2.25 -1.70
CA TYR A 26 -9.17 2.53 -3.12
C TYR A 26 -7.68 2.37 -3.51
N PRO A 27 -7.36 2.10 -4.79
CA PRO A 27 -5.97 1.95 -5.24
C PRO A 27 -5.21 3.28 -5.14
N ALA A 28 -4.00 3.21 -4.57
CA ALA A 28 -3.07 4.32 -4.40
C ALA A 28 -1.61 3.82 -4.54
N LYS A 29 -0.65 4.75 -4.57
CA LYS A 29 0.79 4.51 -4.73
C LYS A 29 1.55 5.25 -3.63
N ILE A 30 2.44 4.54 -2.92
CA ILE A 30 3.26 5.12 -1.85
C ILE A 30 4.41 5.93 -2.47
N GLU A 31 4.47 7.23 -2.15
CA GLU A 31 5.46 8.17 -2.70
C GLU A 31 6.67 8.35 -1.77
N ALA A 32 6.49 8.17 -0.45
CA ALA A 32 7.54 8.20 0.56
C ALA A 32 7.11 7.46 1.85
N ILE A 33 8.10 7.00 2.62
CA ILE A 33 7.92 6.16 3.83
C ILE A 33 8.78 6.74 4.95
N ASN A 34 8.17 6.98 6.12
CA ASN A 34 8.87 7.41 7.33
C ASN A 34 8.12 6.97 8.61
N LYS A 35 8.74 6.08 9.40
CA LYS A 35 8.23 5.61 10.70
C LYS A 35 8.08 6.69 11.79
N GLU A 36 8.56 7.90 11.54
CA GLU A 36 8.36 9.10 12.39
C GLU A 36 6.87 9.39 12.68
N GLY A 37 5.95 9.02 11.78
CA GLY A 37 4.51 9.05 12.08
C GLY A 37 3.53 8.83 10.91
N THR A 38 3.92 9.05 9.66
CA THR A 38 2.98 9.08 8.51
C THR A 38 3.62 8.61 7.20
N PHE A 39 2.79 8.09 6.29
CA PHE A 39 3.19 7.54 4.97
C PHE A 39 2.58 8.39 3.86
N THR A 40 3.41 8.90 2.93
CA THR A 40 2.96 9.75 1.82
C THR A 40 2.40 8.89 0.69
N VAL A 41 1.22 9.25 0.16
CA VAL A 41 0.45 8.47 -0.82
C VAL A 41 -0.19 9.34 -1.89
N GLN A 42 -0.27 8.79 -3.10
CA GLN A 42 -0.84 9.40 -4.29
C GLN A 42 -1.94 8.50 -4.85
N PHE A 43 -3.17 9.02 -4.92
CA PHE A 43 -4.35 8.30 -5.43
C PHE A 43 -4.49 8.52 -6.95
N TYR A 44 -5.33 7.70 -7.60
CA TYR A 44 -5.53 7.69 -9.07
C TYR A 44 -6.01 9.03 -9.66
N ASP A 45 -6.57 9.94 -8.86
CA ASP A 45 -6.90 11.32 -9.26
C ASP A 45 -5.66 12.21 -9.49
N GLY A 46 -4.47 11.80 -9.03
CA GLY A 46 -3.19 12.51 -9.14
C GLY A 46 -2.80 13.32 -7.89
N VAL A 47 -3.75 13.55 -6.98
CA VAL A 47 -3.55 14.21 -5.68
C VAL A 47 -2.58 13.44 -4.77
N ILE A 48 -1.80 14.16 -3.95
CA ILE A 48 -0.84 13.60 -2.99
C ILE A 48 -1.11 14.19 -1.59
N ARG A 49 -1.29 13.30 -0.61
CA ARG A 49 -1.38 13.59 0.85
C ARG A 49 -0.63 12.50 1.63
N CYS A 50 -0.88 12.37 2.93
CA CYS A 50 -0.30 11.32 3.77
C CYS A 50 -1.33 10.73 4.75
N LEU A 51 -1.13 9.46 5.13
CA LEU A 51 -2.03 8.67 5.96
C LEU A 51 -1.28 7.82 6.99
N LYS A 52 -1.97 7.42 8.06
CA LYS A 52 -1.51 6.44 9.05
C LYS A 52 -1.51 5.03 8.47
N ARG A 53 -0.73 4.11 9.05
CA ARG A 53 -0.78 2.66 8.75
C ARG A 53 -2.15 2.01 9.08
N MET A 54 -2.95 2.67 9.91
CA MET A 54 -4.35 2.33 10.19
C MET A 54 -5.30 2.55 8.99
N HIS A 55 -4.83 3.25 7.95
CA HIS A 55 -5.62 3.70 6.78
C HIS A 55 -4.99 3.29 5.44
N ILE A 56 -3.96 2.44 5.47
CA ILE A 56 -3.28 1.83 4.32
C ILE A 56 -3.12 0.33 4.57
N LYS A 57 -3.39 -0.49 3.55
CA LYS A 57 -3.27 -1.96 3.56
C LYS A 57 -2.56 -2.44 2.29
N ALA A 58 -1.83 -3.54 2.41
CA ALA A 58 -1.17 -4.19 1.29
C ALA A 58 -2.21 -4.71 0.27
N MET A 59 -1.94 -4.53 -1.02
CA MET A 59 -2.79 -5.07 -2.09
C MET A 59 -2.77 -6.62 -2.07
N PRO A 60 -3.94 -7.30 -2.02
CA PRO A 60 -4.00 -8.75 -1.75
C PRO A 60 -3.54 -9.61 -2.94
N GLU A 61 -3.22 -10.88 -2.66
CA GLU A 61 -2.86 -11.89 -3.68
C GLU A 61 -3.99 -12.20 -4.69
N ASP A 62 -5.24 -11.89 -4.35
CA ASP A 62 -6.41 -11.99 -5.23
C ASP A 62 -6.46 -10.90 -6.32
N ALA A 63 -5.79 -9.76 -6.10
CA ALA A 63 -5.71 -8.64 -7.04
C ALA A 63 -4.65 -8.85 -8.14
N LYS A 64 -4.61 -7.93 -9.11
CA LYS A 64 -3.68 -7.89 -10.27
C LYS A 64 -2.23 -7.49 -9.89
N GLY A 65 -1.77 -7.83 -8.69
CA GLY A 65 -0.51 -7.35 -8.10
C GLY A 65 -0.11 -8.05 -6.80
N GLN A 66 -0.10 -9.39 -6.78
CA GLN A 66 0.37 -10.20 -5.64
C GLN A 66 1.83 -9.86 -5.21
N ASP A 67 2.15 -10.13 -3.94
CA ASP A 67 3.44 -9.79 -3.33
C ASP A 67 4.47 -10.95 -3.40
N TRP A 68 5.74 -10.62 -3.19
CA TRP A 68 6.91 -11.50 -3.11
C TRP A 68 6.98 -12.30 -1.79
N ILE A 69 5.90 -13.04 -1.46
CA ILE A 69 5.68 -13.76 -0.20
C ILE A 69 6.70 -14.87 0.16
N ALA A 70 7.63 -15.17 -0.74
CA ALA A 70 8.68 -16.19 -0.61
C ALA A 70 10.11 -15.65 -0.89
N LEU A 71 10.31 -14.32 -0.83
CA LEU A 71 11.61 -13.67 -1.03
C LEU A 71 12.72 -14.13 -0.05
N VAL A 72 13.98 -13.88 -0.43
CA VAL A 72 15.18 -14.24 0.35
C VAL A 72 15.27 -13.50 1.69
N LYS A 73 15.82 -14.17 2.72
CA LYS A 73 15.95 -13.65 4.09
C LYS A 73 17.31 -14.04 4.69
N ALA A 74 17.94 -13.09 5.40
CA ALA A 74 19.25 -13.21 6.06
C ALA A 74 19.36 -12.30 7.30
N GLY A 1 6.64 -23.37 14.40
CA GLY A 1 6.00 -22.31 13.59
C GLY A 1 6.34 -20.93 14.11
N SER A 2 5.34 -20.17 14.55
CA SER A 2 5.45 -18.82 15.15
C SER A 2 6.14 -17.75 14.27
N SER A 3 6.19 -17.97 12.95
CA SER A 3 6.72 -17.00 11.96
C SER A 3 5.77 -15.80 11.73
N GLY A 4 6.21 -14.83 10.94
CA GLY A 4 5.42 -13.65 10.54
C GLY A 4 6.09 -12.77 9.48
N SER A 5 7.42 -12.64 9.53
CA SER A 5 8.23 -11.92 8.53
C SER A 5 9.69 -12.40 8.54
N SER A 6 10.30 -12.49 7.35
CA SER A 6 11.69 -12.96 7.16
C SER A 6 12.47 -12.21 6.07
N GLY A 7 11.86 -11.21 5.40
CA GLY A 7 12.48 -10.45 4.31
C GLY A 7 11.51 -9.55 3.52
N PHE A 8 10.52 -8.96 4.20
CA PHE A 8 9.39 -8.24 3.58
C PHE A 8 9.05 -6.94 4.34
N ASP A 9 8.92 -5.84 3.60
CA ASP A 9 8.47 -4.52 4.07
C ASP A 9 7.97 -3.67 2.87
N PHE A 10 7.16 -2.65 3.15
CA PHE A 10 6.73 -1.66 2.16
C PHE A 10 7.92 -0.90 1.53
N LYS A 11 7.78 -0.47 0.27
CA LYS A 11 8.78 0.33 -0.47
C LYS A 11 8.14 1.48 -1.28
N ALA A 12 8.94 2.48 -1.64
CA ALA A 12 8.49 3.59 -2.48
C ALA A 12 8.08 3.14 -3.89
N GLY A 13 7.04 3.77 -4.45
CA GLY A 13 6.45 3.46 -5.76
C GLY A 13 5.46 2.28 -5.76
N GLU A 14 5.40 1.51 -4.67
CA GLU A 14 4.56 0.31 -4.54
C GLU A 14 3.06 0.63 -4.47
N GLU A 15 2.26 -0.08 -5.27
CA GLU A 15 0.80 0.06 -5.32
C GLU A 15 0.11 -0.64 -4.13
N VAL A 16 -0.93 0.00 -3.60
CA VAL A 16 -1.62 -0.32 -2.34
C VAL A 16 -3.10 0.08 -2.40
N LEU A 17 -3.88 -0.33 -1.39
CA LEU A 17 -5.23 0.16 -1.13
C LEU A 17 -5.18 1.16 0.03
N ALA A 18 -5.92 2.27 -0.05
CA ALA A 18 -5.97 3.26 1.03
C ALA A 18 -7.33 3.98 1.10
N ARG A 19 -7.65 4.50 2.30
CA ARG A 19 -8.93 5.17 2.61
C ARG A 19 -8.87 6.67 2.27
N TRP A 20 -10.01 7.28 1.91
CA TRP A 20 -10.06 8.72 1.56
C TRP A 20 -11.35 9.46 2.00
N THR A 21 -12.53 8.88 1.79
CA THR A 21 -13.83 9.60 1.98
C THR A 21 -14.95 8.73 2.59
N ASP A 22 -14.72 7.43 2.78
CA ASP A 22 -15.74 6.44 3.15
C ASP A 22 -15.09 5.21 3.85
N CYS A 23 -15.89 4.23 4.30
CA CYS A 23 -15.41 2.93 4.78
C CYS A 23 -14.63 2.15 3.70
N ARG A 24 -14.97 2.35 2.41
CA ARG A 24 -14.24 1.82 1.23
C ARG A 24 -12.76 2.22 1.19
N TYR A 25 -11.98 1.42 0.48
CA TYR A 25 -10.58 1.71 0.12
C TYR A 25 -10.43 1.75 -1.41
N TYR A 26 -9.42 2.47 -1.89
CA TYR A 26 -9.24 2.80 -3.31
C TYR A 26 -7.78 2.63 -3.74
N PRO A 27 -7.50 2.40 -5.03
CA PRO A 27 -6.14 2.18 -5.53
C PRO A 27 -5.27 3.45 -5.41
N ALA A 28 -4.08 3.26 -4.87
CA ALA A 28 -3.07 4.28 -4.62
C ALA A 28 -1.65 3.69 -4.72
N LYS A 29 -0.61 4.51 -4.53
CA LYS A 29 0.78 4.06 -4.35
C LYS A 29 1.53 4.89 -3.33
N ILE A 30 2.51 4.28 -2.67
CA ILE A 30 3.36 4.91 -1.65
C ILE A 30 4.37 5.85 -2.30
N GLU A 31 4.36 7.12 -1.92
CA GLU A 31 5.32 8.15 -2.35
C GLU A 31 6.49 8.29 -1.37
N ALA A 32 6.27 8.07 -0.07
CA ALA A 32 7.30 8.09 0.97
C ALA A 32 6.94 7.25 2.20
N ILE A 33 7.98 6.84 2.93
CA ILE A 33 7.92 5.98 4.14
C ILE A 33 8.80 6.60 5.22
N ASN A 34 8.27 6.74 6.43
CA ASN A 34 8.88 7.33 7.65
C ASN A 34 9.57 8.72 7.57
N LYS A 35 9.69 9.35 6.39
CA LYS A 35 10.32 10.68 6.18
C LYS A 35 9.66 11.83 6.96
N GLU A 36 8.41 11.65 7.41
CA GLU A 36 7.66 12.57 8.28
C GLU A 36 7.01 11.80 9.46
N GLY A 37 7.53 10.61 9.77
CA GLY A 37 6.97 9.61 10.70
C GLY A 37 5.76 8.88 10.10
N THR A 38 4.81 9.64 9.58
CA THR A 38 3.66 9.18 8.76
C THR A 38 4.12 8.73 7.36
N PHE A 39 3.31 7.90 6.70
CA PHE A 39 3.48 7.55 5.28
C PHE A 39 2.90 8.66 4.38
N THR A 40 3.32 8.70 3.11
CA THR A 40 2.76 9.59 2.08
C THR A 40 2.34 8.75 0.88
N VAL A 41 1.19 9.04 0.30
CA VAL A 41 0.57 8.26 -0.80
C VAL A 41 -0.06 9.15 -1.86
N GLN A 42 -0.13 8.64 -3.09
CA GLN A 42 -0.76 9.28 -4.25
C GLN A 42 -1.87 8.37 -4.79
N PHE A 43 -3.06 8.92 -5.00
CA PHE A 43 -4.27 8.21 -5.44
C PHE A 43 -4.45 8.27 -6.96
N TYR A 44 -5.39 7.47 -7.48
CA TYR A 44 -5.73 7.40 -8.92
C TYR A 44 -6.16 8.75 -9.55
N ASP A 45 -6.66 9.70 -8.76
CA ASP A 45 -6.96 11.08 -9.21
C ASP A 45 -5.70 11.95 -9.42
N GLY A 46 -4.52 11.51 -8.96
CA GLY A 46 -3.24 12.22 -9.05
C GLY A 46 -2.88 13.04 -7.79
N VAL A 47 -3.84 13.26 -6.90
CA VAL A 47 -3.67 13.95 -5.60
C VAL A 47 -2.77 13.17 -4.63
N ILE A 48 -2.03 13.89 -3.78
CA ILE A 48 -1.05 13.36 -2.82
C ILE A 48 -1.36 13.88 -1.40
N ARG A 49 -1.41 12.98 -0.41
CA ARG A 49 -1.59 13.29 1.03
C ARG A 49 -0.84 12.30 1.92
N CYS A 50 -0.64 12.67 3.18
CA CYS A 50 -0.15 11.78 4.24
C CYS A 50 -1.31 10.93 4.81
N LEU A 51 -1.03 9.68 5.18
CA LEU A 51 -1.98 8.77 5.86
C LEU A 51 -1.23 7.85 6.84
N LYS A 52 -1.87 7.54 7.98
CA LYS A 52 -1.38 6.53 8.92
C LYS A 52 -1.46 5.11 8.35
N ARG A 53 -0.68 4.19 8.90
CA ARG A 53 -0.78 2.74 8.63
C ARG A 53 -2.15 2.13 8.93
N MET A 54 -2.96 2.78 9.78
CA MET A 54 -4.37 2.46 10.04
C MET A 54 -5.30 2.68 8.83
N HIS A 55 -4.83 3.36 7.78
CA HIS A 55 -5.61 3.79 6.60
C HIS A 55 -4.97 3.37 5.27
N ILE A 56 -3.97 2.49 5.31
CA ILE A 56 -3.26 1.91 4.16
C ILE A 56 -3.18 0.39 4.34
N LYS A 57 -3.38 -0.36 3.25
CA LYS A 57 -3.39 -1.84 3.20
C LYS A 57 -2.62 -2.35 1.99
N ALA A 58 -1.97 -3.50 2.16
CA ALA A 58 -1.35 -4.25 1.06
C ALA A 58 -2.44 -4.81 0.12
N MET A 59 -2.11 -4.94 -1.17
CA MET A 59 -2.99 -5.58 -2.15
C MET A 59 -3.20 -7.08 -1.87
N PRO A 60 -4.40 -7.64 -2.15
CA PRO A 60 -4.68 -9.07 -1.98
C PRO A 60 -3.97 -9.94 -3.04
N GLU A 61 -3.94 -11.26 -2.81
CA GLU A 61 -3.22 -12.23 -3.65
C GLU A 61 -3.66 -12.24 -5.13
N ASP A 62 -4.93 -11.94 -5.41
CA ASP A 62 -5.49 -11.88 -6.77
C ASP A 62 -5.22 -10.56 -7.52
N ALA A 63 -4.82 -9.49 -6.83
CA ALA A 63 -4.54 -8.16 -7.39
C ALA A 63 -3.12 -8.04 -7.99
N LYS A 64 -2.72 -9.06 -8.78
CA LYS A 64 -1.43 -9.15 -9.48
C LYS A 64 -1.21 -8.01 -10.50
N GLY A 65 0.04 -7.77 -10.86
CA GLY A 65 0.43 -6.77 -11.88
C GLY A 65 1.94 -6.72 -12.17
N GLN A 66 2.78 -6.95 -11.15
CA GLN A 66 4.24 -7.08 -11.26
C GLN A 66 4.77 -8.14 -10.26
N ASP A 67 6.03 -8.53 -10.42
CA ASP A 67 6.78 -9.38 -9.48
C ASP A 67 8.25 -8.93 -9.37
N TRP A 68 8.74 -8.78 -8.13
CA TRP A 68 10.05 -8.19 -7.80
C TRP A 68 10.56 -8.80 -6.48
N ILE A 69 11.57 -9.66 -6.59
CA ILE A 69 12.20 -10.39 -5.47
C ILE A 69 13.73 -10.35 -5.62
N ALA A 70 14.43 -10.21 -4.49
CA ALA A 70 15.90 -10.16 -4.37
C ALA A 70 16.61 -9.11 -5.26
N LEU A 71 15.90 -8.06 -5.69
CA LEU A 71 16.39 -6.96 -6.53
C LEU A 71 17.30 -5.94 -5.80
N VAL A 72 17.53 -6.11 -4.49
CA VAL A 72 18.37 -5.23 -3.66
C VAL A 72 19.82 -5.14 -4.15
N LYS A 73 20.47 -3.99 -3.88
CA LYS A 73 21.87 -3.67 -4.21
C LYS A 73 22.26 -3.85 -5.71
N ALA A 74 21.28 -3.81 -6.62
CA ALA A 74 21.47 -3.83 -8.08
C ALA A 74 22.35 -2.66 -8.58
N GLY A 1 -3.07 -16.37 4.89
CA GLY A 1 -3.08 -15.15 4.05
C GLY A 1 -2.36 -15.41 2.73
N SER A 2 -1.20 -14.77 2.51
CA SER A 2 -0.32 -15.02 1.35
C SER A 2 0.17 -16.48 1.29
N SER A 3 0.46 -16.97 0.08
CA SER A 3 1.09 -18.27 -0.15
C SER A 3 2.57 -18.35 0.30
N GLY A 4 3.23 -17.20 0.51
CA GLY A 4 4.63 -17.10 0.91
C GLY A 4 5.23 -15.69 0.78
N SER A 5 6.56 -15.62 0.77
CA SER A 5 7.37 -14.39 0.58
C SER A 5 7.01 -13.25 1.56
N SER A 6 6.69 -13.59 2.81
CA SER A 6 6.36 -12.65 3.89
C SER A 6 7.48 -11.63 4.13
N GLY A 7 7.15 -10.33 4.08
CA GLY A 7 8.10 -9.21 4.21
C GLY A 7 7.65 -8.08 5.15
N PHE A 8 6.35 -8.02 5.49
CA PHE A 8 5.70 -7.17 6.50
C PHE A 8 6.04 -5.66 6.53
N ASP A 9 6.65 -5.10 5.49
CA ASP A 9 7.05 -3.69 5.39
C ASP A 9 7.02 -3.20 3.93
N PHE A 10 6.61 -1.95 3.73
CA PHE A 10 6.45 -1.32 2.42
C PHE A 10 7.75 -0.75 1.83
N LYS A 11 7.71 -0.35 0.56
CA LYS A 11 8.78 0.32 -0.19
C LYS A 11 8.22 1.46 -1.06
N ALA A 12 9.06 2.42 -1.43
CA ALA A 12 8.68 3.51 -2.34
C ALA A 12 8.26 2.96 -3.72
N GLY A 13 7.17 3.50 -4.28
CA GLY A 13 6.57 3.06 -5.54
C GLY A 13 5.66 1.82 -5.44
N GLU A 14 5.49 1.23 -4.25
CA GLU A 14 4.55 0.12 -4.03
C GLU A 14 3.09 0.58 -4.13
N GLU A 15 2.22 -0.26 -4.69
CA GLU A 15 0.77 0.00 -4.80
C GLU A 15 0.01 -0.56 -3.60
N VAL A 16 -1.06 0.15 -3.21
CA VAL A 16 -1.81 -0.07 -1.97
C VAL A 16 -3.29 0.30 -2.13
N LEU A 17 -4.12 -0.19 -1.21
CA LEU A 17 -5.52 0.17 -1.02
C LEU A 17 -5.60 1.06 0.23
N ALA A 18 -6.02 2.32 0.07
CA ALA A 18 -5.98 3.31 1.15
C ALA A 18 -7.30 4.10 1.26
N ARG A 19 -7.69 4.45 2.49
CA ARG A 19 -8.91 5.23 2.80
C ARG A 19 -8.73 6.71 2.43
N TRP A 20 -9.82 7.40 2.07
CA TRP A 20 -9.76 8.82 1.67
C TRP A 20 -10.82 9.73 2.28
N THR A 21 -12.08 9.30 2.41
CA THR A 21 -13.17 10.07 3.05
C THR A 21 -14.31 9.14 3.49
N ASP A 22 -14.81 8.27 2.60
CA ASP A 22 -15.83 7.27 2.89
C ASP A 22 -15.26 6.07 3.69
N CYS A 23 -16.12 5.19 4.19
CA CYS A 23 -15.79 3.90 4.83
C CYS A 23 -15.31 2.84 3.81
N ARG A 24 -14.45 3.24 2.87
CA ARG A 24 -13.97 2.49 1.70
C ARG A 24 -12.48 2.75 1.45
N TYR A 25 -11.86 1.87 0.67
CA TYR A 25 -10.44 1.95 0.29
C TYR A 25 -10.31 1.95 -1.23
N TYR A 26 -9.32 2.68 -1.75
CA TYR A 26 -9.15 2.96 -3.18
C TYR A 26 -7.68 2.78 -3.61
N PRO A 27 -7.41 2.48 -4.90
CA PRO A 27 -6.05 2.24 -5.38
C PRO A 27 -5.18 3.51 -5.32
N ALA A 28 -3.99 3.36 -4.75
CA ALA A 28 -2.99 4.40 -4.56
C ALA A 28 -1.56 3.82 -4.63
N LYS A 29 -0.54 4.68 -4.58
CA LYS A 29 0.89 4.32 -4.66
C LYS A 29 1.70 5.14 -3.66
N ILE A 30 2.58 4.47 -2.92
CA ILE A 30 3.43 5.09 -1.88
C ILE A 30 4.51 5.96 -2.51
N GLU A 31 4.51 7.26 -2.18
CA GLU A 31 5.49 8.25 -2.60
C GLU A 31 6.62 8.44 -1.57
N ALA A 32 6.32 8.26 -0.27
CA ALA A 32 7.30 8.33 0.82
C ALA A 32 6.87 7.55 2.08
N ILE A 33 7.83 7.25 2.95
CA ILE A 33 7.70 6.36 4.12
C ILE A 33 8.42 6.99 5.33
N ASN A 34 7.91 6.73 6.54
CA ASN A 34 8.46 7.10 7.86
C ASN A 34 8.57 8.62 8.15
N LYS A 35 8.06 9.50 7.28
CA LYS A 35 7.96 10.96 7.52
C LYS A 35 7.12 11.24 8.76
N GLU A 36 7.75 11.72 9.84
CA GLU A 36 7.17 11.87 11.20
C GLU A 36 6.24 10.71 11.63
N GLY A 37 6.66 9.46 11.36
CA GLY A 37 5.90 8.24 11.69
C GLY A 37 4.63 8.04 10.83
N THR A 38 4.66 8.51 9.58
CA THR A 38 3.54 8.57 8.63
C THR A 38 4.01 8.18 7.23
N PHE A 39 3.07 7.84 6.34
CA PHE A 39 3.31 7.52 4.93
C PHE A 39 2.71 8.63 4.04
N THR A 40 3.19 8.72 2.79
CA THR A 40 2.67 9.64 1.78
C THR A 40 2.27 8.85 0.54
N VAL A 41 1.10 9.12 -0.01
CA VAL A 41 0.47 8.31 -1.06
C VAL A 41 -0.21 9.17 -2.13
N GLN A 42 0.06 8.84 -3.39
CA GLN A 42 -0.63 9.39 -4.56
C GLN A 42 -1.81 8.47 -4.94
N PHE A 43 -3.01 9.02 -5.03
CA PHE A 43 -4.22 8.30 -5.44
C PHE A 43 -4.41 8.34 -6.97
N TYR A 44 -5.29 7.48 -7.49
CA TYR A 44 -5.58 7.34 -8.92
C TYR A 44 -6.00 8.65 -9.63
N ASP A 45 -6.58 9.60 -8.91
CA ASP A 45 -6.95 10.94 -9.41
C ASP A 45 -5.73 11.86 -9.67
N GLY A 46 -4.58 11.57 -9.07
CA GLY A 46 -3.32 12.33 -9.18
C GLY A 46 -2.97 13.14 -7.91
N VAL A 47 -3.94 13.36 -7.02
CA VAL A 47 -3.78 14.01 -5.71
C VAL A 47 -2.85 13.22 -4.78
N ILE A 48 -2.16 13.94 -3.87
CA ILE A 48 -1.17 13.38 -2.93
C ILE A 48 -1.43 13.95 -1.52
N ARG A 49 -1.55 13.07 -0.52
CA ARG A 49 -1.68 13.39 0.92
C ARG A 49 -0.95 12.35 1.78
N CYS A 50 -0.90 12.57 3.09
CA CYS A 50 -0.27 11.68 4.07
C CYS A 50 -1.31 10.92 4.91
N LEU A 51 -0.99 9.68 5.29
CA LEU A 51 -1.84 8.75 6.05
C LEU A 51 -1.01 7.85 6.97
N LYS A 52 -1.60 7.39 8.07
CA LYS A 52 -1.04 6.34 8.93
C LYS A 52 -1.25 4.94 8.33
N ARG A 53 -0.46 3.96 8.75
CA ARG A 53 -0.59 2.54 8.38
C ARG A 53 -1.96 1.94 8.75
N MET A 54 -2.62 2.49 9.77
CA MET A 54 -4.01 2.23 10.15
C MET A 54 -5.04 2.44 9.01
N HIS A 55 -4.66 3.18 7.96
CA HIS A 55 -5.53 3.61 6.85
C HIS A 55 -5.01 3.17 5.47
N ILE A 56 -4.01 2.26 5.44
CA ILE A 56 -3.34 1.75 4.24
C ILE A 56 -3.22 0.21 4.34
N LYS A 57 -3.51 -0.50 3.25
CA LYS A 57 -3.40 -1.96 3.13
C LYS A 57 -2.67 -2.35 1.85
N ALA A 58 -1.98 -3.49 1.86
CA ALA A 58 -1.29 -4.01 0.68
C ALA A 58 -2.27 -4.35 -0.47
N MET A 59 -1.79 -4.29 -1.71
CA MET A 59 -2.56 -4.68 -2.90
C MET A 59 -2.99 -6.16 -2.79
N PRO A 60 -4.29 -6.50 -2.92
CA PRO A 60 -4.77 -7.87 -2.77
C PRO A 60 -4.33 -8.78 -3.93
N GLU A 61 -4.20 -10.08 -3.67
CA GLU A 61 -3.85 -11.09 -4.68
C GLU A 61 -4.88 -11.19 -5.82
N ASP A 62 -6.14 -10.84 -5.53
CA ASP A 62 -7.26 -10.82 -6.48
C ASP A 62 -7.38 -9.51 -7.31
N ALA A 63 -6.46 -8.55 -7.14
CA ALA A 63 -6.45 -7.27 -7.88
C ALA A 63 -6.42 -7.48 -9.41
N LYS A 64 -7.22 -6.69 -10.14
CA LYS A 64 -7.30 -6.72 -11.61
C LYS A 64 -6.03 -6.16 -12.26
N GLY A 65 -5.59 -6.79 -13.36
CA GLY A 65 -4.42 -6.39 -14.16
C GLY A 65 -3.07 -6.86 -13.59
N GLN A 66 -2.03 -6.82 -14.43
CA GLN A 66 -0.65 -7.20 -14.11
C GLN A 66 0.37 -6.58 -15.09
N ASP A 67 1.66 -6.81 -14.85
CA ASP A 67 2.78 -6.39 -15.71
C ASP A 67 3.72 -7.59 -15.96
N TRP A 68 3.39 -8.39 -16.99
CA TRP A 68 4.09 -9.63 -17.35
C TRP A 68 5.61 -9.50 -17.53
N ILE A 69 6.11 -8.30 -17.85
CA ILE A 69 7.53 -7.98 -18.02
C ILE A 69 8.35 -8.27 -16.74
N ALA A 70 7.72 -8.20 -15.57
CA ALA A 70 8.33 -8.39 -14.25
C ALA A 70 8.37 -9.88 -13.76
N LEU A 71 8.26 -10.85 -14.68
CA LEU A 71 8.24 -12.28 -14.36
C LEU A 71 9.53 -12.80 -13.70
N VAL A 72 9.40 -13.84 -12.87
CA VAL A 72 10.50 -14.51 -12.13
C VAL A 72 10.20 -16.02 -12.06
N LYS A 73 11.24 -16.86 -12.07
CA LYS A 73 11.16 -18.34 -12.08
C LYS A 73 12.18 -18.98 -11.12
N ALA A 74 12.26 -18.43 -9.90
CA ALA A 74 13.20 -18.82 -8.83
C ALA A 74 12.56 -18.69 -7.44
N GLY A 1 4.33 -6.89 22.87
CA GLY A 1 3.69 -8.09 22.28
C GLY A 1 4.43 -8.56 21.03
N SER A 2 3.71 -9.23 20.13
CA SER A 2 4.21 -9.75 18.85
C SER A 2 3.10 -9.87 17.80
N SER A 3 3.47 -9.80 16.51
CA SER A 3 2.56 -10.06 15.38
C SER A 3 2.10 -11.54 15.29
N GLY A 4 2.89 -12.47 15.85
CA GLY A 4 2.64 -13.92 15.84
C GLY A 4 2.87 -14.60 14.48
N SER A 5 2.22 -14.10 13.43
CA SER A 5 2.45 -14.47 12.03
C SER A 5 3.73 -13.83 11.45
N SER A 6 4.10 -14.19 10.23
CA SER A 6 5.21 -13.59 9.47
C SER A 6 5.00 -12.07 9.27
N GLY A 7 6.10 -11.31 9.17
CA GLY A 7 6.10 -9.85 9.04
C GLY A 7 6.33 -9.35 7.60
N PHE A 8 5.90 -8.11 7.34
CA PHE A 8 5.94 -7.46 6.03
C PHE A 8 6.21 -5.95 6.16
N ASP A 9 6.71 -5.33 5.10
CA ASP A 9 6.98 -3.88 5.01
C ASP A 9 6.69 -3.35 3.60
N PHE A 10 6.07 -2.18 3.50
CA PHE A 10 5.87 -1.46 2.23
C PHE A 10 7.17 -0.81 1.72
N LYS A 11 7.16 -0.35 0.47
CA LYS A 11 8.24 0.43 -0.18
C LYS A 11 7.68 1.56 -1.07
N ALA A 12 8.51 2.56 -1.38
CA ALA A 12 8.14 3.64 -2.30
C ALA A 12 7.89 3.10 -3.74
N GLY A 13 6.89 3.66 -4.41
CA GLY A 13 6.45 3.27 -5.76
C GLY A 13 5.49 2.06 -5.80
N GLU A 14 5.34 1.32 -4.70
CA GLU A 14 4.48 0.14 -4.60
C GLU A 14 2.98 0.52 -4.54
N GLU A 15 2.14 -0.24 -5.24
CA GLU A 15 0.69 -0.09 -5.23
C GLU A 15 0.04 -0.77 -4.01
N VAL A 16 -0.99 -0.11 -3.48
CA VAL A 16 -1.67 -0.44 -2.20
C VAL A 16 -3.13 0.02 -2.23
N LEU A 17 -3.93 -0.43 -1.25
CA LEU A 17 -5.25 0.12 -0.97
C LEU A 17 -5.09 1.11 0.18
N ALA A 18 -5.63 2.32 0.04
CA ALA A 18 -5.49 3.40 1.01
C ALA A 18 -6.83 4.09 1.26
N ARG A 19 -7.16 4.31 2.55
CA ARG A 19 -8.33 5.07 2.99
C ARG A 19 -8.18 6.56 2.64
N TRP A 20 -9.30 7.30 2.63
CA TRP A 20 -9.34 8.73 2.33
C TRP A 20 -10.23 9.49 3.32
N THR A 21 -10.64 10.73 2.99
CA THR A 21 -11.65 11.48 3.78
C THR A 21 -13.02 10.78 3.80
N ASP A 22 -13.36 10.03 2.74
CA ASP A 22 -14.53 9.13 2.68
C ASP A 22 -14.26 7.79 3.39
N CYS A 23 -15.32 7.13 3.87
CA CYS A 23 -15.28 5.88 4.64
C CYS A 23 -14.92 4.60 3.83
N ARG A 24 -14.06 4.71 2.81
CA ARG A 24 -13.68 3.65 1.86
C ARG A 24 -12.17 3.66 1.58
N TYR A 25 -11.64 2.50 1.15
CA TYR A 25 -10.28 2.34 0.64
C TYR A 25 -10.28 2.34 -0.90
N TYR A 26 -9.19 2.84 -1.49
CA TYR A 26 -9.04 3.08 -2.93
C TYR A 26 -7.63 2.69 -3.41
N PRO A 27 -7.44 2.35 -4.71
CA PRO A 27 -6.12 2.05 -5.25
C PRO A 27 -5.22 3.31 -5.28
N ALA A 28 -4.02 3.17 -4.75
CA ALA A 28 -3.03 4.24 -4.60
C ALA A 28 -1.59 3.69 -4.69
N LYS A 29 -0.59 4.58 -4.67
CA LYS A 29 0.84 4.24 -4.59
C LYS A 29 1.54 5.08 -3.51
N ILE A 30 2.40 4.45 -2.71
CA ILE A 30 3.21 5.14 -1.69
C ILE A 30 4.35 5.91 -2.38
N GLU A 31 4.66 7.12 -1.89
CA GLU A 31 5.75 7.96 -2.39
C GLU A 31 6.85 8.21 -1.35
N ALA A 32 6.51 8.18 -0.05
CA ALA A 32 7.44 8.34 1.06
C ALA A 32 6.91 7.66 2.33
N ILE A 33 7.83 7.29 3.24
CA ILE A 33 7.56 6.47 4.42
C ILE A 33 8.30 7.09 5.63
N ASN A 34 7.67 7.12 6.80
CA ASN A 34 8.18 7.81 8.00
C ASN A 34 8.03 6.93 9.26
N LYS A 35 9.12 6.81 10.02
CA LYS A 35 9.34 5.88 11.15
C LYS A 35 8.15 5.75 12.11
N GLU A 36 7.40 4.66 11.97
CA GLU A 36 6.23 4.27 12.78
C GLU A 36 5.10 5.33 12.87
N GLY A 37 5.09 6.33 11.97
CA GLY A 37 4.23 7.51 12.07
C GLY A 37 3.29 7.73 10.89
N THR A 38 3.84 7.92 9.68
CA THR A 38 3.06 8.32 8.49
C THR A 38 3.59 7.74 7.18
N PHE A 39 2.73 7.78 6.15
CA PHE A 39 2.97 7.32 4.79
C PHE A 39 2.37 8.35 3.82
N THR A 40 3.18 8.86 2.89
CA THR A 40 2.71 9.76 1.81
C THR A 40 2.27 8.91 0.62
N VAL A 41 1.13 9.24 0.02
CA VAL A 41 0.51 8.47 -1.08
C VAL A 41 -0.02 9.37 -2.19
N GLN A 42 -0.13 8.80 -3.39
CA GLN A 42 -0.79 9.41 -4.55
C GLN A 42 -1.89 8.49 -5.08
N PHE A 43 -3.08 9.04 -5.31
CA PHE A 43 -4.26 8.34 -5.81
C PHE A 43 -4.32 8.37 -7.35
N TYR A 44 -5.19 7.55 -7.94
CA TYR A 44 -5.46 7.50 -9.38
C TYR A 44 -5.94 8.83 -9.99
N ASP A 45 -6.54 9.73 -9.20
CA ASP A 45 -6.89 11.11 -9.59
C ASP A 45 -5.67 12.05 -9.74
N GLY A 46 -4.49 11.65 -9.24
CA GLY A 46 -3.26 12.43 -9.24
C GLY A 46 -2.99 13.22 -7.95
N VAL A 47 -4.01 13.38 -7.09
CA VAL A 47 -3.93 14.04 -5.77
C VAL A 47 -2.95 13.33 -4.83
N ILE A 48 -2.28 14.11 -3.97
CA ILE A 48 -1.23 13.67 -3.04
C ILE A 48 -1.55 14.15 -1.62
N ARG A 49 -1.55 13.22 -0.65
CA ARG A 49 -1.72 13.46 0.80
C ARG A 49 -0.86 12.48 1.62
N CYS A 50 -0.89 12.60 2.94
CA CYS A 50 -0.28 11.64 3.87
C CYS A 50 -1.31 11.08 4.86
N LEU A 51 -1.04 9.86 5.33
CA LEU A 51 -1.94 9.01 6.11
C LEU A 51 -1.17 8.28 7.22
N LYS A 52 -1.90 7.72 8.20
CA LYS A 52 -1.32 6.80 9.20
C LYS A 52 -1.16 5.39 8.62
N ARG A 53 -0.29 4.58 9.24
CA ARG A 53 -0.08 3.16 8.89
C ARG A 53 -1.34 2.28 8.93
N MET A 54 -2.31 2.62 9.79
CA MET A 54 -3.61 1.93 9.88
C MET A 54 -4.53 2.19 8.68
N HIS A 55 -4.31 3.27 7.92
CA HIS A 55 -5.11 3.68 6.76
C HIS A 55 -4.68 3.01 5.45
N ILE A 56 -3.71 2.09 5.47
CA ILE A 56 -3.14 1.46 4.26
C ILE A 56 -3.08 -0.07 4.42
N LYS A 57 -3.38 -0.78 3.33
CA LYS A 57 -3.45 -2.25 3.21
C LYS A 57 -2.80 -2.72 1.91
N ALA A 58 -2.29 -3.94 1.90
CA ALA A 58 -1.85 -4.63 0.69
C ALA A 58 -3.06 -5.03 -0.20
N MET A 59 -2.79 -5.39 -1.46
CA MET A 59 -3.81 -5.98 -2.35
C MET A 59 -4.40 -7.29 -1.77
N PRO A 60 -5.69 -7.59 -2.03
CA PRO A 60 -6.35 -8.78 -1.49
C PRO A 60 -5.82 -10.11 -2.09
N GLU A 61 -6.13 -11.21 -1.42
CA GLU A 61 -5.68 -12.58 -1.76
C GLU A 61 -6.21 -13.11 -3.10
N ASP A 62 -7.16 -12.42 -3.73
CA ASP A 62 -7.87 -12.80 -4.96
C ASP A 62 -7.96 -11.64 -5.99
N ALA A 63 -6.99 -10.70 -5.95
CA ALA A 63 -6.85 -9.53 -6.82
C ALA A 63 -6.68 -9.86 -8.32
N LYS A 64 -7.76 -10.30 -8.99
CA LYS A 64 -7.81 -10.81 -10.38
C LYS A 64 -6.77 -11.92 -10.67
N GLY A 65 -6.40 -12.67 -9.63
CA GLY A 65 -5.31 -13.65 -9.61
C GLY A 65 -4.80 -13.92 -8.19
N GLN A 66 -3.65 -14.59 -8.09
CA GLN A 66 -2.92 -14.86 -6.85
C GLN A 66 -1.40 -14.82 -7.06
N ASP A 67 -0.62 -14.87 -5.97
CA ASP A 67 0.85 -14.83 -6.01
C ASP A 67 1.48 -15.70 -4.90
N TRP A 68 2.42 -16.56 -5.29
CA TRP A 68 3.08 -17.56 -4.43
C TRP A 68 4.57 -17.79 -4.78
N ILE A 69 5.20 -16.88 -5.54
CA ILE A 69 6.63 -17.01 -5.91
C ILE A 69 7.53 -17.14 -4.67
N ALA A 70 8.41 -18.13 -4.73
CA ALA A 70 9.34 -18.54 -3.66
C ALA A 70 8.73 -18.51 -2.22
N LEU A 71 7.54 -19.11 -2.06
CA LEU A 71 6.81 -19.19 -0.79
C LEU A 71 7.61 -19.85 0.35
N VAL A 72 7.16 -19.64 1.60
CA VAL A 72 7.86 -19.97 2.84
C VAL A 72 7.02 -20.85 3.78
N LYS A 73 7.61 -21.29 4.90
CA LYS A 73 7.01 -22.14 5.95
C LYS A 73 6.00 -21.37 6.84
N ALA A 74 5.00 -20.76 6.22
CA ALA A 74 3.89 -20.03 6.85
C ALA A 74 3.12 -20.87 7.91
N GLY A 1 20.83 -13.22 20.32
CA GLY A 1 20.14 -12.10 20.98
C GLY A 1 18.64 -12.13 20.71
N SER A 2 18.04 -10.97 20.43
CA SER A 2 16.61 -10.81 20.13
C SER A 2 16.22 -11.42 18.77
N SER A 3 15.68 -12.64 18.78
CA SER A 3 15.20 -13.41 17.60
C SER A 3 13.88 -12.88 17.01
N GLY A 4 13.78 -11.56 16.82
CA GLY A 4 12.59 -10.84 16.33
C GLY A 4 12.93 -9.58 15.53
N SER A 5 14.09 -9.58 14.86
CA SER A 5 14.65 -8.47 14.08
C SER A 5 13.99 -8.21 12.71
N SER A 6 12.91 -8.92 12.38
CA SER A 6 12.19 -8.85 11.09
C SER A 6 10.66 -8.95 11.23
N GLY A 7 9.94 -8.63 10.15
CA GLY A 7 8.48 -8.52 10.12
C GLY A 7 7.96 -8.17 8.72
N PHE A 8 7.04 -7.21 8.63
CA PHE A 8 6.44 -6.73 7.38
C PHE A 8 6.47 -5.19 7.29
N ASP A 9 6.78 -4.66 6.10
CA ASP A 9 6.80 -3.23 5.80
C ASP A 9 6.62 -2.98 4.29
N PHE A 10 6.17 -1.77 3.92
CA PHE A 10 6.05 -1.30 2.53
C PHE A 10 7.40 -0.78 1.98
N LYS A 11 7.41 -0.33 0.72
CA LYS A 11 8.53 0.32 0.01
C LYS A 11 8.07 1.58 -0.73
N ALA A 12 8.99 2.48 -1.06
CA ALA A 12 8.71 3.60 -1.96
C ALA A 12 8.31 3.07 -3.35
N GLY A 13 7.19 3.53 -3.89
CA GLY A 13 6.64 3.11 -5.19
C GLY A 13 5.73 1.87 -5.14
N GLU A 14 5.45 1.29 -3.97
CA GLU A 14 4.45 0.20 -3.86
C GLU A 14 3.05 0.69 -4.22
N GLU A 15 2.27 -0.13 -4.93
CA GLU A 15 0.87 0.13 -5.27
C GLU A 15 -0.03 -0.61 -4.27
N VAL A 16 -0.87 0.15 -3.57
CA VAL A 16 -1.62 -0.28 -2.37
C VAL A 16 -3.08 0.19 -2.41
N LEU A 17 -3.86 -0.24 -1.43
CA LEU A 17 -5.22 0.26 -1.17
C LEU A 17 -5.20 1.13 0.09
N ALA A 18 -5.95 2.23 0.12
CA ALA A 18 -6.01 3.10 1.30
C ALA A 18 -7.32 3.91 1.38
N ARG A 19 -7.68 4.32 2.61
CA ARG A 19 -8.86 5.18 2.89
C ARG A 19 -8.61 6.62 2.42
N TRP A 20 -9.68 7.35 2.07
CA TRP A 20 -9.59 8.75 1.65
C TRP A 20 -10.59 9.71 2.30
N THR A 21 -11.85 9.28 2.52
CA THR A 21 -12.91 10.14 3.09
C THR A 21 -14.06 9.37 3.74
N ASP A 22 -14.38 8.18 3.24
CA ASP A 22 -15.53 7.35 3.66
C ASP A 22 -15.13 5.91 4.00
N CYS A 23 -16.12 5.06 4.33
CA CYS A 23 -15.94 3.66 4.79
C CYS A 23 -15.52 2.66 3.67
N ARG A 24 -14.62 3.09 2.77
CA ARG A 24 -14.06 2.32 1.64
C ARG A 24 -12.56 2.57 1.49
N TYR A 25 -11.90 1.74 0.71
CA TYR A 25 -10.50 1.92 0.28
C TYR A 25 -10.43 2.04 -1.24
N TYR A 26 -9.39 2.72 -1.73
CA TYR A 26 -9.20 3.06 -3.14
C TYR A 26 -7.73 2.85 -3.56
N PRO A 27 -7.44 2.58 -4.85
CA PRO A 27 -6.08 2.34 -5.33
C PRO A 27 -5.20 3.60 -5.25
N ALA A 28 -3.97 3.41 -4.77
CA ALA A 28 -2.97 4.44 -4.56
C ALA A 28 -1.54 3.88 -4.74
N LYS A 29 -0.54 4.77 -4.66
CA LYS A 29 0.89 4.43 -4.68
C LYS A 29 1.63 5.22 -3.59
N ILE A 30 2.50 4.56 -2.84
CA ILE A 30 3.31 5.18 -1.77
C ILE A 30 4.42 6.04 -2.38
N GLU A 31 4.42 7.33 -2.08
CA GLU A 31 5.45 8.30 -2.50
C GLU A 31 6.67 8.30 -1.55
N ALA A 32 6.45 8.13 -0.24
CA ALA A 32 7.50 8.11 0.78
C ALA A 32 7.04 7.40 2.08
N ILE A 33 8.01 6.98 2.90
CA ILE A 33 7.82 6.21 4.14
C ILE A 33 8.68 6.79 5.25
N ASN A 34 8.07 7.04 6.42
CA ASN A 34 8.76 7.44 7.65
C ASN A 34 7.86 7.24 8.89
N LYS A 35 8.21 6.27 9.74
CA LYS A 35 7.57 6.02 11.06
C LYS A 35 7.64 7.25 12.00
N GLU A 36 8.62 8.12 11.79
CA GLU A 36 8.78 9.42 12.45
C GLU A 36 7.64 10.42 12.16
N GLY A 37 6.73 10.14 11.21
CA GLY A 37 5.55 10.95 10.93
C GLY A 37 4.42 10.17 10.23
N THR A 38 4.49 10.05 8.91
CA THR A 38 3.40 9.52 8.06
C THR A 38 3.90 8.92 6.75
N PHE A 39 3.09 8.06 6.14
CA PHE A 39 3.25 7.52 4.78
C PHE A 39 2.67 8.51 3.77
N THR A 40 3.50 9.15 2.94
CA THR A 40 3.04 9.99 1.83
C THR A 40 2.50 9.11 0.69
N VAL A 41 1.34 9.46 0.14
CA VAL A 41 0.58 8.63 -0.81
C VAL A 41 -0.06 9.47 -1.91
N GLN A 42 -0.05 8.95 -3.14
CA GLN A 42 -0.69 9.52 -4.32
C GLN A 42 -1.80 8.57 -4.80
N PHE A 43 -3.02 9.08 -4.93
CA PHE A 43 -4.21 8.30 -5.31
C PHE A 43 -4.44 8.33 -6.83
N TYR A 44 -5.33 7.45 -7.32
CA TYR A 44 -5.65 7.26 -8.75
C TYR A 44 -6.05 8.53 -9.51
N ASP A 45 -6.63 9.53 -8.84
CA ASP A 45 -7.00 10.83 -9.41
C ASP A 45 -5.78 11.75 -9.71
N GLY A 46 -4.62 11.47 -9.09
CA GLY A 46 -3.36 12.22 -9.23
C GLY A 46 -2.99 13.05 -8.00
N VAL A 47 -3.95 13.31 -7.12
CA VAL A 47 -3.79 14.04 -5.84
C VAL A 47 -2.85 13.31 -4.86
N ILE A 48 -2.12 14.08 -4.05
CA ILE A 48 -1.13 13.60 -3.07
C ILE A 48 -1.46 14.15 -1.67
N ARG A 49 -1.49 13.25 -0.67
CA ARG A 49 -1.66 13.52 0.77
C ARG A 49 -0.78 12.55 1.59
N CYS A 50 -1.03 12.42 2.89
CA CYS A 50 -0.35 11.45 3.75
C CYS A 50 -1.30 10.78 4.77
N LEU A 51 -0.91 9.59 5.24
CA LEU A 51 -1.71 8.70 6.08
C LEU A 51 -0.83 7.95 7.12
N LYS A 52 -1.49 7.24 8.03
CA LYS A 52 -0.87 6.26 8.95
C LYS A 52 -1.11 4.85 8.44
N ARG A 53 -0.29 3.88 8.85
CA ARG A 53 -0.42 2.45 8.47
C ARG A 53 -1.81 1.84 8.75
N MET A 54 -2.53 2.34 9.75
CA MET A 54 -3.90 1.94 10.10
C MET A 54 -4.95 2.27 9.02
N HIS A 55 -4.62 3.13 8.04
CA HIS A 55 -5.49 3.55 6.93
C HIS A 55 -5.08 2.96 5.56
N ILE A 56 -4.12 2.02 5.56
CA ILE A 56 -3.48 1.45 4.36
C ILE A 56 -3.54 -0.09 4.42
N LYS A 57 -3.69 -0.74 3.25
CA LYS A 57 -3.83 -2.19 3.05
C LYS A 57 -3.05 -2.64 1.81
N ALA A 58 -2.60 -3.89 1.85
CA ALA A 58 -2.01 -4.57 0.69
C ALA A 58 -3.07 -4.86 -0.39
N MET A 59 -2.63 -5.16 -1.61
CA MET A 59 -3.50 -5.62 -2.70
C MET A 59 -4.13 -7.01 -2.39
N PRO A 60 -5.35 -7.30 -2.90
CA PRO A 60 -6.06 -8.56 -2.67
C PRO A 60 -5.48 -9.74 -3.46
N GLU A 61 -6.03 -10.94 -3.23
CA GLU A 61 -5.69 -12.18 -3.97
C GLU A 61 -6.02 -12.12 -5.47
N ASP A 62 -6.80 -11.14 -5.93
CA ASP A 62 -7.07 -10.84 -7.34
C ASP A 62 -5.93 -10.02 -8.02
N ALA A 63 -4.95 -9.54 -7.24
CA ALA A 63 -3.91 -8.59 -7.63
C ALA A 63 -2.53 -9.00 -7.05
N LYS A 64 -2.19 -10.30 -7.20
CA LYS A 64 -1.01 -10.97 -6.62
C LYS A 64 0.36 -10.36 -6.95
N GLY A 65 0.47 -9.63 -8.06
CA GLY A 65 1.75 -9.07 -8.55
C GLY A 65 2.63 -10.09 -9.27
N GLN A 66 3.93 -9.77 -9.41
CA GLN A 66 4.93 -10.54 -10.16
C GLN A 66 6.23 -10.72 -9.36
N ASP A 67 6.14 -10.76 -8.02
CA ASP A 67 7.29 -10.85 -7.11
C ASP A 67 8.02 -12.21 -7.16
N TRP A 68 7.29 -13.31 -7.44
CA TRP A 68 7.80 -14.70 -7.55
C TRP A 68 8.85 -15.09 -6.49
N ILE A 69 8.59 -14.73 -5.23
CA ILE A 69 9.34 -15.16 -4.05
C ILE A 69 9.14 -16.66 -3.80
N ALA A 70 9.71 -17.20 -2.73
CA ALA A 70 9.51 -18.58 -2.27
C ALA A 70 8.02 -18.92 -2.14
N LEU A 71 7.57 -19.92 -2.92
CA LEU A 71 6.15 -20.25 -3.12
C LEU A 71 5.81 -21.74 -2.92
N VAL A 72 6.81 -22.57 -2.60
CA VAL A 72 6.65 -24.01 -2.29
C VAL A 72 6.13 -24.19 -0.85
N LYS A 73 5.30 -25.22 -0.63
CA LYS A 73 4.74 -25.61 0.69
C LYS A 73 4.56 -27.13 0.82
N ALA A 74 4.30 -27.60 2.05
CA ALA A 74 4.08 -29.00 2.42
C ALA A 74 3.08 -29.14 3.58
#